data_8OSK
#
_entry.id   8OSK
#
loop_
_entity.id
_entity.type
_entity.pdbx_description
1 polymer 'Histone H3.1'
2 polymer 'Histone H4'
3 polymer 'Histone H2A type 1-B/E'
4 polymer 'Histone H2B type 1-J'
5 polymer 'DNA (124-MER)'
6 polymer 'DNA (124-MER)'
7 polymer 'Circadian locomoter output cycles protein kaput'
8 polymer 'Basic helix-loop-helix ARNT-like protein 1'
#
loop_
_entity_poly.entity_id
_entity_poly.type
_entity_poly.pdbx_seq_one_letter_code
_entity_poly.pdbx_strand_id
1 'polypeptide(L)'
;GSHMARTKQTARKSTGGKAPRKQLATKAARKSAPATGGVKKPHRYRPGTVALREIRRYQKSTELLIRKLPFQRLVREIAQ
DFKTDLRFQSSAVMALQEACEAYLVGLFEDTNLCAIHAKRVTIMPKDIQLARRIRGERA
;
A,E
2 'polypeptide(L)'
;GSHMSGRGKGGKGLGKGGAKRHRKVLRDNIQGITKPAIRRLARRGGVKRISGLIYEETRGVLKVFLENVIRDAVTYTEHA
KRKTVTAMDVVYALKRQGRTLYGFGG
;
B,F
3 'polypeptide(L)'
;GSHMSGRGKQGGKARAKAKTRSSRAGLQFPVGRVHRLLRKGNYSERVGAGAPVYLAAVLEYLTAEILELAGNAARDNKKT
RIIPRHLQLAIRNDEELNKLLGRVTIAQGGVLPNIQAVLLPKKTESHHKAKGK
;
C,G
4 'polypeptide(L)'
;GSHMPEPAKSAPAPKKGSKKAVTKAQKKDGKKRKRSRKESYSIYVYKVLKQVHPDTGISSKAMGIMNSFVNDIFERIAGE
ASRLAHYNKRSTITSREIQTAVRLLLPGELAKHAVSEGTKAVTKYTSA
;
D,H
5 'polydeoxyribonucleotide'
;(DA)(DT)(DC)(DC)(DT)(DG)(DG)(DA)(DG)(DA)(DA)(DT)(DC)(DC)(DC)(DG)(DG)(DT)(DC)(DT)
(DG)(DC)(DA)(DG)(DG)(DC)(DC)(DG)(DC)(DT)(DC)(DA)(DA)(DT)(DT)(DG)(DG)(DT)(DC)(DG)
(DT)(DA)(DG)(DA)(DC)(DA)(DG)(DC)(DT)(DC)(DT)(DA)(DG)(DC)(DA)(DC)(DC)(DG)(DC)(DT)
(DT)(DA)(DA)(DA)(DC)(DG)(DC)(DA)(DC)(DG)(DT)(DA)(DC)(DG)(DC)(DG)(DC)(DT)(DG)(DT)
(DC)(DC)(DC)(DC)(DC)(DG)(DC)(DG)(DT)(DT)(DT)(DT)(DA)(DA)(DC)(DC)(DG)(DC)(DC)(DA)
(DA)(DG)(DG)(DG)(DG)(DA)(DT)(DT)(DA)(DC)(DT)(DC)(DC)(DC)(DT)(DA)(DG)(DT)(DC)(DT)
(DC)(DC)(DA)(DG)(DG)(DC)(DA)(DC)(DG)(DG)(DG)(DT)(DC)(DA)(DC)(DG)(DT)(DG)(DC)(DA)
(DT)(DA)(DC)(DA)(DT)(DC)(DC)(DT)(DG)(DT)(DG)(DA)(DT)
;
I
6 'polydeoxyribonucleotide'
;(DA)(DT)(DC)(DA)(DC)(DA)(DG)(DG)(DA)(DT)(DG)(DT)(DA)(DT)(DG)(DC)(DA)(DC)(DG)(DT)
(DG)(DA)(DC)(DC)(DC)(DG)(DT)(DG)(DC)(DC)(DT)(DG)(DG)(DA)(DG)(DA)(DC)(DT)(DA)(DG)
(DG)(DG)(DA)(DG)(DT)(DA)(DA)(DT)(DC)(DC)(DC)(DC)(DT)(DT)(DG)(DG)(DC)(DG)(DG)(DT)
(DT)(DA)(DA)(DA)(DA)(DC)(DG)(DC)(DG)(DG)(DG)(DG)(DG)(DA)(DC)(DA)(DG)(DC)(DG)(DC)
(DG)(DT)(DA)(DC)(DG)(DT)(DG)(DC)(DG)(DT)(DT)(DT)(DA)(DA)(DG)(DC)(DG)(DG)(DT)(DG)
(DC)(DT)(DA)(DG)(DA)(DG)(DC)(DT)(DG)(DT)(DC)(DT)(DA)(DC)(DG)(DA)(DC)(DC)(DA)(DA)
(DT)(DT)(DG)(DA)(DG)(DC)(DG)(DG)(DC)(DC)(DT)(DG)(DC)(DA)(DG)(DA)(DC)(DC)(DG)(DG)
(DG)(DA)(DT)(DT)(DC)(DT)(DC)(DC)(DA)(DG)(DG)(DA)(DT)
;
J
7 'polypeptide(L)'
;GAMNPVEEDDKDKAKRVSRNKSEKKRRDQFNVLIKELGSMLPGNARKMDKSTVLQKSIDFLRKHKETTAQSDASEIRQDW
KPTFLSNEEFTQLMLEALDGFFLAIMTDGSIIYVSESVTSLLEHLPSDLVDQSIFNFIPEGEHSEVYKILSTHLLESDSL
TPEYLKSKNQLEFCCHMLRGTIDPKEPSTYEYVRFIGNFKSLTSVSTSTHNGFEGTIQRTHRPSYEDRVCFVATVRLATP
QFIKEMCTVEEPNEEFTSRHSLEWKFLFLDHRAPPIIGYLPFEVLGTSGYDYYHVDDLENLAKCHEHLMQYGKGKSCYYR
FLTKGQQWIWLQTHYYITYHQWNSRPEFIVCTHTVVSYAEVRAERRRELGIEESL
;
M
8 'polypeptide(L)'
;GAMNPEYAEHQGRIKNAREAHSQIEKRRRDKMNSFIDELASLVPTCNAMSRKLDKLTVLRMAVQHMKTLRGATNPYTEAN
YKPTFLSDDELKHLILRAADGFLFVVGCDRGKILFVSESVFKILNYSQNDLIGQSLFDYLHPKDIAKVKEQLSSSDTAPR
ERLIDAKTGLPVKTDITPGPSRLCSGARRSFFCRMKCNRPSVKVEDKDFASTCSKKKDRKSFCTIHSTGYLKSWPPTKMG
LDEDNEPDNEGCNLSCLVAIGRLHSHMVPQPANGEIRVKSMEYVSRHAIDGKFVFVDQRATAILAYLPQELLGTSCYEYF
HQDDIGHLAECHRQVLQTREKITTNCYKFKIKDGSFITLRSRWFSFMNPWTKEVEYIVSTNTVV
;
N
#
loop_
_chem_comp.id
_chem_comp.type
_chem_comp.name
_chem_comp.formula
DA DNA linking 2'-DEOXYADENOSINE-5'-MONOPHOSPHATE 'C10 H14 N5 O6 P'
DC DNA linking 2'-DEOXYCYTIDINE-5'-MONOPHOSPHATE 'C9 H14 N3 O7 P'
DG DNA linking 2'-DEOXYGUANOSINE-5'-MONOPHOSPHATE 'C10 H14 N5 O7 P'
DT DNA linking THYMIDINE-5'-MONOPHOSPHATE 'C10 H15 N2 O8 P'
#
# COMPACT_ATOMS: atom_id res chain seq x y z
N ARG A 44 48.61 16.78 -15.38
CA ARG A 44 48.07 16.80 -14.03
C ARG A 44 46.58 17.10 -14.07
N TYR A 45 45.82 16.47 -13.20
CA TYR A 45 44.40 16.77 -13.10
C TYR A 45 44.21 18.16 -12.51
N ARG A 46 43.28 18.94 -13.07
CA ARG A 46 43.05 20.28 -12.57
C ARG A 46 42.35 20.21 -11.20
N PRO A 47 42.61 21.17 -10.32
CA PRO A 47 42.03 21.26 -8.99
C PRO A 47 40.51 21.17 -9.06
N GLY A 48 39.95 20.28 -8.25
CA GLY A 48 38.51 20.10 -8.15
C GLY A 48 38.00 18.93 -8.99
N THR A 49 38.76 18.52 -10.00
CA THR A 49 38.31 17.40 -10.82
C THR A 49 38.44 16.10 -10.03
N VAL A 50 39.45 16.05 -9.18
CA VAL A 50 39.66 14.90 -8.32
C VAL A 50 38.57 14.84 -7.27
N ALA A 51 38.26 15.99 -6.69
CA ALA A 51 37.26 16.07 -5.65
C ALA A 51 35.92 15.58 -6.16
N LEU A 52 35.59 15.93 -7.40
CA LEU A 52 34.32 15.48 -7.96
C LEU A 52 34.29 13.98 -8.11
N ARG A 53 35.39 13.40 -8.59
CA ARG A 53 35.46 11.95 -8.71
C ARG A 53 35.40 11.29 -7.35
N GLU A 54 36.07 11.88 -6.36
CA GLU A 54 36.03 11.34 -5.01
C GLU A 54 34.62 11.42 -4.42
N ILE A 55 33.96 12.55 -4.61
CA ILE A 55 32.61 12.69 -4.09
C ILE A 55 31.70 11.64 -4.68
N ARG A 56 31.76 11.49 -6.00
CA ARG A 56 30.91 10.51 -6.67
C ARG A 56 31.23 9.10 -6.22
N ARG A 57 32.51 8.79 -6.06
CA ARG A 57 32.92 7.47 -5.64
C ARG A 57 32.51 7.15 -4.21
N TYR A 58 32.71 8.10 -3.30
CA TYR A 58 32.40 7.86 -1.91
C TYR A 58 30.90 7.91 -1.64
N GLN A 59 30.18 8.72 -2.39
CA GLN A 59 28.72 8.71 -2.29
C GLN A 59 28.15 7.40 -2.79
N LYS A 60 28.77 6.85 -3.85
CA LYS A 60 28.33 5.60 -4.43
C LYS A 60 28.56 4.41 -3.50
N SER A 61 29.65 4.42 -2.75
CA SER A 61 29.98 3.31 -1.87
C SER A 61 29.23 3.36 -0.54
N THR A 62 29.28 2.25 0.21
CA THR A 62 28.60 2.15 1.50
C THR A 62 29.53 1.73 2.64
N GLU A 63 30.83 1.68 2.35
CA GLU A 63 31.82 1.19 3.30
C GLU A 63 32.12 2.21 4.39
N LEU A 64 32.58 1.73 5.54
CA LEU A 64 33.04 2.61 6.60
C LEU A 64 34.29 3.34 6.17
N LEU A 65 34.34 4.64 6.44
CA LEU A 65 35.50 5.43 6.05
C LEU A 65 36.51 5.59 7.18
N ILE A 66 36.05 5.53 8.43
CA ILE A 66 36.97 5.62 9.54
C ILE A 66 37.63 4.27 9.82
N ARG A 67 38.94 4.29 10.02
CA ARG A 67 39.69 3.06 10.28
C ARG A 67 39.18 2.41 11.56
N LYS A 68 38.86 1.13 11.48
CA LYS A 68 38.12 0.46 12.53
C LYS A 68 38.87 0.28 13.84
N LEU A 69 40.13 -0.14 13.79
CA LEU A 69 40.86 -0.34 15.03
C LEU A 69 41.11 0.97 15.79
N PRO A 70 41.58 2.04 15.15
CA PRO A 70 41.70 3.37 15.70
C PRO A 70 40.40 3.85 16.32
N PHE A 71 39.28 3.57 15.64
CA PHE A 71 37.99 3.94 16.18
C PHE A 71 37.70 3.18 17.46
N GLN A 72 37.93 1.87 17.44
CA GLN A 72 37.63 1.05 18.59
C GLN A 72 38.44 1.50 19.79
N ARG A 73 39.69 1.89 19.56
CA ARG A 73 40.52 2.41 20.64
C ARG A 73 39.97 3.74 21.16
N LEU A 74 39.51 4.58 20.25
CA LEU A 74 38.95 5.87 20.62
C LEU A 74 37.71 5.68 21.50
N VAL A 75 36.90 4.68 21.17
CA VAL A 75 35.73 4.37 21.98
C VAL A 75 36.14 4.00 23.38
N ARG A 76 37.13 3.13 23.50
CA ARG A 76 37.62 2.71 24.80
C ARG A 76 38.27 3.87 25.55
N GLU A 77 38.98 4.73 24.81
CA GLU A 77 39.64 5.89 25.40
C GLU A 77 38.64 6.81 26.07
N ILE A 78 37.46 6.93 25.49
CA ILE A 78 36.42 7.74 26.08
C ILE A 78 35.69 6.97 27.18
N ALA A 79 35.35 5.72 26.89
CA ALA A 79 34.55 4.92 27.79
C ALA A 79 35.22 4.73 29.15
N GLN A 80 36.56 4.64 29.13
CA GLN A 80 37.33 4.45 30.36
C GLN A 80 37.06 5.57 31.36
N ASP A 81 36.62 6.72 30.87
CA ASP A 81 36.35 7.86 31.72
C ASP A 81 35.11 7.64 32.57
N PHE A 82 34.17 6.85 32.06
CA PHE A 82 32.93 6.59 32.79
C PHE A 82 33.05 5.33 33.63
N LYS A 83 33.73 4.33 33.07
CA LYS A 83 33.97 3.09 33.77
C LYS A 83 35.19 2.38 33.21
N THR A 84 36.18 2.13 34.06
CA THR A 84 37.34 1.36 33.66
C THR A 84 37.03 -0.13 33.70
N ASP A 85 37.89 -0.93 33.08
CA ASP A 85 37.66 -2.37 33.01
C ASP A 85 36.29 -2.66 32.39
N LEU A 86 35.98 -1.95 31.32
CA LEU A 86 34.70 -2.10 30.63
C LEU A 86 34.90 -2.82 29.30
N ARG A 87 34.02 -3.78 29.01
CA ARG A 87 34.12 -4.58 27.80
C ARG A 87 33.05 -4.17 26.79
N PHE A 88 33.33 -4.41 25.51
CA PHE A 88 32.39 -4.07 24.44
C PHE A 88 32.15 -5.21 23.47
N GLN A 89 30.89 -5.34 23.02
CA GLN A 89 30.58 -6.18 21.88
C GLN A 89 31.09 -5.55 20.61
N SER A 90 31.62 -6.37 19.71
CA SER A 90 32.16 -5.87 18.45
C SER A 90 31.10 -5.16 17.63
N SER A 91 29.88 -5.66 17.70
CA SER A 91 28.76 -5.05 16.99
C SER A 91 28.43 -3.69 17.57
N ALA A 92 28.63 -3.53 18.88
CA ALA A 92 28.37 -2.25 19.52
C ALA A 92 29.31 -1.19 19.00
N VAL A 93 30.56 -1.58 18.77
CA VAL A 93 31.56 -0.64 18.27
C VAL A 93 31.22 -0.21 16.85
N MET A 94 30.81 -1.16 16.02
CA MET A 94 30.40 -0.84 14.67
C MET A 94 29.15 0.03 14.67
N ALA A 95 28.21 -0.27 15.56
CA ALA A 95 26.99 0.52 15.65
C ALA A 95 27.35 1.96 15.99
N LEU A 96 28.31 2.14 16.90
CA LEU A 96 28.76 3.48 17.23
C LEU A 96 29.40 4.15 16.03
N GLN A 97 30.25 3.42 15.31
CA GLN A 97 30.94 4.01 14.19
C GLN A 97 29.99 4.43 13.09
N GLU A 98 29.01 3.59 12.80
CA GLU A 98 28.07 3.91 11.74
C GLU A 98 27.26 5.14 12.09
N ALA A 99 26.83 5.23 13.34
CA ALA A 99 26.10 6.40 13.80
C ALA A 99 26.98 7.64 13.72
N CYS A 100 28.24 7.48 14.07
CA CYS A 100 29.18 8.60 14.05
C CYS A 100 29.45 9.11 12.65
N GLU A 101 29.71 8.19 11.73
CA GLU A 101 29.98 8.60 10.36
C GLU A 101 28.75 9.22 9.73
N ALA A 102 27.58 8.65 10.00
CA ALA A 102 26.34 9.21 9.49
C ALA A 102 26.12 10.61 10.04
N TYR A 103 26.38 10.78 11.33
CA TYR A 103 26.25 12.08 11.97
C TYR A 103 27.16 13.11 11.33
N LEU A 104 28.43 12.74 11.16
CA LEU A 104 29.39 13.68 10.59
C LEU A 104 29.05 14.03 9.15
N VAL A 105 28.61 13.04 8.39
CA VAL A 105 28.25 13.28 7.01
C VAL A 105 27.08 14.26 6.91
N GLY A 106 26.09 14.09 7.76
CA GLY A 106 24.97 15.00 7.81
C GLY A 106 25.44 16.40 8.17
N LEU A 107 26.31 16.49 9.16
CA LEU A 107 26.88 17.76 9.57
C LEU A 107 27.67 18.41 8.43
N PHE A 108 28.44 17.59 7.70
CA PHE A 108 29.22 18.10 6.59
C PHE A 108 28.33 18.65 5.48
N GLU A 109 27.24 17.95 5.19
CA GLU A 109 26.34 18.41 4.14
C GLU A 109 25.74 19.76 4.50
N ASP A 110 25.32 19.92 5.76
CA ASP A 110 24.81 21.20 6.23
C ASP A 110 25.90 22.26 6.24
N THR A 111 27.10 21.84 6.62
CA THR A 111 28.25 22.73 6.64
C THR A 111 28.54 23.23 5.23
N ASN A 112 28.42 22.34 4.27
CA ASN A 112 28.68 22.68 2.88
C ASN A 112 27.67 23.72 2.40
N LEU A 113 26.41 23.54 2.80
CA LEU A 113 25.38 24.51 2.44
C LEU A 113 25.67 25.87 3.04
N CYS A 114 26.18 25.88 4.26
CA CYS A 114 26.50 27.13 4.93
C CYS A 114 27.60 27.88 4.19
N ALA A 115 28.63 27.16 3.78
CA ALA A 115 29.73 27.78 3.04
C ALA A 115 29.23 28.31 1.71
N ILE A 116 28.36 27.55 1.05
CA ILE A 116 27.78 27.96 -0.21
C ILE A 116 26.91 29.19 -0.04
N HIS A 117 26.15 29.22 1.04
CA HIS A 117 25.30 30.35 1.37
C HIS A 117 26.14 31.61 1.52
N ALA A 118 27.33 31.45 2.05
CA ALA A 118 28.31 32.52 2.22
C ALA A 118 29.03 32.82 0.91
N LYS A 119 28.67 32.11 -0.15
CA LYS A 119 29.34 32.18 -1.44
C LYS A 119 30.79 31.75 -1.33
N ARG A 120 31.00 30.64 -0.64
CA ARG A 120 32.31 30.02 -0.49
C ARG A 120 32.24 28.53 -0.81
N VAL A 121 33.38 27.94 -1.14
CA VAL A 121 33.46 26.52 -1.41
C VAL A 121 34.17 25.81 -0.28
N THR A 122 35.24 26.43 0.21
CA THR A 122 35.99 25.88 1.33
C THR A 122 35.16 25.94 2.58
N ILE A 123 35.05 24.83 3.29
CA ILE A 123 34.34 24.84 4.56
C ILE A 123 35.26 25.26 5.71
N MET A 124 34.74 26.13 6.57
CA MET A 124 35.48 26.61 7.74
C MET A 124 34.78 26.12 9.01
N PRO A 125 35.50 26.04 10.14
CA PRO A 125 34.99 25.68 11.45
C PRO A 125 33.81 26.58 11.81
N LYS A 126 33.85 27.82 11.34
CA LYS A 126 32.77 28.76 11.55
C LYS A 126 31.48 28.24 10.94
N ASP A 127 31.60 27.58 9.78
CA ASP A 127 30.45 27.05 9.07
C ASP A 127 29.89 25.86 9.84
N ILE A 128 30.79 25.06 10.40
CA ILE A 128 30.37 23.92 11.20
C ILE A 128 29.66 24.40 12.45
N GLN A 129 30.23 25.38 13.11
CA GLN A 129 29.68 25.90 14.34
C GLN A 129 28.30 26.49 14.11
N LEU A 130 28.11 27.19 13.00
CA LEU A 130 26.80 27.72 12.68
C LEU A 130 25.78 26.61 12.54
N ALA A 131 26.13 25.57 11.78
CA ALA A 131 25.21 24.47 11.56
C ALA A 131 24.84 23.79 12.88
N ARG A 132 25.83 23.60 13.74
CA ARG A 132 25.58 22.98 15.03
C ARG A 132 24.71 23.85 15.91
N ARG A 133 24.93 25.16 15.84
CA ARG A 133 24.11 26.12 16.57
C ARG A 133 22.67 26.13 16.07
N ILE A 134 22.49 26.08 14.76
CA ILE A 134 21.15 26.11 14.19
C ILE A 134 20.36 24.86 14.56
N ARG A 135 21.03 23.71 14.61
CA ARG A 135 20.37 22.47 14.97
C ARG A 135 20.21 22.32 16.49
N GLY A 136 20.70 23.30 17.24
CA GLY A 136 20.56 23.30 18.68
C GLY A 136 21.41 22.25 19.39
N GLU A 137 22.62 22.00 18.88
CA GLU A 137 23.52 21.00 19.44
C GLU A 137 24.28 21.56 20.65
N LEU B 26 44.35 4.75 28.10
CA LEU B 26 44.40 5.01 26.67
C LEU B 26 44.39 6.52 26.38
N ARG B 27 45.33 6.98 25.55
CA ARG B 27 45.44 8.39 25.18
C ARG B 27 45.73 8.59 23.70
N ASP B 28 45.34 9.76 23.19
CA ASP B 28 45.72 10.23 21.86
C ASP B 28 45.17 9.38 20.72
N ASN B 29 44.17 8.55 21.01
CA ASN B 29 43.55 7.72 19.99
C ASN B 29 42.66 8.57 19.09
N ILE B 30 42.41 9.80 19.51
CA ILE B 30 41.71 10.77 18.68
C ILE B 30 42.51 11.09 17.43
N GLN B 31 43.81 10.92 17.51
CA GLN B 31 44.69 11.12 16.37
C GLN B 31 44.47 10.01 15.35
N GLY B 32 43.81 8.95 15.78
CA GLY B 32 43.49 7.82 14.92
C GLY B 32 42.52 8.22 13.82
N ILE B 33 41.86 9.35 14.00
CA ILE B 33 41.00 9.88 12.96
C ILE B 33 41.84 10.77 12.06
N THR B 34 42.30 10.20 10.96
CA THR B 34 43.31 10.82 10.10
C THR B 34 42.71 11.90 9.22
N LYS B 35 43.56 12.76 8.69
CA LYS B 35 43.10 13.81 7.78
C LYS B 35 42.40 13.25 6.55
N PRO B 36 42.95 12.22 5.86
CA PRO B 36 42.32 11.48 4.78
C PRO B 36 40.97 10.90 5.18
N ALA B 37 40.86 10.40 6.41
CA ALA B 37 39.59 9.84 6.85
C ALA B 37 38.54 10.93 6.91
N ILE B 38 38.96 12.11 7.36
CA ILE B 38 38.09 13.25 7.42
C ILE B 38 37.75 13.76 6.03
N ARG B 39 38.74 13.80 5.16
CA ARG B 39 38.51 14.20 3.78
C ARG B 39 37.46 13.32 3.14
N ARG B 40 37.61 12.02 3.32
CA ARG B 40 36.71 11.06 2.70
C ARG B 40 35.29 11.16 3.26
N LEU B 41 35.17 11.38 4.56
CA LEU B 41 33.86 11.60 5.16
C LEU B 41 33.22 12.86 4.61
N ALA B 42 34.02 13.90 4.49
CA ALA B 42 33.54 15.17 3.97
C ALA B 42 33.10 15.02 2.52
N ARG B 43 33.82 14.20 1.76
CA ARG B 43 33.46 13.92 0.37
C ARG B 43 32.12 13.22 0.28
N ARG B 44 31.87 12.27 1.18
CA ARG B 44 30.59 11.60 1.23
C ARG B 44 29.48 12.61 1.52
N GLY B 45 29.83 13.68 2.24
CA GLY B 45 28.89 14.76 2.53
C GLY B 45 28.83 15.79 1.40
N GLY B 46 29.56 15.52 0.32
CA GLY B 46 29.53 16.40 -0.86
C GLY B 46 30.47 17.60 -0.74
N VAL B 47 31.39 17.56 0.21
CA VAL B 47 32.32 18.67 0.39
C VAL B 47 33.45 18.61 -0.63
N LYS B 48 33.65 19.70 -1.36
CA LYS B 48 34.67 19.78 -2.38
C LYS B 48 36.00 20.30 -1.85
N ARG B 49 35.95 21.23 -0.90
CA ARG B 49 37.17 21.86 -0.41
C ARG B 49 37.14 22.06 1.11
N ILE B 50 38.27 21.77 1.75
CA ILE B 50 38.33 21.75 3.22
C ILE B 50 39.45 22.65 3.77
N SER B 51 39.12 23.54 4.71
CA SER B 51 40.17 24.32 5.37
C SER B 51 40.89 23.49 6.42
N GLY B 52 42.13 23.84 6.71
CA GLY B 52 42.98 23.06 7.60
C GLY B 52 42.42 22.94 9.02
N LEU B 53 41.74 23.98 9.48
CA LEU B 53 41.20 24.00 10.83
C LEU B 53 40.12 22.95 11.03
N ILE B 54 39.54 22.50 9.92
CA ILE B 54 38.44 21.54 9.96
C ILE B 54 38.84 20.22 10.60
N TYR B 55 40.07 19.79 10.37
CA TYR B 55 40.46 18.47 10.80
C TYR B 55 40.43 18.34 12.31
N GLU B 56 40.93 19.36 13.01
CA GLU B 56 40.86 19.36 14.46
C GLU B 56 39.44 19.64 14.95
N GLU B 57 38.74 20.52 14.25
CA GLU B 57 37.37 20.85 14.60
C GLU B 57 36.50 19.59 14.53
N THR B 58 36.72 18.80 13.48
CA THR B 58 35.95 17.59 13.26
C THR B 58 36.21 16.59 14.38
N ARG B 59 37.47 16.47 14.77
CA ARG B 59 37.84 15.58 15.86
C ARG B 59 37.17 16.00 17.15
N GLY B 60 37.14 17.30 17.41
CA GLY B 60 36.49 17.83 18.60
C GLY B 60 35.01 17.48 18.61
N VAL B 61 34.33 17.75 17.50
CA VAL B 61 32.90 17.50 17.41
C VAL B 61 32.59 16.01 17.53
N LEU B 62 33.38 15.18 16.87
CA LEU B 62 33.18 13.74 16.95
C LEU B 62 33.35 13.25 18.37
N LYS B 63 34.39 13.74 19.05
CA LYS B 63 34.64 13.32 20.41
C LYS B 63 33.42 13.57 21.27
N VAL B 64 32.83 14.75 21.12
CA VAL B 64 31.64 15.10 21.89
C VAL B 64 30.46 14.20 21.54
N PHE B 65 30.19 14.05 20.25
CA PHE B 65 29.07 13.23 19.81
C PHE B 65 29.20 11.81 20.31
N LEU B 66 30.38 11.24 20.11
CA LEU B 66 30.65 9.87 20.50
C LEU B 66 30.58 9.72 22.02
N GLU B 67 31.12 10.69 22.73
CA GLU B 67 31.07 10.68 24.19
C GLU B 67 29.64 10.65 24.69
N ASN B 68 28.79 11.48 24.10
CA ASN B 68 27.41 11.56 24.54
C ASN B 68 26.69 10.23 24.37
N VAL B 69 26.95 9.55 23.27
CA VAL B 69 26.34 8.25 23.03
C VAL B 69 26.89 7.21 23.99
N ILE B 70 28.20 7.23 24.21
CA ILE B 70 28.82 6.28 25.12
C ILE B 70 28.31 6.44 26.53
N ARG B 71 28.24 7.67 27.01
CA ARG B 71 27.79 7.90 28.38
C ARG B 71 26.44 7.25 28.62
N ASP B 72 25.53 7.39 27.67
CA ASP B 72 24.22 6.77 27.79
C ASP B 72 24.33 5.25 27.70
N ALA B 73 25.11 4.75 26.75
CA ALA B 73 25.26 3.30 26.57
C ALA B 73 25.86 2.66 27.82
N VAL B 74 26.82 3.36 28.43
CA VAL B 74 27.42 2.88 29.66
C VAL B 74 26.42 2.92 30.80
N THR B 75 25.63 4.00 30.85
CA THR B 75 24.63 4.13 31.89
C THR B 75 23.61 2.99 31.82
N TYR B 76 23.21 2.63 30.60
CA TYR B 76 22.34 1.49 30.41
C TYR B 76 23.02 0.22 30.91
N THR B 77 24.30 0.07 30.59
CA THR B 77 25.07 -1.10 30.98
C THR B 77 25.15 -1.20 32.50
N GLU B 78 25.38 -0.07 33.15
CA GLU B 78 25.49 -0.04 34.60
C GLU B 78 24.16 -0.41 35.26
N HIS B 79 23.07 0.10 34.72
CA HIS B 79 21.74 -0.20 35.23
C HIS B 79 21.43 -1.68 35.11
N ALA B 80 21.88 -2.27 34.00
CA ALA B 80 21.68 -3.68 33.72
C ALA B 80 22.58 -4.54 34.60
N LYS B 81 23.46 -3.92 35.37
CA LYS B 81 24.41 -4.61 36.22
C LYS B 81 25.30 -5.55 35.41
N ARG B 82 25.70 -5.08 34.23
CA ARG B 82 26.60 -5.83 33.35
C ARG B 82 27.98 -5.19 33.28
N LYS B 83 28.95 -5.96 32.80
CA LYS B 83 30.29 -5.45 32.59
C LYS B 83 30.62 -5.30 31.12
N THR B 84 29.75 -5.85 30.27
CA THR B 84 29.93 -5.76 28.83
C THR B 84 28.82 -4.93 28.19
N VAL B 85 29.22 -3.92 27.41
CA VAL B 85 28.28 -3.08 26.67
C VAL B 85 27.76 -3.81 25.45
N THR B 86 26.45 -3.81 25.25
CA THR B 86 25.89 -4.45 24.06
C THR B 86 25.48 -3.44 23.00
N ALA B 87 25.34 -3.93 21.77
CA ALA B 87 24.89 -3.09 20.68
C ALA B 87 23.53 -2.51 21.00
N MET B 88 22.72 -3.23 21.76
CA MET B 88 21.39 -2.75 22.12
C MET B 88 21.48 -1.49 22.97
N ASP B 89 22.54 -1.36 23.75
CA ASP B 89 22.74 -0.20 24.61
C ASP B 89 23.08 0.99 23.76
N VAL B 90 23.85 0.74 22.70
CA VAL B 90 24.17 1.77 21.75
C VAL B 90 22.90 2.20 21.01
N VAL B 91 22.08 1.22 20.66
CA VAL B 91 20.82 1.51 19.99
C VAL B 91 19.91 2.34 20.89
N TYR B 92 19.80 1.96 22.14
CA TYR B 92 18.96 2.71 23.07
C TYR B 92 19.52 4.11 23.28
N ALA B 93 20.84 4.22 23.40
CA ALA B 93 21.48 5.51 23.57
C ALA B 93 21.21 6.41 22.38
N LEU B 94 21.26 5.84 21.19
CA LEU B 94 20.99 6.59 19.98
C LEU B 94 19.50 6.91 19.87
N LYS B 95 18.67 5.95 20.26
CA LYS B 95 17.22 6.10 20.16
C LYS B 95 16.73 7.30 20.95
N ARG B 96 17.17 7.41 22.20
CA ARG B 96 16.71 8.49 23.06
C ARG B 96 17.27 9.84 22.63
N GLN B 97 18.34 9.82 21.84
CA GLN B 97 18.96 11.03 21.35
C GLN B 97 18.43 11.45 19.98
N GLY B 98 17.45 10.71 19.47
CA GLY B 98 16.88 11.02 18.16
C GLY B 98 17.81 10.61 17.03
N ARG B 99 18.55 9.53 17.25
CA ARG B 99 19.51 9.02 16.27
C ARG B 99 19.21 7.57 15.93
N THR B 100 17.92 7.25 15.85
CA THR B 100 17.47 5.88 15.63
C THR B 100 18.24 5.20 14.51
N LEU B 101 18.73 4.00 14.80
CA LEU B 101 19.58 3.23 13.88
C LEU B 101 18.98 1.86 13.59
N TYR B 102 18.92 1.51 12.31
CA TYR B 102 18.41 0.20 11.89
C TYR B 102 19.55 -0.73 11.45
N GLY B 103 19.41 -2.02 11.78
CA GLY B 103 20.36 -3.03 11.32
C GLY B 103 21.01 -3.78 12.47
N PHE B 104 20.85 -3.25 13.69
CA PHE B 104 21.44 -3.84 14.87
C PHE B 104 20.38 -4.30 15.84
N GLY B 105 19.22 -4.65 15.29
CA GLY B 105 18.05 -5.00 16.10
C GLY B 105 17.30 -3.74 16.50
N LYS C 19 1.12 8.25 59.71
CA LYS C 19 1.90 9.44 59.39
C LYS C 19 2.05 9.59 57.88
N THR C 20 2.14 10.83 57.42
CA THR C 20 2.22 11.10 55.99
C THR C 20 3.57 10.65 55.43
N ARG C 21 3.53 9.98 54.28
CA ARG C 21 4.77 9.48 53.67
C ARG C 21 5.69 10.62 53.27
N SER C 22 5.12 11.74 52.84
CA SER C 22 5.89 12.92 52.51
C SER C 22 6.63 13.44 53.74
N SER C 23 5.98 13.33 54.91
CA SER C 23 6.61 13.77 56.14
C SER C 23 7.77 12.88 56.52
N ARG C 24 7.62 11.57 56.35
CA ARG C 24 8.70 10.64 56.65
C ARG C 24 9.93 10.94 55.81
N ALA C 25 9.72 11.28 54.55
CA ALA C 25 10.81 11.55 53.63
C ALA C 25 11.37 12.96 53.82
N GLY C 26 10.70 13.76 54.63
CA GLY C 26 11.09 15.16 54.82
C GLY C 26 10.82 15.98 53.56
N LEU C 27 9.76 15.64 52.85
CA LEU C 27 9.43 16.30 51.59
C LEU C 27 8.13 17.10 51.67
N GLN C 28 8.05 18.14 50.85
CA GLN C 28 6.81 18.89 50.69
C GLN C 28 5.88 18.17 49.73
N PHE C 29 6.46 17.63 48.66
CA PHE C 29 5.66 16.99 47.61
C PHE C 29 4.98 15.73 48.11
N PRO C 30 3.74 15.49 47.67
CA PRO C 30 2.85 14.40 48.06
C PRO C 30 3.31 13.06 47.50
N VAL C 31 3.80 12.20 48.37
CA VAL C 31 4.25 10.88 47.94
C VAL C 31 3.07 10.06 47.44
N GLY C 32 1.93 10.20 48.12
CA GLY C 32 0.73 9.45 47.76
C GLY C 32 0.31 9.73 46.32
N ARG C 33 0.24 11.02 45.97
CA ARG C 33 -0.14 11.39 44.60
C ARG C 33 0.86 10.84 43.59
N VAL C 34 2.14 10.95 43.90
CA VAL C 34 3.17 10.46 42.98
C VAL C 34 3.05 8.95 42.81
N HIS C 35 2.82 8.25 43.91
CA HIS C 35 2.67 6.80 43.86
C HIS C 35 1.47 6.42 42.99
N ARG C 36 0.37 7.14 43.18
CA ARG C 36 -0.82 6.90 42.38
C ARG C 36 -0.57 7.19 40.91
N LEU C 37 0.12 8.28 40.62
CA LEU C 37 0.41 8.66 39.25
C LEU C 37 1.34 7.67 38.56
N LEU C 38 2.22 7.03 39.33
CA LEU C 38 3.09 6.01 38.76
C LEU C 38 2.34 4.72 38.49
N ARG C 39 1.34 4.43 39.30
CA ARG C 39 0.49 3.26 39.07
C ARG C 39 -0.46 3.52 37.91
N LYS C 40 -0.90 4.76 37.77
CA LYS C 40 -1.63 5.18 36.59
C LYS C 40 -0.67 5.43 35.43
N GLY C 41 -1.22 5.58 34.23
CA GLY C 41 -0.40 5.84 33.05
C GLY C 41 0.20 4.56 32.47
N ASN C 42 -0.06 3.44 33.15
CA ASN C 42 0.41 2.14 32.70
C ASN C 42 1.93 2.08 32.55
N TYR C 43 2.66 2.79 33.40
CA TYR C 43 4.11 2.81 33.29
C TYR C 43 4.73 1.46 33.63
N SER C 44 4.07 0.70 34.49
CA SER C 44 4.54 -0.63 34.84
C SER C 44 3.42 -1.47 35.44
N GLU C 45 3.66 -2.77 35.55
CA GLU C 45 2.72 -3.64 36.24
C GLU C 45 2.80 -3.44 37.74
N ARG C 46 4.00 -3.12 38.22
CA ARG C 46 4.24 -2.95 39.65
C ARG C 46 5.11 -1.72 39.92
N VAL C 47 4.88 -1.06 41.05
CA VAL C 47 5.69 0.08 41.45
C VAL C 47 6.28 -0.11 42.85
N GLY C 48 7.60 -0.01 42.94
CA GLY C 48 8.31 -0.18 44.22
C GLY C 48 7.94 0.91 45.20
N ALA C 49 7.86 0.56 46.48
CA ALA C 49 7.46 1.49 47.53
C ALA C 49 8.38 2.70 47.61
N GLY C 50 9.67 2.48 47.37
CA GLY C 50 10.65 3.56 47.43
C GLY C 50 10.65 4.40 46.16
N ALA C 51 10.00 3.90 45.10
CA ALA C 51 10.03 4.58 43.82
C ALA C 51 9.45 6.00 43.90
N PRO C 52 8.21 6.21 44.38
CA PRO C 52 7.58 7.52 44.48
C PRO C 52 8.31 8.43 45.45
N VAL C 53 8.97 7.83 46.43
CA VAL C 53 9.71 8.61 47.41
C VAL C 53 10.92 9.23 46.75
N TYR C 54 11.64 8.42 45.99
CA TYR C 54 12.80 8.89 45.26
C TYR C 54 12.40 9.96 44.27
N LEU C 55 11.33 9.68 43.53
CA LEU C 55 10.86 10.61 42.51
C LEU C 55 10.36 11.91 43.09
N ALA C 56 9.62 11.84 44.18
CA ALA C 56 9.09 13.05 44.80
C ALA C 56 10.24 13.96 45.21
N ALA C 57 11.32 13.36 45.72
CA ALA C 57 12.49 14.13 46.12
C ALA C 57 13.11 14.84 44.92
N VAL C 58 13.13 14.15 43.78
CA VAL C 58 13.71 14.72 42.57
C VAL C 58 12.85 15.86 42.05
N LEU C 59 11.54 15.64 42.02
CA LEU C 59 10.62 16.67 41.55
C LEU C 59 10.71 17.90 42.43
N GLU C 60 10.78 17.68 43.74
CA GLU C 60 10.90 18.77 44.68
C GLU C 60 12.21 19.51 44.52
N TYR C 61 13.30 18.75 44.35
CA TYR C 61 14.60 19.35 44.17
C TYR C 61 14.65 20.27 42.96
N LEU C 62 14.18 19.77 41.83
CA LEU C 62 14.22 20.56 40.61
C LEU C 62 13.30 21.76 40.74
N THR C 63 12.15 21.57 41.39
CA THR C 63 11.22 22.66 41.62
C THR C 63 11.90 23.76 42.44
N ALA C 64 12.60 23.34 43.49
CA ALA C 64 13.29 24.28 44.36
C ALA C 64 14.35 25.06 43.60
N GLU C 65 15.08 24.39 42.72
CA GLU C 65 16.12 25.07 41.96
C GLU C 65 15.54 26.18 41.11
N ILE C 66 14.43 25.90 40.45
CA ILE C 66 13.79 26.89 39.59
C ILE C 66 13.23 28.04 40.41
N LEU C 67 12.53 27.71 41.49
CA LEU C 67 11.91 28.74 42.32
C LEU C 67 12.95 29.63 42.96
N GLU C 68 14.07 29.04 43.37
CA GLU C 68 15.13 29.83 44.00
C GLU C 68 15.72 30.82 43.01
N LEU C 69 16.00 30.35 41.80
CA LEU C 69 16.57 31.22 40.77
C LEU C 69 15.55 32.25 40.30
N ALA C 70 14.29 31.84 40.20
CA ALA C 70 13.23 32.74 39.77
C ALA C 70 13.01 33.82 40.81
N GLY C 71 13.10 33.46 42.08
CA GLY C 71 12.95 34.42 43.16
C GLY C 71 14.06 35.47 43.10
N ASN C 72 15.26 35.04 42.73
CA ASN C 72 16.36 35.98 42.54
C ASN C 72 16.07 36.90 41.38
N ALA C 73 15.56 36.34 40.29
CA ALA C 73 15.20 37.14 39.12
C ALA C 73 14.14 38.16 39.49
N ALA C 74 13.17 37.75 40.31
CA ALA C 74 12.13 38.67 40.75
C ALA C 74 12.74 39.80 41.55
N ARG C 75 13.66 39.46 42.45
CA ARG C 75 14.34 40.46 43.27
C ARG C 75 15.17 41.42 42.42
N ASP C 76 15.82 40.88 41.39
CA ASP C 76 16.61 41.69 40.49
C ASP C 76 15.74 42.70 39.75
N ASN C 77 14.50 42.31 39.50
CA ASN C 77 13.53 43.18 38.83
C ASN C 77 12.74 44.02 39.82
N LYS C 78 13.13 43.96 41.09
CA LYS C 78 12.49 44.70 42.16
C LYS C 78 11.02 44.30 42.35
N LYS C 79 10.75 43.01 42.21
CA LYS C 79 9.42 42.46 42.41
C LYS C 79 9.41 41.50 43.60
N THR C 80 8.24 41.34 44.21
CA THR C 80 8.10 40.45 45.37
C THR C 80 7.22 39.25 45.03
N ARG C 81 6.88 39.12 43.76
CA ARG C 81 6.10 38.00 43.27
C ARG C 81 6.65 37.45 41.98
N ILE C 82 6.71 36.12 41.86
CA ILE C 82 7.21 35.48 40.67
C ILE C 82 6.19 35.47 39.55
N ILE C 83 6.63 35.89 38.37
CA ILE C 83 5.81 35.86 37.16
C ILE C 83 6.59 35.08 36.10
N PRO C 84 5.95 34.59 35.03
CA PRO C 84 6.52 33.77 33.98
C PRO C 84 7.78 34.39 33.38
N ARG C 85 7.83 35.72 33.34
CA ARG C 85 9.03 36.40 32.87
C ARG C 85 10.25 36.00 33.70
N HIS C 86 10.05 35.90 35.00
CA HIS C 86 11.14 35.57 35.91
C HIS C 86 11.56 34.13 35.73
N LEU C 87 10.58 33.26 35.55
CA LEU C 87 10.86 31.84 35.35
C LEU C 87 11.65 31.64 34.06
N GLN C 88 11.27 32.37 33.03
CA GLN C 88 11.95 32.28 31.74
C GLN C 88 13.39 32.70 31.85
N LEU C 89 13.64 33.84 32.48
CA LEU C 89 14.99 34.33 32.60
C LEU C 89 15.85 33.39 33.43
N ALA C 90 15.30 32.91 34.53
CA ALA C 90 16.03 32.00 35.41
C ALA C 90 16.42 30.72 34.68
N ILE C 91 15.47 30.16 33.94
CA ILE C 91 15.69 28.90 33.23
C ILE C 91 16.65 29.06 32.07
N ARG C 92 16.55 30.16 31.34
CA ARG C 92 17.41 30.39 30.20
C ARG C 92 18.81 30.87 30.61
N ASN C 93 18.92 31.52 31.77
CA ASN C 93 20.22 31.96 32.24
C ASN C 93 21.03 30.82 32.84
N ASP C 94 20.35 29.92 33.54
CA ASP C 94 21.00 28.74 34.11
C ASP C 94 21.24 27.69 33.02
N GLU C 95 22.50 27.40 32.74
CA GLU C 95 22.83 26.55 31.60
C GLU C 95 22.32 25.12 31.76
N GLU C 96 22.20 24.64 32.99
CA GLU C 96 21.72 23.28 33.21
C GLU C 96 20.23 23.21 32.96
N LEU C 97 19.48 24.19 33.49
CA LEU C 97 18.05 24.24 33.24
C LEU C 97 17.77 24.53 31.78
N ASN C 98 18.62 25.34 31.16
CA ASN C 98 18.46 25.68 29.76
C ASN C 98 18.56 24.44 28.90
N LYS C 99 19.44 23.52 29.28
CA LYS C 99 19.59 22.27 28.56
C LYS C 99 18.39 21.36 28.79
N LEU C 100 17.92 21.31 30.03
CA LEU C 100 16.79 20.46 30.40
C LEU C 100 15.48 20.95 29.78
N LEU C 101 15.31 22.27 29.75
CA LEU C 101 14.05 22.87 29.33
C LEU C 101 14.23 23.74 28.09
N GLY C 102 15.26 23.45 27.29
CA GLY C 102 15.59 24.27 26.13
C GLY C 102 14.54 24.19 25.03
N ARG C 103 13.78 23.10 25.01
CA ARG C 103 12.73 22.92 24.00
C ARG C 103 11.37 23.40 24.50
N VAL C 104 11.33 23.90 25.73
CA VAL C 104 10.09 24.37 26.33
C VAL C 104 9.82 25.83 26.01
N THR C 105 8.55 26.15 25.77
CA THR C 105 8.10 27.51 25.60
C THR C 105 7.33 27.96 26.83
N ILE C 106 7.61 29.17 27.30
CA ILE C 106 6.96 29.70 28.49
C ILE C 106 5.99 30.80 28.12
N ALA C 107 4.72 30.63 28.49
CA ALA C 107 3.74 31.67 28.24
C ALA C 107 4.17 32.95 28.94
N GLN C 108 4.21 34.04 28.18
CA GLN C 108 4.62 35.34 28.70
C GLN C 108 6.01 35.32 29.35
N GLY C 109 6.87 34.45 28.86
CA GLY C 109 8.24 34.40 29.36
C GLY C 109 9.12 35.51 28.76
N GLY C 110 8.82 35.87 27.53
CA GLY C 110 9.70 36.76 26.77
C GLY C 110 10.97 36.02 26.40
N VAL C 111 12.03 36.76 26.10
CA VAL C 111 13.31 36.15 25.74
C VAL C 111 14.45 36.78 26.52
N LEU C 112 15.62 36.13 26.52
CA LEU C 112 16.81 36.77 27.08
C LEU C 112 17.15 37.99 26.24
N PRO C 113 17.64 39.06 26.86
CA PRO C 113 18.01 40.32 26.24
C PRO C 113 19.35 40.21 25.53
N ASN C 114 19.41 39.33 24.54
CA ASN C 114 20.64 39.06 23.83
C ASN C 114 20.69 39.77 22.47
N ILE C 115 21.70 40.60 22.28
CA ILE C 115 21.89 41.31 21.02
C ILE C 115 23.31 41.08 20.52
N GLN C 116 23.43 40.75 19.24
CA GLN C 116 24.73 40.46 18.66
C GLN C 116 25.56 41.73 18.50
N ALA C 117 26.85 41.64 18.83
CA ALA C 117 27.74 42.79 18.84
C ALA C 117 27.85 43.44 17.47
N VAL C 118 27.71 42.64 16.42
CA VAL C 118 27.82 43.11 15.05
C VAL C 118 26.74 44.14 14.70
N LEU C 119 25.66 44.13 15.47
CA LEU C 119 24.54 45.03 15.22
C LEU C 119 24.75 46.39 15.88
N LEU C 120 25.68 46.46 16.83
CA LEU C 120 25.94 47.68 17.57
C LEU C 120 26.71 48.67 16.71
N PRO C 121 26.51 49.98 16.93
CA PRO C 121 27.19 51.10 16.28
C PRO C 121 28.66 51.14 16.68
N LYS C 122 29.50 51.61 15.76
CA LYS C 122 30.94 51.73 15.98
C LYS C 122 31.53 52.84 15.10
N ARG D 37 -13.30 16.32 40.82
CA ARG D 37 -12.19 17.01 41.44
C ARG D 37 -11.01 17.15 40.49
N LYS D 38 -10.30 18.26 40.62
CA LYS D 38 -9.06 18.48 39.88
C LYS D 38 -7.91 18.65 40.86
N GLU D 39 -6.72 18.21 40.47
CA GLU D 39 -5.57 18.28 41.35
C GLU D 39 -4.44 19.10 40.78
N SER D 40 -3.73 19.81 41.65
CA SER D 40 -2.57 20.58 41.27
C SER D 40 -1.51 20.52 42.35
N TYR D 41 -0.34 21.02 42.04
CA TYR D 41 0.77 21.04 42.99
C TYR D 41 0.91 22.42 43.63
N SER D 42 -0.09 23.27 43.45
CA SER D 42 0.02 24.66 43.87
C SER D 42 0.30 24.79 45.36
N ILE D 43 -0.25 23.89 46.16
CA ILE D 43 0.02 23.89 47.58
C ILE D 43 1.49 23.65 47.86
N TYR D 44 2.01 22.62 47.21
CA TYR D 44 3.37 22.16 47.46
C TYR D 44 4.39 23.08 46.84
N VAL D 45 4.08 23.63 45.67
CA VAL D 45 4.96 24.59 45.01
C VAL D 45 5.09 25.83 45.88
N TYR D 46 3.97 26.28 46.42
CA TYR D 46 3.95 27.44 47.29
C TYR D 46 4.79 27.20 48.54
N LYS D 47 4.62 26.03 49.16
CA LYS D 47 5.38 25.68 50.35
C LYS D 47 6.87 25.66 50.07
N VAL D 48 7.27 25.13 48.90
CA VAL D 48 8.67 25.12 48.53
C VAL D 48 9.22 26.52 48.33
N LEU D 49 8.45 27.37 47.66
CA LEU D 49 8.88 28.74 47.42
C LEU D 49 9.19 29.45 48.73
N LYS D 50 8.39 29.19 49.75
CA LYS D 50 8.60 29.81 51.05
C LYS D 50 9.82 29.27 51.78
N GLN D 51 10.33 28.11 51.35
CA GLN D 51 11.55 27.59 51.95
C GLN D 51 12.76 28.34 51.42
N VAL D 52 12.71 28.69 50.13
CA VAL D 52 13.84 29.35 49.50
C VAL D 52 13.74 30.86 49.56
N HIS D 53 12.53 31.38 49.41
CA HIS D 53 12.29 32.83 49.43
C HIS D 53 11.00 33.18 50.16
N PRO D 54 11.01 33.19 51.49
CA PRO D 54 9.88 33.45 52.36
C PRO D 54 9.23 34.79 52.05
N ASP D 55 10.05 35.72 51.56
CA ASP D 55 9.61 37.07 51.23
C ASP D 55 8.89 37.17 49.90
N THR D 56 8.89 36.08 49.14
CA THR D 56 8.40 36.13 47.76
C THR D 56 7.12 35.34 47.58
N GLY D 57 6.19 35.91 46.80
CA GLY D 57 4.96 35.22 46.45
C GLY D 57 5.02 34.73 45.01
N ILE D 58 3.95 34.10 44.54
CA ILE D 58 3.90 33.59 43.18
C ILE D 58 2.60 33.97 42.49
N SER D 59 2.69 34.36 41.22
CA SER D 59 1.50 34.68 40.44
C SER D 59 0.80 33.41 39.97
N SER D 60 -0.48 33.53 39.62
CA SER D 60 -1.22 32.39 39.09
C SER D 60 -0.67 31.94 37.75
N LYS D 61 -0.14 32.88 36.97
CA LYS D 61 0.46 32.55 35.69
C LYS D 61 1.72 31.72 35.88
N ALA D 62 2.56 32.15 36.83
CA ALA D 62 3.76 31.41 37.15
C ALA D 62 3.42 30.04 37.71
N MET D 63 2.34 29.98 38.49
CA MET D 63 1.92 28.71 39.08
C MET D 63 1.51 27.73 38.00
N GLY D 64 0.88 28.24 36.95
CA GLY D 64 0.51 27.40 35.81
C GLY D 64 1.75 26.81 35.17
N ILE D 65 2.78 27.64 35.01
CA ILE D 65 4.04 27.18 34.43
C ILE D 65 4.66 26.09 35.29
N MET D 66 4.68 26.30 36.60
CA MET D 66 5.30 25.35 37.50
C MET D 66 4.57 24.01 37.51
N ASN D 67 3.25 24.04 37.39
CA ASN D 67 2.50 22.79 37.34
C ASN D 67 2.79 22.03 36.06
N SER D 68 2.89 22.74 34.95
CA SER D 68 3.26 22.10 33.70
C SER D 68 4.65 21.50 33.79
N PHE D 69 5.56 22.22 34.44
CA PHE D 69 6.90 21.73 34.64
C PHE D 69 6.93 20.43 35.42
N VAL D 70 6.21 20.39 36.54
CA VAL D 70 6.21 19.20 37.36
C VAL D 70 5.67 18.00 36.62
N ASN D 71 4.58 18.20 35.88
CA ASN D 71 3.98 17.12 35.13
C ASN D 71 4.88 16.68 33.98
N ASP D 72 5.56 17.63 33.36
CA ASP D 72 6.46 17.30 32.26
C ASP D 72 7.62 16.43 32.74
N ILE D 73 8.22 16.81 33.87
CA ILE D 73 9.34 16.04 34.41
C ILE D 73 8.85 14.67 34.85
N PHE D 74 7.67 14.62 35.44
CA PHE D 74 7.11 13.34 35.83
C PHE D 74 7.00 12.42 34.63
N GLU D 75 6.45 12.93 33.53
CA GLU D 75 6.31 12.15 32.31
C GLU D 75 7.67 11.71 31.78
N ARG D 76 8.65 12.61 31.80
CA ARG D 76 9.97 12.27 31.30
C ARG D 76 10.57 11.11 32.07
N ILE D 77 10.55 11.21 33.40
CA ILE D 77 11.16 10.19 34.23
C ILE D 77 10.37 8.90 34.20
N ALA D 78 9.05 9.00 34.34
CA ALA D 78 8.21 7.82 34.36
C ALA D 78 8.32 7.08 33.03
N GLY D 79 8.40 7.84 31.93
CA GLY D 79 8.54 7.25 30.61
C GLY D 79 9.88 6.54 30.45
N GLU D 80 10.95 7.20 30.87
CA GLU D 80 12.28 6.63 30.75
C GLU D 80 12.43 5.40 31.64
N ALA D 81 11.89 5.49 32.85
CA ALA D 81 11.95 4.38 33.79
C ALA D 81 11.19 3.19 33.23
N SER D 82 10.08 3.45 32.55
CA SER D 82 9.29 2.39 31.95
C SER D 82 10.07 1.68 30.86
N ARG D 83 10.72 2.46 30.00
CA ARG D 83 11.55 1.89 28.94
C ARG D 83 12.71 1.11 29.49
N LEU D 84 13.33 1.62 30.55
CA LEU D 84 14.45 0.92 31.18
C LEU D 84 14.01 -0.43 31.70
N ALA D 85 12.86 -0.46 32.36
CA ALA D 85 12.34 -1.71 32.88
C ALA D 85 12.03 -2.67 31.74
N HIS D 86 11.49 -2.12 30.65
CA HIS D 86 11.17 -2.94 29.48
C HIS D 86 12.43 -3.55 28.88
N TYR D 87 13.47 -2.74 28.73
CA TYR D 87 14.73 -3.19 28.14
C TYR D 87 15.42 -4.24 28.98
N ASN D 88 15.10 -4.27 30.28
CA ASN D 88 15.69 -5.24 31.19
C ASN D 88 14.68 -6.30 31.61
N LYS D 89 13.57 -6.38 30.89
CA LYS D 89 12.54 -7.37 31.14
C LYS D 89 12.05 -7.32 32.59
N ARG D 90 11.94 -6.12 33.14
CA ARG D 90 11.43 -5.94 34.50
C ARG D 90 10.01 -5.38 34.48
N SER D 91 9.15 -5.96 35.30
CA SER D 91 7.76 -5.53 35.42
C SER D 91 7.61 -4.48 36.50
N THR D 92 8.60 -4.40 37.40
CA THR D 92 8.55 -3.48 38.52
C THR D 92 9.48 -2.28 38.33
N ILE D 93 9.00 -1.11 38.76
CA ILE D 93 9.84 0.08 38.83
C ILE D 93 10.37 0.30 40.24
N THR D 94 11.68 0.45 40.36
CA THR D 94 12.30 0.70 41.66
C THR D 94 13.12 1.98 41.59
N SER D 95 13.76 2.31 42.70
CA SER D 95 14.59 3.50 42.75
C SER D 95 15.75 3.40 41.77
N ARG D 96 16.14 2.18 41.40
CA ARG D 96 17.25 2.00 40.46
C ARG D 96 16.89 2.54 39.09
N GLU D 97 15.67 2.25 38.63
CA GLU D 97 15.20 2.74 37.34
C GLU D 97 15.08 4.24 37.33
N ILE D 98 14.54 4.79 38.43
CA ILE D 98 14.39 6.22 38.52
C ILE D 98 15.73 6.90 38.59
N GLN D 99 16.63 6.39 39.42
CA GLN D 99 17.95 6.98 39.52
C GLN D 99 18.65 6.94 38.18
N THR D 100 18.48 5.84 37.45
CA THR D 100 19.06 5.72 36.13
C THR D 100 18.45 6.72 35.19
N ALA D 101 17.12 6.84 35.23
CA ALA D 101 16.41 7.79 34.39
C ALA D 101 16.86 9.21 34.69
N VAL D 102 17.09 9.50 35.96
CA VAL D 102 17.55 10.82 36.36
C VAL D 102 18.94 11.11 35.80
N ARG D 103 19.82 10.13 35.90
CA ARG D 103 21.17 10.28 35.39
C ARG D 103 21.17 10.46 33.87
N LEU D 104 20.25 9.79 33.19
CA LEU D 104 20.12 9.93 31.75
C LEU D 104 19.47 11.26 31.35
N LEU D 105 18.41 11.63 32.04
CA LEU D 105 17.62 12.81 31.67
C LEU D 105 18.23 14.13 32.09
N LEU D 106 18.77 14.20 33.30
CA LEU D 106 19.25 15.47 33.81
C LEU D 106 20.68 15.76 33.37
N PRO D 107 21.01 17.04 33.23
CA PRO D 107 22.34 17.61 33.13
C PRO D 107 23.18 17.18 34.33
N GLY D 108 24.49 17.14 34.16
CA GLY D 108 25.39 16.55 35.14
C GLY D 108 25.23 17.10 36.54
N GLU D 109 25.24 18.43 36.68
CA GLU D 109 25.18 19.02 38.02
C GLU D 109 23.85 18.71 38.70
N LEU D 110 22.77 18.86 37.94
CA LEU D 110 21.45 18.58 38.48
C LEU D 110 21.30 17.11 38.83
N ALA D 111 21.86 16.25 38.00
CA ALA D 111 21.78 14.82 38.23
C ALA D 111 22.44 14.43 39.54
N LYS D 112 23.60 15.01 39.82
CA LYS D 112 24.31 14.67 41.04
C LYS D 112 23.52 15.05 42.27
N HIS D 113 22.94 16.25 42.25
CA HIS D 113 22.15 16.71 43.38
C HIS D 113 20.86 15.92 43.52
N ALA D 114 20.17 15.73 42.40
CA ALA D 114 18.90 15.03 42.40
C ALA D 114 19.06 13.61 42.93
N VAL D 115 20.15 12.96 42.55
CA VAL D 115 20.41 11.60 43.00
C VAL D 115 20.67 11.58 44.50
N SER D 116 21.46 12.53 44.99
CA SER D 116 21.73 12.58 46.42
C SER D 116 20.44 12.88 47.19
N GLU D 117 19.59 13.71 46.62
CA GLU D 117 18.31 14.05 47.25
C GLU D 117 17.41 12.83 47.34
N GLY D 118 17.31 12.09 46.23
CA GLY D 118 16.52 10.88 46.20
C GLY D 118 17.07 9.85 47.16
N THR D 119 18.40 9.76 47.22
CA THR D 119 19.06 8.81 48.10
C THR D 119 18.74 9.13 49.55
N LYS D 120 18.85 10.40 49.91
CA LYS D 120 18.54 10.85 51.25
C LYS D 120 17.07 10.61 51.60
N ALA D 121 16.18 10.96 50.67
CA ALA D 121 14.75 10.84 50.91
C ALA D 121 14.36 9.40 51.18
N VAL D 122 14.90 8.48 50.40
CA VAL D 122 14.60 7.07 50.58
C VAL D 122 15.19 6.56 51.89
N THR D 123 16.42 6.99 52.18
CA THR D 123 17.09 6.59 53.40
C THR D 123 16.32 7.06 54.63
N LYS D 124 15.91 8.33 54.61
CA LYS D 124 15.16 8.92 55.71
C LYS D 124 13.78 8.30 55.81
N TYR D 125 13.14 8.11 54.66
CA TYR D 125 11.82 7.50 54.61
C TYR D 125 11.85 6.09 55.16
N THR D 126 12.86 5.33 54.78
CA THR D 126 13.00 3.96 55.23
C THR D 126 13.26 3.91 56.73
N SER D 127 14.08 4.84 57.20
CA SER D 127 14.41 4.92 58.62
C SER D 127 13.20 5.37 59.46
N ALA D 128 12.42 6.32 58.93
CA ALA D 128 11.23 6.86 59.58
C ALA D 128 10.06 5.88 59.42
N ARG E 44 16.36 63.83 13.09
CA ARG E 44 15.98 62.43 13.08
C ARG E 44 17.15 61.55 13.47
N TYR E 45 16.85 60.35 13.96
CA TYR E 45 17.90 59.39 14.26
C TYR E 45 18.36 58.66 13.01
N ARG E 46 19.64 58.31 12.99
CA ARG E 46 20.19 57.52 11.89
C ARG E 46 19.69 56.08 12.04
N PRO E 47 19.29 55.42 10.94
CA PRO E 47 18.71 54.09 10.91
C PRO E 47 19.62 53.07 11.57
N GLY E 48 19.00 52.22 12.37
CA GLY E 48 19.70 51.21 13.15
C GLY E 48 19.66 51.52 14.63
N THR E 49 19.69 52.80 14.98
CA THR E 49 19.63 53.20 16.38
C THR E 49 18.27 52.87 16.98
N VAL E 50 17.22 53.19 16.24
CA VAL E 50 15.87 52.90 16.66
C VAL E 50 15.63 51.41 16.73
N ALA E 51 16.18 50.67 15.76
CA ALA E 51 16.02 49.23 15.73
C ALA E 51 16.57 48.59 17.00
N LEU E 52 17.71 49.07 17.47
CA LEU E 52 18.31 48.54 18.69
C LEU E 52 17.46 48.86 19.91
N ARG E 53 16.80 50.01 19.88
CA ARG E 53 15.88 50.37 20.95
C ARG E 53 14.66 49.46 20.91
N GLU E 54 14.14 49.22 19.71
CA GLU E 54 13.00 48.33 19.52
C GLU E 54 13.33 46.91 19.95
N ILE E 55 14.52 46.44 19.62
CA ILE E 55 14.92 45.08 19.99
C ILE E 55 14.92 44.93 21.51
N ARG E 56 15.52 45.90 22.20
CA ARG E 56 15.55 45.85 23.65
C ARG E 56 14.15 45.89 24.24
N ARG E 57 13.29 46.73 23.67
CA ARG E 57 11.92 46.84 24.12
C ARG E 57 11.18 45.51 24.00
N TYR E 58 11.27 44.91 22.82
CA TYR E 58 10.50 43.70 22.54
C TYR E 58 11.07 42.46 23.24
N GLN E 59 12.38 42.42 23.45
CA GLN E 59 12.98 41.31 24.18
C GLN E 59 12.58 41.37 25.65
N LYS E 60 12.46 42.60 26.16
CA LYS E 60 12.03 42.85 27.53
C LYS E 60 10.55 42.51 27.72
N SER E 61 9.76 42.79 26.68
CA SER E 61 8.32 42.61 26.72
C SER E 61 7.93 41.15 26.77
N THR E 62 6.67 40.88 27.13
CA THR E 62 6.19 39.51 27.16
C THR E 62 4.87 39.40 26.40
N GLU E 63 4.20 40.53 26.22
CA GLU E 63 2.91 40.56 25.57
C GLU E 63 3.01 40.13 24.12
N LEU E 64 1.90 39.63 23.59
CA LEU E 64 1.86 39.20 22.20
C LEU E 64 2.03 40.38 21.26
N LEU E 65 2.89 40.20 20.27
CA LEU E 65 3.22 41.23 19.30
C LEU E 65 2.31 41.17 18.10
N ILE E 66 1.62 40.04 17.94
CA ILE E 66 0.70 39.83 16.83
C ILE E 66 -0.74 40.15 17.24
N ARG E 67 -1.46 40.80 16.35
CA ARG E 67 -2.85 41.19 16.62
C ARG E 67 -3.74 39.97 16.84
N LYS E 68 -4.56 40.03 17.88
CA LYS E 68 -5.36 38.88 18.28
C LYS E 68 -6.49 38.53 17.32
N LEU E 69 -7.30 39.51 16.93
CA LEU E 69 -8.45 39.16 16.11
C LEU E 69 -8.07 38.62 14.72
N PRO E 70 -7.12 39.23 14.00
CA PRO E 70 -6.60 38.74 12.73
C PRO E 70 -6.08 37.32 12.88
N PHE E 71 -5.46 37.03 14.02
CA PHE E 71 -4.96 35.69 14.29
C PHE E 71 -6.12 34.72 14.41
N GLN E 72 -7.15 35.11 15.14
CA GLN E 72 -8.30 34.24 15.33
C GLN E 72 -8.99 33.92 14.01
N ARG E 73 -9.06 34.91 13.13
CA ARG E 73 -9.67 34.67 11.84
C ARG E 73 -8.82 33.72 11.02
N LEU E 74 -7.51 33.90 11.10
CA LEU E 74 -6.58 33.05 10.38
C LEU E 74 -6.64 31.61 10.85
N VAL E 75 -6.76 31.42 12.16
CA VAL E 75 -6.89 30.07 12.69
C VAL E 75 -8.13 29.39 12.16
N ARG E 76 -9.25 30.10 12.19
CA ARG E 76 -10.50 29.54 11.70
C ARG E 76 -10.45 29.32 10.19
N GLU E 77 -9.81 30.23 9.47
CA GLU E 77 -9.64 30.10 8.03
C GLU E 77 -8.94 28.80 7.69
N ILE E 78 -7.93 28.45 8.47
CA ILE E 78 -7.20 27.21 8.26
C ILE E 78 -7.97 26.01 8.78
N ALA E 79 -8.52 26.14 9.98
CA ALA E 79 -9.16 25.01 10.65
C ALA E 79 -10.38 24.53 9.88
N GLN E 80 -11.07 25.44 9.21
CA GLN E 80 -12.26 25.10 8.43
C GLN E 80 -11.95 24.07 7.36
N ASP E 81 -10.70 24.00 6.93
CA ASP E 81 -10.29 23.08 5.89
C ASP E 81 -10.25 21.63 6.39
N PHE E 82 -10.00 21.45 7.67
CA PHE E 82 -9.97 20.10 8.23
C PHE E 82 -11.34 19.70 8.73
N LYS E 83 -12.08 20.66 9.26
CA LYS E 83 -13.42 20.41 9.75
C LYS E 83 -14.20 21.72 9.84
N THR E 84 -15.44 21.71 9.34
CA THR E 84 -16.27 22.90 9.45
C THR E 84 -17.08 22.90 10.75
N ASP E 85 -17.68 24.05 11.06
CA ASP E 85 -18.52 24.22 12.23
C ASP E 85 -17.78 23.95 13.54
N LEU E 86 -16.51 24.32 13.58
CA LEU E 86 -15.70 24.19 14.79
C LEU E 86 -15.89 25.35 15.75
N ARG E 87 -15.73 25.07 17.04
CA ARG E 87 -15.68 26.10 18.07
C ARG E 87 -14.33 26.07 18.74
N PHE E 88 -13.85 27.22 19.20
CA PHE E 88 -12.52 27.28 19.79
C PHE E 88 -12.50 27.97 21.14
N GLN E 89 -11.85 27.35 22.12
CA GLN E 89 -11.67 27.98 23.41
C GLN E 89 -10.70 29.15 23.31
N SER E 90 -10.94 30.19 24.08
CA SER E 90 -10.07 31.36 24.04
C SER E 90 -8.67 31.00 24.52
N SER E 91 -8.59 30.01 25.42
CA SER E 91 -7.32 29.51 25.88
C SER E 91 -6.54 28.83 24.76
N ALA E 92 -7.26 28.15 23.87
CA ALA E 92 -6.64 27.48 22.73
C ALA E 92 -6.01 28.51 21.82
N VAL E 93 -6.69 29.64 21.65
CA VAL E 93 -6.17 30.70 20.80
C VAL E 93 -4.89 31.28 21.38
N MET E 94 -4.90 31.53 22.69
CA MET E 94 -3.71 32.05 23.35
C MET E 94 -2.57 31.05 23.28
N ALA E 95 -2.89 29.77 23.43
CA ALA E 95 -1.86 28.75 23.34
C ALA E 95 -1.21 28.77 21.97
N LEU E 96 -2.02 28.92 20.93
CA LEU E 96 -1.50 28.98 19.58
C LEU E 96 -0.67 30.25 19.35
N GLN E 97 -1.15 31.38 19.83
CA GLN E 97 -0.44 32.63 19.62
C GLN E 97 0.92 32.62 20.31
N GLU E 98 0.98 32.09 21.52
CA GLU E 98 2.22 32.05 22.25
C GLU E 98 3.21 31.11 21.58
N ALA E 99 2.71 29.94 21.14
CA ALA E 99 3.55 28.97 20.45
C ALA E 99 4.05 29.52 19.12
N CYS E 100 3.18 30.25 18.42
CA CYS E 100 3.54 30.77 17.10
C CYS E 100 4.59 31.86 17.18
N GLU E 101 4.45 32.76 18.15
CA GLU E 101 5.46 33.81 18.30
C GLU E 101 6.79 33.21 18.72
N ALA E 102 6.76 32.25 19.63
CA ALA E 102 7.99 31.63 20.08
C ALA E 102 8.69 30.94 18.92
N TYR E 103 7.91 30.26 18.10
CA TYR E 103 8.43 29.60 16.92
C TYR E 103 9.08 30.57 15.94
N LEU E 104 8.35 31.62 15.60
CA LEU E 104 8.85 32.58 14.62
C LEU E 104 10.08 33.31 15.14
N VAL E 105 10.07 33.67 16.41
CA VAL E 105 11.21 34.36 16.98
C VAL E 105 12.44 33.48 16.95
N GLY E 106 12.27 32.21 17.34
CA GLY E 106 13.38 31.27 17.30
C GLY E 106 13.93 31.15 15.89
N LEU E 107 13.02 31.09 14.91
CA LEU E 107 13.42 31.04 13.51
C LEU E 107 14.15 32.32 13.10
N PHE E 108 13.68 33.45 13.59
CA PHE E 108 14.32 34.72 13.28
C PHE E 108 15.71 34.81 13.89
N GLU E 109 15.89 34.23 15.08
CA GLU E 109 17.22 34.23 15.69
C GLU E 109 18.21 33.47 14.82
N ASP E 110 17.80 32.31 14.33
CA ASP E 110 18.65 31.51 13.46
C ASP E 110 18.85 32.21 12.12
N THR E 111 17.80 32.86 11.65
CA THR E 111 17.86 33.63 10.41
C THR E 111 18.87 34.76 10.54
N ASN E 112 18.84 35.43 11.69
CA ASN E 112 19.74 36.54 11.94
C ASN E 112 21.18 36.07 11.93
N LEU E 113 21.43 34.92 12.54
CA LEU E 113 22.77 34.35 12.55
C LEU E 113 23.25 34.05 11.14
N CYS E 114 22.35 33.53 10.31
CA CYS E 114 22.72 33.18 8.95
C CYS E 114 23.12 34.41 8.15
N ALA E 115 22.37 35.48 8.30
CA ALA E 115 22.69 36.72 7.60
C ALA E 115 24.03 37.27 8.10
N ILE E 116 24.23 37.19 9.40
CA ILE E 116 25.48 37.65 10.01
C ILE E 116 26.65 36.82 9.52
N HIS E 117 26.44 35.51 9.42
CA HIS E 117 27.45 34.59 8.95
C HIS E 117 27.90 34.96 7.54
N ALA E 118 26.94 35.42 6.75
CA ALA E 118 27.19 35.87 5.38
C ALA E 118 27.73 37.30 5.37
N LYS E 119 27.98 37.85 6.56
CA LYS E 119 28.45 39.21 6.73
C LYS E 119 27.43 40.21 6.19
N ARG E 120 26.16 39.90 6.37
CA ARG E 120 25.07 40.78 5.98
C ARG E 120 24.26 41.22 7.20
N VAL E 121 23.75 42.43 7.15
CA VAL E 121 22.87 42.95 8.18
C VAL E 121 21.42 42.63 7.88
N THR E 122 21.06 42.80 6.60
CA THR E 122 19.68 42.59 6.18
C THR E 122 19.39 41.10 6.03
N ILE E 123 18.30 40.64 6.63
CA ILE E 123 17.92 39.24 6.46
C ILE E 123 17.15 39.05 5.16
N MET E 124 17.46 37.96 4.46
CA MET E 124 16.83 37.61 3.19
C MET E 124 16.07 36.29 3.33
N PRO E 125 15.05 36.04 2.51
CA PRO E 125 14.26 34.82 2.49
C PRO E 125 15.15 33.60 2.41
N LYS E 126 16.26 33.72 1.69
CA LYS E 126 17.21 32.63 1.55
C LYS E 126 17.88 32.28 2.88
N ASP E 127 17.99 33.26 3.78
CA ASP E 127 18.55 33.00 5.09
C ASP E 127 17.57 32.17 5.90
N ILE E 128 16.29 32.48 5.73
CA ILE E 128 15.25 31.73 6.43
C ILE E 128 15.17 30.32 5.90
N GLN E 129 15.21 30.18 4.59
CA GLN E 129 15.11 28.88 3.95
C GLN E 129 16.25 27.97 4.37
N LEU E 130 17.46 28.53 4.45
CA LEU E 130 18.59 27.73 4.90
C LEU E 130 18.41 27.29 6.33
N ALA E 131 18.01 28.23 7.20
CA ALA E 131 17.82 27.90 8.59
C ALA E 131 16.76 26.83 8.76
N ARG E 132 15.69 26.95 7.98
CA ARG E 132 14.61 25.96 8.04
C ARG E 132 15.09 24.60 7.58
N ARG E 133 15.87 24.58 6.51
CA ARG E 133 16.40 23.34 5.97
C ARG E 133 17.33 22.65 6.96
N ILE E 134 18.19 23.42 7.60
CA ILE E 134 19.10 22.87 8.60
C ILE E 134 18.35 22.39 9.84
N ARG E 135 17.32 23.15 10.23
CA ARG E 135 16.51 22.80 11.40
C ARG E 135 15.71 21.53 11.15
N GLY E 136 15.60 21.12 9.89
CA GLY E 136 14.93 19.88 9.54
C GLY E 136 13.58 20.05 8.82
N GLU E 137 13.24 21.28 8.44
CA GLU E 137 12.00 21.55 7.71
C GLU E 137 12.21 21.42 6.21
N LEU F 26 -12.97 31.82 6.82
CA LEU F 26 -13.18 32.65 5.64
C LEU F 26 -11.96 32.57 4.71
N ARG F 27 -11.41 33.74 4.31
CA ARG F 27 -10.26 33.79 3.39
C ARG F 27 -9.45 35.07 3.58
N ASP F 28 -8.20 35.03 3.11
CA ASP F 28 -7.30 36.19 3.10
C ASP F 28 -7.08 36.80 4.48
N ASN F 29 -7.05 35.97 5.53
CA ASN F 29 -6.74 36.48 6.85
C ASN F 29 -5.25 36.42 7.16
N ILE F 30 -4.49 35.77 6.29
CA ILE F 30 -3.04 35.70 6.45
C ILE F 30 -2.41 37.07 6.25
N GLN F 31 -3.05 37.88 5.41
CA GLN F 31 -2.64 39.26 5.20
C GLN F 31 -2.89 40.09 6.46
N GLY F 32 -3.65 39.52 7.40
CA GLY F 32 -3.92 40.14 8.68
C GLY F 32 -2.67 40.15 9.55
N ILE F 33 -1.68 39.36 9.16
CA ILE F 33 -0.38 39.40 9.81
C ILE F 33 0.44 40.50 9.14
N THR F 34 0.37 41.69 9.72
CA THR F 34 0.85 42.90 9.08
C THR F 34 2.36 42.97 9.07
N LYS F 35 2.88 43.84 8.21
CA LYS F 35 4.32 44.05 8.14
C LYS F 35 4.93 44.45 9.49
N PRO F 36 4.37 45.46 10.19
CA PRO F 36 4.74 45.84 11.54
C PRO F 36 4.68 44.68 12.53
N ALA F 37 3.70 43.79 12.39
CA ALA F 37 3.61 42.66 13.29
C ALA F 37 4.82 41.75 13.13
N ILE F 38 5.24 41.60 11.88
CA ILE F 38 6.41 40.79 11.58
C ILE F 38 7.67 41.49 12.05
N ARG F 39 7.74 42.81 11.85
CA ARG F 39 8.87 43.58 12.31
C ARG F 39 9.09 43.39 13.80
N ARG F 40 8.00 43.46 14.57
CA ARG F 40 8.10 43.31 16.01
C ARG F 40 8.64 41.96 16.40
N LEU F 41 8.17 40.90 15.74
CA LEU F 41 8.66 39.56 16.02
C LEU F 41 10.12 39.43 15.69
N ALA F 42 10.51 39.97 14.55
CA ALA F 42 11.89 39.90 14.11
C ALA F 42 12.79 40.66 15.08
N ARG F 43 12.31 41.78 15.57
CA ARG F 43 13.05 42.57 16.55
C ARG F 43 13.28 41.80 17.85
N ARG F 44 12.27 41.06 18.29
CA ARG F 44 12.44 40.24 19.48
C ARG F 44 13.51 39.19 19.24
N GLY F 45 13.61 38.76 17.98
CA GLY F 45 14.64 37.79 17.57
C GLY F 45 16.00 38.45 17.37
N GLY F 46 16.09 39.76 17.61
CA GLY F 46 17.35 40.48 17.52
C GLY F 46 17.66 40.95 16.10
N VAL F 47 16.69 40.86 15.20
CA VAL F 47 16.91 41.25 13.81
C VAL F 47 16.93 42.78 13.68
N LYS F 48 18.03 43.29 13.14
CA LYS F 48 18.21 44.73 12.97
C LYS F 48 17.60 45.26 11.68
N ARG F 49 17.70 44.48 10.61
CA ARG F 49 17.24 44.95 9.31
C ARG F 49 16.55 43.83 8.53
N ILE F 50 15.44 44.18 7.88
CA ILE F 50 14.58 43.20 7.21
C ILE F 50 14.34 43.57 5.75
N SER F 51 14.60 42.63 4.84
CA SER F 51 14.25 42.88 3.44
C SER F 51 12.74 42.72 3.22
N GLY F 52 12.22 43.41 2.21
CA GLY F 52 10.79 43.39 1.93
C GLY F 52 10.27 42.00 1.63
N LEU F 53 11.10 41.16 1.02
CA LEU F 53 10.70 39.82 0.63
C LEU F 53 10.39 38.94 1.84
N ILE F 54 10.90 39.32 2.99
CA ILE F 54 10.72 38.55 4.21
C ILE F 54 9.27 38.42 4.61
N TYR F 55 8.50 39.48 4.42
CA TYR F 55 7.16 39.53 4.97
C TYR F 55 6.26 38.47 4.33
N GLU F 56 6.31 38.35 3.01
CA GLU F 56 5.56 37.31 2.33
C GLU F 56 6.07 35.92 2.69
N GLU F 57 7.39 35.80 2.79
CA GLU F 57 8.00 34.52 3.14
C GLU F 57 7.60 34.10 4.55
N THR F 58 7.57 35.06 5.46
CA THR F 58 7.21 34.79 6.84
C THR F 58 5.78 34.30 6.95
N ARG F 59 4.89 34.95 6.21
CA ARG F 59 3.49 34.56 6.18
C ARG F 59 3.33 33.12 5.69
N GLY F 60 4.08 32.77 4.66
CA GLY F 60 4.06 31.41 4.13
C GLY F 60 4.47 30.41 5.20
N VAL F 61 5.57 30.71 5.89
CA VAL F 61 6.07 29.82 6.94
C VAL F 61 5.08 29.69 8.09
N LEU F 62 4.50 30.81 8.50
CA LEU F 62 3.54 30.78 9.59
C LEU F 62 2.30 29.99 9.21
N LYS F 63 1.83 30.17 7.98
CA LYS F 63 0.66 29.43 7.53
C LYS F 63 0.91 27.94 7.64
N VAL F 64 2.09 27.49 7.21
CA VAL F 64 2.45 26.08 7.31
C VAL F 64 2.50 25.62 8.76
N PHE F 65 3.13 26.43 9.61
CA PHE F 65 3.23 26.09 11.02
C PHE F 65 1.86 25.92 11.64
N LEU F 66 0.97 26.88 11.38
CA LEU F 66 -0.39 26.81 11.89
C LEU F 66 -1.10 25.58 11.37
N GLU F 67 -0.94 25.30 10.08
CA GLU F 67 -1.59 24.14 9.48
C GLU F 67 -1.16 22.87 10.18
N ASN F 68 0.13 22.76 10.49
CA ASN F 68 0.63 21.56 11.15
C ASN F 68 0.03 21.39 12.54
N VAL F 69 0.00 22.46 13.32
CA VAL F 69 -0.53 22.37 14.68
C VAL F 69 -2.04 22.16 14.67
N ILE F 70 -2.72 22.91 13.81
CA ILE F 70 -4.17 22.84 13.72
C ILE F 70 -4.61 21.47 13.23
N ARG F 71 -3.94 20.95 12.22
CA ARG F 71 -4.30 19.63 11.69
C ARG F 71 -4.29 18.59 12.80
N ASP F 72 -3.26 18.63 13.64
CA ASP F 72 -3.16 17.69 14.73
C ASP F 72 -4.19 17.98 15.83
N ALA F 73 -4.36 19.27 16.15
CA ALA F 73 -5.32 19.65 17.18
C ALA F 73 -6.73 19.24 16.79
N VAL F 74 -7.06 19.41 15.51
CA VAL F 74 -8.35 18.98 15.01
C VAL F 74 -8.47 17.48 15.06
N THR F 75 -7.40 16.78 14.68
CA THR F 75 -7.40 15.34 14.69
C THR F 75 -7.69 14.79 16.09
N TYR F 76 -7.08 15.41 17.10
CA TYR F 76 -7.38 15.03 18.48
C TYR F 76 -8.84 15.29 18.79
N THR F 77 -9.34 16.44 18.34
CA THR F 77 -10.72 16.84 18.59
C THR F 77 -11.68 15.84 17.97
N GLU F 78 -11.40 15.42 16.74
CA GLU F 78 -12.25 14.46 16.04
C GLU F 78 -12.29 13.12 16.75
N HIS F 79 -11.14 12.67 17.21
CA HIS F 79 -11.06 11.39 17.91
C HIS F 79 -11.90 11.40 19.18
N ALA F 80 -11.89 12.54 19.85
CA ALA F 80 -12.65 12.73 21.08
C ALA F 80 -14.13 12.92 20.78
N LYS F 81 -14.47 13.02 19.50
CA LYS F 81 -15.84 13.27 19.06
C LYS F 81 -16.35 14.62 19.53
N ARG F 82 -15.44 15.54 19.81
CA ARG F 82 -15.81 16.89 20.22
C ARG F 82 -15.99 17.79 19.00
N LYS F 83 -16.60 18.95 19.23
CA LYS F 83 -16.69 19.96 18.19
C LYS F 83 -15.94 21.23 18.60
N THR F 84 -15.59 21.30 19.87
CA THR F 84 -14.85 22.44 20.40
C THR F 84 -13.40 22.08 20.63
N VAL F 85 -12.50 22.88 20.09
CA VAL F 85 -11.06 22.70 20.27
C VAL F 85 -10.61 23.31 21.58
N THR F 86 -9.95 22.50 22.42
CA THR F 86 -9.43 23.01 23.68
C THR F 86 -7.94 23.24 23.62
N ALA F 87 -7.44 24.03 24.56
CA ALA F 87 -6.01 24.30 24.64
C ALA F 87 -5.25 23.00 24.83
N MET F 88 -5.88 22.04 25.48
CA MET F 88 -5.22 20.76 25.71
C MET F 88 -4.91 20.06 24.40
N ASP F 89 -5.74 20.28 23.40
CA ASP F 89 -5.53 19.67 22.09
C ASP F 89 -4.37 20.36 21.39
N VAL F 90 -4.26 21.67 21.60
CA VAL F 90 -3.13 22.41 21.07
C VAL F 90 -1.84 21.95 21.72
N VAL F 91 -1.89 21.71 23.02
CA VAL F 91 -0.75 21.22 23.75
C VAL F 91 -0.32 19.83 23.29
N TYR F 92 -1.29 18.95 23.10
CA TYR F 92 -0.98 17.59 22.66
C TYR F 92 -0.43 17.61 21.25
N ALA F 93 -0.90 18.55 20.42
CA ALA F 93 -0.38 18.70 19.08
C ALA F 93 1.05 19.18 19.11
N LEU F 94 1.33 20.16 19.94
CA LEU F 94 2.68 20.69 20.03
C LEU F 94 3.65 19.65 20.61
N LYS F 95 3.20 18.94 21.66
CA LYS F 95 4.05 17.95 22.31
C LYS F 95 4.58 16.93 21.31
N ARG F 96 3.68 16.37 20.50
CA ARG F 96 4.09 15.33 19.55
C ARG F 96 4.97 15.90 18.45
N GLN F 97 4.87 17.21 18.23
CA GLN F 97 5.69 17.88 17.22
C GLN F 97 7.06 18.27 17.75
N GLY F 98 7.33 17.98 19.02
CA GLY F 98 8.63 18.28 19.60
C GLY F 98 8.70 19.64 20.28
N ARG F 99 7.56 20.31 20.38
CA ARG F 99 7.49 21.60 21.05
C ARG F 99 6.61 21.54 22.29
N THR F 100 7.18 21.88 23.44
CA THR F 100 6.40 21.83 24.67
C THR F 100 6.07 23.23 25.17
N LEU F 101 4.80 23.47 25.46
CA LEU F 101 4.35 24.77 25.95
C LEU F 101 3.77 24.67 27.35
N TYR F 102 4.30 25.47 28.26
CA TYR F 102 3.82 25.47 29.65
C TYR F 102 2.81 26.58 29.92
N GLY F 103 1.91 26.31 30.88
CA GLY F 103 1.01 27.33 31.41
C GLY F 103 -0.39 27.33 30.78
N PHE F 104 -0.69 26.32 29.96
CA PHE F 104 -2.02 26.21 29.37
C PHE F 104 -2.73 24.94 29.79
N GLY F 105 -2.46 24.51 31.01
CA GLY F 105 -2.99 23.25 31.53
C GLY F 105 -2.02 22.14 31.16
N LYS G 19 -7.99 -21.28 12.87
CA LYS G 19 -7.32 -20.59 11.78
C LYS G 19 -6.75 -19.27 12.27
N THR G 20 -5.70 -18.80 11.64
CA THR G 20 -5.08 -17.55 12.07
C THR G 20 -5.99 -16.38 11.77
N ARG G 21 -6.00 -15.39 12.67
CA ARG G 21 -6.79 -14.20 12.43
C ARG G 21 -6.28 -13.47 11.20
N SER G 22 -4.98 -13.59 10.95
CA SER G 22 -4.40 -12.97 9.77
C SER G 22 -4.98 -13.57 8.50
N SER G 23 -5.20 -14.88 8.49
CA SER G 23 -5.81 -15.52 7.34
C SER G 23 -7.23 -15.03 7.15
N ARG G 24 -7.96 -14.93 8.26
CA ARG G 24 -9.34 -14.47 8.23
C ARG G 24 -9.46 -13.03 7.74
N ALA G 25 -8.44 -12.23 8.02
CA ALA G 25 -8.40 -10.84 7.58
C ALA G 25 -7.74 -10.69 6.21
N GLY G 26 -7.24 -11.80 5.66
CA GLY G 26 -6.53 -11.77 4.40
C GLY G 26 -5.14 -11.14 4.52
N LEU G 27 -4.62 -11.10 5.74
CA LEU G 27 -3.32 -10.49 6.01
C LEU G 27 -2.21 -11.53 6.09
N GLN G 28 -0.99 -11.11 5.77
CA GLN G 28 0.19 -11.96 5.91
C GLN G 28 0.77 -11.87 7.32
N PHE G 29 0.71 -10.67 7.89
CA PHE G 29 1.32 -10.41 9.19
C PHE G 29 0.60 -11.15 10.32
N PRO G 30 1.36 -11.56 11.34
CA PRO G 30 0.93 -12.38 12.46
C PRO G 30 0.09 -11.58 13.44
N VAL G 31 -1.21 -11.56 13.20
CA VAL G 31 -2.13 -10.81 14.03
C VAL G 31 -2.05 -11.28 15.49
N GLY G 32 -1.86 -12.57 15.68
CA GLY G 32 -1.72 -13.12 17.03
C GLY G 32 -0.53 -12.51 17.75
N ARG G 33 0.59 -12.39 17.04
CA ARG G 33 1.77 -11.76 17.61
C ARG G 33 1.51 -10.30 17.93
N VAL G 34 0.86 -9.60 17.00
CA VAL G 34 0.58 -8.19 17.18
C VAL G 34 -0.32 -7.98 18.39
N HIS G 35 -1.30 -8.86 18.55
CA HIS G 35 -2.19 -8.80 19.69
C HIS G 35 -1.43 -8.98 21.00
N ARG G 36 -0.55 -9.97 21.06
CA ARG G 36 0.27 -10.16 22.26
C ARG G 36 1.12 -8.94 22.55
N LEU G 37 1.70 -8.35 21.49
CA LEU G 37 2.57 -7.21 21.66
C LEU G 37 1.80 -5.98 22.13
N LEU G 38 0.55 -5.85 21.69
CA LEU G 38 -0.29 -4.73 22.13
C LEU G 38 -0.82 -4.95 23.55
N ARG G 39 -1.12 -6.20 23.90
CA ARG G 39 -1.60 -6.50 25.23
C ARG G 39 -0.47 -6.35 26.24
N LYS G 40 0.75 -6.64 25.80
CA LYS G 40 1.94 -6.41 26.60
C LYS G 40 2.50 -5.03 26.33
N GLY G 41 3.53 -4.65 27.07
CA GLY G 41 4.14 -3.33 26.92
C GLY G 41 3.36 -2.27 27.66
N ASN G 42 2.29 -2.68 28.33
CA ASN G 42 1.47 -1.79 29.15
C ASN G 42 0.97 -0.56 28.38
N TYR G 43 0.57 -0.74 27.14
CA TYR G 43 0.04 0.39 26.38
C TYR G 43 -1.35 0.77 26.85
N SER G 44 -2.06 -0.21 27.40
CA SER G 44 -3.39 0.02 27.94
C SER G 44 -3.80 -1.09 28.87
N GLU G 45 -4.89 -0.87 29.61
CA GLU G 45 -5.48 -1.91 30.44
C GLU G 45 -6.09 -2.99 29.56
N ARG G 46 -6.69 -2.58 28.44
CA ARG G 46 -7.34 -3.53 27.55
C ARG G 46 -7.06 -3.21 26.08
N VAL G 47 -7.10 -4.24 25.24
CA VAL G 47 -6.94 -4.07 23.81
C VAL G 47 -8.14 -4.62 23.06
N GLY G 48 -8.73 -3.79 22.20
CA GLY G 48 -9.88 -4.19 21.41
C GLY G 48 -9.47 -5.28 20.43
N ALA G 49 -10.37 -6.23 20.21
CA ALA G 49 -10.07 -7.40 19.38
C ALA G 49 -9.74 -7.03 17.95
N GLY G 50 -10.33 -5.94 17.46
CA GLY G 50 -10.09 -5.48 16.09
C GLY G 50 -8.81 -4.67 15.96
N ALA G 51 -8.25 -4.23 17.08
CA ALA G 51 -7.10 -3.33 17.02
C ALA G 51 -5.89 -4.00 16.35
N PRO G 52 -5.51 -5.24 16.72
CA PRO G 52 -4.38 -5.97 16.17
C PRO G 52 -4.51 -6.15 14.67
N VAL G 53 -5.75 -6.36 14.22
CA VAL G 53 -6.02 -6.55 12.81
C VAL G 53 -5.75 -5.28 12.05
N TYR G 54 -6.26 -4.18 12.58
CA TYR G 54 -6.08 -2.89 11.94
C TYR G 54 -4.60 -2.55 11.86
N LEU G 55 -3.87 -2.76 12.95
CA LEU G 55 -2.45 -2.46 12.98
C LEU G 55 -1.66 -3.35 12.06
N ALA G 56 -1.96 -4.65 12.06
CA ALA G 56 -1.22 -5.58 11.22
C ALA G 56 -1.35 -5.16 9.76
N ALA G 57 -2.54 -4.71 9.37
CA ALA G 57 -2.76 -4.24 8.01
C ALA G 57 -1.90 -3.03 7.70
N VAL G 58 -1.75 -2.13 8.68
CA VAL G 58 -0.95 -0.94 8.48
C VAL G 58 0.52 -1.30 8.34
N LEU G 59 0.99 -2.21 9.19
CA LEU G 59 2.38 -2.64 9.13
C LEU G 59 2.67 -3.32 7.81
N GLU G 60 1.73 -4.15 7.37
CA GLU G 60 1.89 -4.84 6.09
C GLU G 60 1.93 -3.85 4.94
N TYR G 61 1.04 -2.87 4.99
CA TYR G 61 1.00 -1.85 3.95
C TYR G 61 2.31 -1.09 3.84
N LEU G 62 2.81 -0.61 4.96
CA LEU G 62 4.04 0.15 4.96
C LEU G 62 5.21 -0.73 4.52
N THR G 63 5.19 -1.98 4.97
CA THR G 63 6.22 -2.93 4.58
C THR G 63 6.22 -3.12 3.08
N ALA G 64 5.03 -3.28 2.52
CA ALA G 64 4.89 -3.46 1.08
C ALA G 64 5.40 -2.26 0.31
N GLU G 65 5.11 -1.05 0.80
CA GLU G 65 5.55 0.14 0.09
C GLU G 65 7.06 0.22 0.02
N ILE G 66 7.73 -0.14 1.11
CA ILE G 66 9.18 -0.10 1.14
C ILE G 66 9.77 -1.18 0.24
N LEU G 67 9.24 -2.39 0.37
CA LEU G 67 9.74 -3.50 -0.42
C LEU G 67 9.49 -3.28 -1.91
N GLU G 68 8.35 -2.69 -2.25
CA GLU G 68 8.05 -2.42 -3.63
C GLU G 68 9.08 -1.49 -4.24
N LEU G 69 9.41 -0.43 -3.52
CA LEU G 69 10.41 0.51 -4.01
C LEU G 69 11.80 -0.11 -4.02
N ALA G 70 12.10 -0.92 -3.01
CA ALA G 70 13.40 -1.58 -2.92
C ALA G 70 13.60 -2.54 -4.07
N GLY G 71 12.55 -3.26 -4.44
CA GLY G 71 12.64 -4.20 -5.55
C GLY G 71 12.93 -3.50 -6.86
N ASN G 72 12.37 -2.30 -7.03
CA ASN G 72 12.66 -1.52 -8.21
C ASN G 72 14.11 -1.05 -8.20
N ALA G 73 14.57 -0.59 -7.04
CA ALA G 73 15.94 -0.13 -6.91
C ALA G 73 16.92 -1.24 -7.25
N ALA G 74 16.58 -2.47 -6.87
CA ALA G 74 17.43 -3.59 -7.18
C ALA G 74 17.52 -3.79 -8.69
N ARG G 75 16.37 -3.82 -9.35
CA ARG G 75 16.36 -4.04 -10.80
C ARG G 75 16.95 -2.88 -11.58
N ASP G 76 16.79 -1.66 -11.06
CA ASP G 76 17.36 -0.48 -11.71
C ASP G 76 18.88 -0.57 -11.74
N ASN G 77 19.44 -1.35 -10.83
CA ASN G 77 20.88 -1.55 -10.76
C ASN G 77 21.26 -2.96 -11.20
N LYS G 78 20.33 -3.64 -11.87
CA LYS G 78 20.53 -4.98 -12.40
C LYS G 78 20.78 -6.02 -11.31
N LYS G 79 20.32 -5.75 -10.10
CA LYS G 79 20.46 -6.67 -8.98
C LYS G 79 19.18 -7.48 -8.79
N THR G 80 19.32 -8.68 -8.23
CA THR G 80 18.18 -9.51 -7.89
C THR G 80 17.99 -9.59 -6.38
N ARG G 81 18.93 -8.99 -5.65
CA ARG G 81 18.94 -9.04 -4.20
C ARG G 81 18.80 -7.65 -3.60
N ILE G 82 17.91 -7.51 -2.62
CA ILE G 82 17.77 -6.26 -1.91
C ILE G 82 18.84 -6.12 -0.84
N ILE G 83 19.54 -4.99 -0.87
CA ILE G 83 20.56 -4.69 0.11
C ILE G 83 20.22 -3.37 0.80
N PRO G 84 20.82 -3.07 1.96
CA PRO G 84 20.57 -1.89 2.76
C PRO G 84 20.62 -0.62 1.95
N ARG G 85 21.49 -0.58 0.93
CA ARG G 85 21.56 0.60 0.08
C ARG G 85 20.25 0.85 -0.64
N HIS G 86 19.59 -0.23 -1.06
CA HIS G 86 18.34 -0.09 -1.78
C HIS G 86 17.26 0.45 -0.86
N LEU G 87 17.27 -0.02 0.38
CA LEU G 87 16.30 0.47 1.35
C LEU G 87 16.51 1.95 1.61
N GLN G 88 17.77 2.35 1.76
CA GLN G 88 18.10 3.75 1.94
C GLN G 88 17.66 4.57 0.75
N LEU G 89 17.99 4.12 -0.46
CA LEU G 89 17.64 4.86 -1.65
C LEU G 89 16.14 5.00 -1.80
N ALA G 90 15.42 3.91 -1.54
CA ALA G 90 13.97 3.95 -1.63
C ALA G 90 13.39 4.96 -0.65
N ILE G 91 13.90 4.94 0.57
CA ILE G 91 13.39 5.80 1.62
C ILE G 91 13.70 7.28 1.39
N ARG G 92 14.89 7.58 0.90
CA ARG G 92 15.27 8.98 0.70
C ARG G 92 14.69 9.56 -0.58
N ASN G 93 14.45 8.71 -1.57
CA ASN G 93 13.84 9.18 -2.81
C ASN G 93 12.35 9.44 -2.60
N ASP G 94 11.71 8.57 -1.83
CA ASP G 94 10.29 8.71 -1.52
C ASP G 94 10.07 9.76 -0.44
N GLU G 95 9.38 10.84 -0.77
CA GLU G 95 9.24 11.96 0.15
C GLU G 95 8.52 11.58 1.43
N GLU G 96 7.49 10.75 1.31
CA GLU G 96 6.71 10.35 2.47
C GLU G 96 7.50 9.45 3.42
N LEU G 97 8.26 8.50 2.87
CA LEU G 97 9.08 7.66 3.71
C LEU G 97 10.20 8.44 4.37
N ASN G 98 10.75 9.42 3.65
CA ASN G 98 11.81 10.24 4.21
C ASN G 98 11.28 11.12 5.34
N LYS G 99 10.01 11.50 5.27
CA LYS G 99 9.41 12.23 6.37
C LYS G 99 9.24 11.33 7.59
N LEU G 100 8.78 10.12 7.35
CA LEU G 100 8.57 9.15 8.42
C LEU G 100 9.89 8.69 9.04
N LEU G 101 10.90 8.51 8.19
CA LEU G 101 12.17 7.94 8.63
C LEU G 101 13.34 8.91 8.42
N GLY G 102 13.05 10.20 8.43
CA GLY G 102 14.06 11.22 8.10
C GLY G 102 15.24 11.23 9.07
N ARG G 103 14.99 10.90 10.33
CA ARG G 103 16.06 10.91 11.33
C ARG G 103 16.70 9.54 11.50
N VAL G 104 16.17 8.55 10.80
CA VAL G 104 16.66 7.17 10.92
C VAL G 104 17.95 6.96 10.14
N THR G 105 18.88 6.24 10.75
CA THR G 105 20.14 5.89 10.13
C THR G 105 20.15 4.41 9.80
N ILE G 106 20.73 4.06 8.66
CA ILE G 106 20.74 2.68 8.20
C ILE G 106 22.16 2.16 8.00
N ALA G 107 22.43 0.98 8.56
CA ALA G 107 23.75 0.37 8.42
C ALA G 107 24.06 0.16 6.93
N GLN G 108 25.22 0.64 6.52
CA GLN G 108 25.62 0.57 5.12
C GLN G 108 24.54 1.14 4.21
N GLY G 109 23.81 2.13 4.71
CA GLY G 109 22.71 2.73 3.96
C GLY G 109 23.22 3.53 2.77
N GLY G 110 24.35 4.19 2.94
CA GLY G 110 24.90 5.07 1.91
C GLY G 110 24.09 6.36 1.81
N VAL G 111 24.26 7.07 0.71
CA VAL G 111 23.58 8.36 0.52
C VAL G 111 23.03 8.53 -0.90
N LEU G 112 22.12 9.48 -1.06
CA LEU G 112 21.75 9.95 -2.39
C LEU G 112 22.95 10.70 -2.96
N PRO G 113 23.17 10.64 -4.28
CA PRO G 113 24.25 11.27 -5.02
C PRO G 113 24.03 12.76 -5.17
N ASN G 114 23.91 13.46 -4.04
CA ASN G 114 23.71 14.90 -4.03
C ASN G 114 24.99 15.68 -4.27
N ILE G 115 25.05 16.40 -5.38
CA ILE G 115 26.16 17.29 -5.65
C ILE G 115 25.63 18.67 -5.98
N GLN G 116 26.14 19.68 -5.29
CA GLN G 116 25.67 21.05 -5.50
C GLN G 116 26.15 21.61 -6.83
N ALA G 117 25.29 22.38 -7.48
CA ALA G 117 25.58 22.90 -8.82
C ALA G 117 26.82 23.78 -8.84
N VAL G 118 27.09 24.45 -7.72
CA VAL G 118 28.27 25.29 -7.61
C VAL G 118 29.57 24.49 -7.65
N LEU G 119 29.48 23.20 -7.32
CA LEU G 119 30.65 22.34 -7.30
C LEU G 119 30.91 21.73 -8.66
N LEU G 120 29.83 21.52 -9.42
CA LEU G 120 29.90 20.90 -10.73
C LEU G 120 30.56 21.83 -11.74
N PRO G 121 31.25 21.29 -12.75
CA PRO G 121 31.92 21.99 -13.82
C PRO G 121 30.92 22.67 -14.74
N LYS G 122 31.26 23.88 -15.20
CA LYS G 122 30.40 24.66 -16.08
C LYS G 122 31.21 25.77 -16.76
N ARG H 35 16.63 -25.60 23.58
CA ARG H 35 17.15 -24.40 22.94
C ARG H 35 16.11 -23.29 22.98
N SER H 36 16.56 -22.04 22.94
CA SER H 36 15.69 -20.86 22.95
C SER H 36 15.13 -20.57 21.57
N ARG H 37 14.10 -19.72 21.52
CA ARG H 37 13.49 -19.32 20.26
C ARG H 37 13.24 -17.81 20.23
N LYS H 38 13.61 -17.16 19.13
CA LYS H 38 13.39 -15.72 18.98
C LYS H 38 12.48 -15.39 17.81
N GLU H 39 11.43 -14.63 18.08
CA GLU H 39 10.49 -14.20 17.05
C GLU H 39 11.12 -13.19 16.10
N SER H 40 10.72 -13.25 14.83
CA SER H 40 11.17 -12.26 13.86
C SER H 40 10.09 -12.05 12.82
N TYR H 41 10.21 -11.00 12.04
CA TYR H 41 9.24 -10.73 11.00
C TYR H 41 9.75 -11.22 9.66
N SER H 42 10.87 -11.92 9.68
CA SER H 42 11.54 -12.31 8.45
C SER H 42 10.66 -13.17 7.56
N ILE H 43 9.83 -14.01 8.17
CA ILE H 43 8.90 -14.84 7.42
C ILE H 43 7.94 -13.98 6.62
N TYR H 44 7.41 -12.96 7.26
CA TYR H 44 6.37 -12.13 6.67
C TYR H 44 6.93 -11.10 5.71
N VAL H 45 8.11 -10.56 6.01
CA VAL H 45 8.75 -9.63 5.11
C VAL H 45 9.05 -10.33 3.79
N TYR H 46 9.55 -11.55 3.89
CA TYR H 46 9.82 -12.38 2.73
C TYR H 46 8.57 -12.63 1.90
N LYS H 47 7.51 -13.07 2.57
CA LYS H 47 6.26 -13.35 1.87
C LYS H 47 5.71 -12.12 1.15
N VAL H 48 5.80 -10.97 1.80
CA VAL H 48 5.30 -9.75 1.18
C VAL H 48 6.07 -9.43 -0.09
N LEU H 49 7.38 -9.57 -0.05
CA LEU H 49 8.17 -9.30 -1.25
C LEU H 49 7.81 -10.25 -2.37
N LYS H 50 7.60 -11.52 -2.04
CA LYS H 50 7.26 -12.51 -3.05
C LYS H 50 5.93 -12.21 -3.73
N GLN H 51 5.06 -11.49 -3.05
CA GLN H 51 3.79 -11.09 -3.66
C GLN H 51 3.92 -9.82 -4.49
N VAL H 52 5.05 -9.12 -4.36
CA VAL H 52 5.24 -7.84 -5.04
C VAL H 52 6.28 -7.95 -6.16
N HIS H 53 7.44 -8.52 -5.83
CA HIS H 53 8.53 -8.69 -6.76
C HIS H 53 9.15 -10.09 -6.63
N PRO H 54 8.48 -11.11 -7.18
CA PRO H 54 8.74 -12.52 -6.98
C PRO H 54 10.15 -12.90 -7.47
N ASP H 55 10.71 -12.06 -8.34
CA ASP H 55 12.01 -12.31 -8.92
C ASP H 55 13.16 -11.75 -8.08
N THR H 56 12.87 -11.26 -6.88
CA THR H 56 13.92 -10.68 -6.05
C THR H 56 13.97 -11.32 -4.67
N GLY H 57 15.13 -11.19 -4.02
CA GLY H 57 15.33 -11.71 -2.67
C GLY H 57 15.84 -10.63 -1.73
N ILE H 58 16.07 -11.00 -0.47
CA ILE H 58 16.48 -10.03 0.54
C ILE H 58 17.77 -10.46 1.24
N SER H 59 18.74 -9.56 1.32
CA SER H 59 19.97 -9.81 2.05
C SER H 59 19.70 -9.88 3.56
N SER H 60 20.58 -10.56 4.28
CA SER H 60 20.39 -10.68 5.72
C SER H 60 20.43 -9.34 6.42
N LYS H 61 21.23 -8.41 5.90
CA LYS H 61 21.28 -7.08 6.48
C LYS H 61 20.01 -6.31 6.20
N ALA H 62 19.51 -6.41 4.97
CA ALA H 62 18.27 -5.74 4.62
C ALA H 62 17.12 -6.28 5.48
N MET H 63 17.17 -7.57 5.75
CA MET H 63 16.15 -8.20 6.58
C MET H 63 16.21 -7.70 8.02
N GLY H 64 17.42 -7.51 8.54
CA GLY H 64 17.60 -6.97 9.88
C GLY H 64 17.07 -5.54 9.97
N ILE H 65 17.23 -4.80 8.88
CA ILE H 65 16.73 -3.44 8.79
C ILE H 65 15.20 -3.42 8.80
N MET H 66 14.59 -4.31 8.04
CA MET H 66 13.14 -4.37 7.99
C MET H 66 12.55 -4.78 9.34
N ASN H 67 13.25 -5.66 10.05
CA ASN H 67 12.82 -6.02 11.39
C ASN H 67 12.93 -4.83 12.34
N SER H 68 13.98 -4.03 12.17
CA SER H 68 14.18 -2.86 13.00
C SER H 68 13.08 -1.84 12.71
N PHE H 69 12.73 -1.72 11.43
CA PHE H 69 11.67 -0.82 10.99
C PHE H 69 10.33 -1.19 11.58
N VAL H 70 9.97 -2.47 11.52
CA VAL H 70 8.66 -2.88 11.99
C VAL H 70 8.47 -2.59 13.47
N ASN H 71 9.47 -2.91 14.29
CA ASN H 71 9.32 -2.66 15.71
C ASN H 71 9.29 -1.16 16.03
N ASP H 72 10.04 -0.37 15.28
CA ASP H 72 10.01 1.07 15.46
C ASP H 72 8.62 1.62 15.22
N ILE H 73 8.04 1.27 14.08
CA ILE H 73 6.72 1.78 13.73
C ILE H 73 5.67 1.26 14.70
N PHE H 74 5.80 0.00 15.11
CA PHE H 74 4.87 -0.56 16.07
C PHE H 74 4.86 0.28 17.34
N GLU H 75 6.04 0.60 17.86
CA GLU H 75 6.13 1.40 19.07
C GLU H 75 5.53 2.79 18.88
N ARG H 76 5.79 3.40 17.72
CA ARG H 76 5.26 4.72 17.47
C ARG H 76 3.75 4.74 17.52
N ILE H 77 3.13 3.76 16.87
CA ILE H 77 1.67 3.69 16.84
C ILE H 77 1.12 3.29 18.21
N ALA H 78 1.70 2.26 18.81
CA ALA H 78 1.22 1.79 20.10
C ALA H 78 1.38 2.89 21.15
N GLY H 79 2.46 3.65 21.05
CA GLY H 79 2.70 4.77 21.96
C GLY H 79 1.67 5.87 21.76
N GLU H 80 1.46 6.26 20.51
CA GLU H 80 0.53 7.33 20.20
C GLU H 80 -0.89 6.93 20.59
N ALA H 81 -1.25 5.67 20.33
CA ALA H 81 -2.56 5.15 20.69
C ALA H 81 -2.75 5.16 22.20
N SER H 82 -1.68 4.86 22.92
CA SER H 82 -1.73 4.86 24.38
C SER H 82 -2.04 6.25 24.92
N ARG H 83 -1.38 7.26 24.35
CA ARG H 83 -1.62 8.64 24.76
C ARG H 83 -3.03 9.10 24.43
N LEU H 84 -3.54 8.67 23.28
CA LEU H 84 -4.89 9.03 22.89
C LEU H 84 -5.92 8.47 23.86
N ALA H 85 -5.69 7.23 24.32
CA ALA H 85 -6.57 6.66 25.32
C ALA H 85 -6.47 7.44 26.62
N HIS H 86 -5.26 7.85 26.97
CA HIS H 86 -5.03 8.61 28.19
C HIS H 86 -5.73 9.97 28.14
N TYR H 87 -5.60 10.65 27.01
CA TYR H 87 -6.16 11.99 26.83
C TYR H 87 -7.67 11.98 26.90
N ASN H 88 -8.28 10.83 26.66
CA ASN H 88 -9.72 10.70 26.67
C ASN H 88 -10.20 9.80 27.80
N LYS H 89 -9.30 9.49 28.73
CA LYS H 89 -9.61 8.68 29.88
C LYS H 89 -10.21 7.32 29.50
N ARG H 90 -9.74 6.76 28.40
CA ARG H 90 -10.21 5.45 27.97
C ARG H 90 -9.25 4.37 28.43
N SER H 91 -9.76 3.15 28.60
CA SER H 91 -8.95 2.04 29.08
C SER H 91 -8.73 0.98 28.02
N THR H 92 -9.31 1.18 26.84
CA THR H 92 -9.22 0.19 25.77
C THR H 92 -8.74 0.81 24.47
N ILE H 93 -7.84 0.11 23.80
CA ILE H 93 -7.36 0.53 22.48
C ILE H 93 -8.18 -0.12 21.38
N THR H 94 -8.72 0.69 20.50
CA THR H 94 -9.54 0.19 19.40
C THR H 94 -8.98 0.69 18.08
N SER H 95 -9.64 0.31 16.99
CA SER H 95 -9.23 0.76 15.68
C SER H 95 -9.30 2.28 15.55
N ARG H 96 -10.12 2.92 16.38
CA ARG H 96 -10.23 4.38 16.32
C ARG H 96 -8.94 5.04 16.78
N GLU H 97 -8.35 4.52 17.86
CA GLU H 97 -7.09 5.05 18.35
C GLU H 97 -5.99 4.83 17.34
N ILE H 98 -5.96 3.64 16.76
CA ILE H 98 -4.93 3.34 15.78
C ILE H 98 -5.11 4.18 14.53
N GLN H 99 -6.34 4.27 14.04
CA GLN H 99 -6.57 5.09 12.87
C GLN H 99 -6.12 6.52 13.12
N THR H 100 -6.43 7.02 14.30
CA THR H 100 -6.04 8.36 14.67
C THR H 100 -4.53 8.48 14.73
N ALA H 101 -3.89 7.50 15.34
CA ALA H 101 -2.44 7.46 15.44
C ALA H 101 -1.81 7.42 14.04
N VAL H 102 -2.43 6.69 13.14
CA VAL H 102 -1.95 6.61 11.77
C VAL H 102 -2.08 7.94 11.08
N ARG H 103 -3.23 8.59 11.24
CA ARG H 103 -3.46 9.90 10.65
C ARG H 103 -2.47 10.93 11.20
N LEU H 104 -2.12 10.80 12.47
CA LEU H 104 -1.16 11.69 13.10
C LEU H 104 0.29 11.40 12.68
N LEU H 105 0.65 10.11 12.69
CA LEU H 105 2.03 9.70 12.43
C LEU H 105 2.43 9.76 10.97
N LEU H 106 1.59 9.25 10.08
CA LEU H 106 1.95 9.16 8.68
C LEU H 106 1.65 10.45 7.93
N PRO H 107 2.38 10.70 6.83
CA PRO H 107 2.07 11.64 5.78
C PRO H 107 0.72 11.31 5.18
N GLY H 108 0.02 12.34 4.70
CA GLY H 108 -1.36 12.17 4.28
C GLY H 108 -1.54 11.10 3.20
N GLU H 109 -0.61 11.00 2.27
CA GLU H 109 -0.75 10.02 1.21
C GLU H 109 -0.74 8.60 1.75
N LEU H 110 0.24 8.31 2.61
CA LEU H 110 0.35 6.98 3.21
C LEU H 110 -0.80 6.73 4.17
N ALA H 111 -1.22 7.77 4.87
CA ALA H 111 -2.29 7.62 5.84
C ALA H 111 -3.58 7.21 5.15
N LYS H 112 -3.86 7.79 4.00
CA LYS H 112 -5.07 7.44 3.27
C LYS H 112 -5.08 5.96 2.92
N HIS H 113 -3.97 5.48 2.40
CA HIS H 113 -3.87 4.08 2.01
C HIS H 113 -3.88 3.16 3.23
N ALA H 114 -3.12 3.53 4.25
CA ALA H 114 -3.01 2.72 5.46
C ALA H 114 -4.35 2.61 6.16
N VAL H 115 -5.10 3.71 6.19
CA VAL H 115 -6.41 3.71 6.83
C VAL H 115 -7.38 2.85 6.04
N SER H 116 -7.34 2.94 4.72
CA SER H 116 -8.20 2.10 3.89
C SER H 116 -7.87 0.63 4.09
N GLU H 117 -6.58 0.30 4.12
CA GLU H 117 -6.18 -1.09 4.31
C GLU H 117 -6.61 -1.61 5.67
N GLY H 118 -6.43 -0.81 6.70
CA GLY H 118 -6.86 -1.19 8.03
C GLY H 118 -8.37 -1.37 8.07
N THR H 119 -9.07 -0.49 7.38
CA THR H 119 -10.52 -0.56 7.31
C THR H 119 -10.97 -1.84 6.64
N LYS H 120 -10.35 -2.17 5.52
CA LYS H 120 -10.70 -3.37 4.78
C LYS H 120 -10.39 -4.63 5.58
N ALA H 121 -9.23 -4.65 6.23
CA ALA H 121 -8.82 -5.82 7.01
C ALA H 121 -9.79 -6.09 8.13
N VAL H 122 -10.21 -5.04 8.83
CA VAL H 122 -11.15 -5.20 9.92
C VAL H 122 -12.52 -5.60 9.37
N THR H 123 -12.91 -4.97 8.27
CA THR H 123 -14.19 -5.28 7.66
C THR H 123 -14.27 -6.75 7.28
N LYS H 124 -13.21 -7.23 6.62
CA LYS H 124 -13.16 -8.62 6.18
C LYS H 124 -13.13 -9.57 7.37
N TYR H 125 -12.36 -9.20 8.39
CA TYR H 125 -12.25 -10.03 9.58
C TYR H 125 -13.57 -10.13 10.34
N THR H 126 -14.17 -8.97 10.61
CA THR H 126 -15.39 -8.91 11.41
C THR H 126 -16.57 -9.51 10.67
N SER H 127 -16.55 -9.41 9.34
CA SER H 127 -17.59 -9.99 8.51
C SER H 127 -17.47 -11.52 8.38
N ALA H 128 -16.34 -12.08 8.83
CA ALA H 128 -16.05 -13.50 8.75
C ALA H 128 -15.39 -13.97 10.04
N ASP K 10 40.95 9.75 -20.35
CA ASP K 10 40.99 9.61 -18.90
C ASP K 10 41.53 8.22 -18.52
N LYS K 11 41.62 7.98 -17.21
CA LYS K 11 42.12 6.71 -16.65
C LYS K 11 41.27 5.51 -17.09
N ASP K 12 41.94 4.45 -17.55
CA ASP K 12 41.27 3.23 -17.96
C ASP K 12 40.58 2.56 -16.77
N LYS K 13 39.37 2.06 -17.00
CA LYS K 13 38.58 1.46 -15.92
C LYS K 13 37.58 0.44 -16.45
N ALA K 14 37.02 -0.35 -15.53
CA ALA K 14 35.98 -1.34 -15.82
C ALA K 14 36.50 -2.55 -16.58
N LYS K 15 37.83 -2.73 -16.60
CA LYS K 15 38.41 -3.93 -17.20
C LYS K 15 37.94 -5.17 -16.45
N ARG K 16 38.01 -5.09 -15.12
CA ARG K 16 37.58 -6.19 -14.25
C ARG K 16 36.08 -6.43 -14.37
N VAL K 17 35.34 -5.33 -14.50
CA VAL K 17 33.89 -5.41 -14.61
C VAL K 17 33.46 -6.16 -15.87
N SER K 18 34.14 -5.90 -16.98
CA SER K 18 33.82 -6.58 -18.23
C SER K 18 34.01 -8.08 -18.11
N ARG K 19 35.10 -8.50 -17.46
CA ARG K 19 35.33 -9.92 -17.25
C ARG K 19 34.32 -10.53 -16.29
N ASN K 20 34.04 -9.82 -15.20
CA ASN K 20 33.11 -10.34 -14.20
C ASN K 20 31.70 -10.42 -14.78
N LYS K 21 31.33 -9.42 -15.57
CA LYS K 21 30.04 -9.38 -16.23
C LYS K 21 29.90 -10.54 -17.21
N SER K 22 30.97 -10.82 -17.95
CA SER K 22 30.96 -11.89 -18.92
C SER K 22 30.79 -13.26 -18.26
N GLU K 23 31.48 -13.47 -17.14
CA GLU K 23 31.37 -14.72 -16.40
C GLU K 23 29.94 -14.89 -15.88
N LYS K 24 29.40 -13.80 -15.34
CA LYS K 24 28.03 -13.80 -14.82
C LYS K 24 27.00 -14.04 -15.93
N LYS K 25 27.23 -13.44 -17.09
CA LYS K 25 26.34 -13.61 -18.22
C LYS K 25 26.22 -15.08 -18.61
N ARG K 26 27.34 -15.80 -18.58
CA ARG K 26 27.31 -17.22 -18.87
C ARG K 26 26.46 -17.97 -17.85
N ARG K 27 26.61 -17.62 -16.58
CA ARG K 27 25.81 -18.27 -15.54
C ARG K 27 24.33 -18.00 -15.75
N ASP K 28 24.01 -16.77 -16.17
CA ASP K 28 22.62 -16.41 -16.44
C ASP K 28 22.05 -17.22 -17.59
N GLN K 29 22.86 -17.44 -18.64
CA GLN K 29 22.40 -18.22 -19.79
C GLN K 29 22.09 -19.65 -19.39
N PHE K 30 22.94 -20.22 -18.55
CA PHE K 30 22.72 -21.57 -18.05
C PHE K 30 21.44 -21.64 -17.24
N ASN K 31 21.23 -20.66 -16.37
CA ASN K 31 20.05 -20.61 -15.52
C ASN K 31 18.77 -20.52 -16.33
N VAL K 32 18.82 -19.76 -17.43
CA VAL K 32 17.67 -19.63 -18.31
C VAL K 32 17.29 -20.97 -18.93
N LEU K 33 18.29 -21.72 -19.37
CA LEU K 33 18.04 -23.01 -19.99
C LEU K 33 17.51 -24.03 -18.98
N ILE K 34 17.99 -23.97 -17.75
CA ILE K 34 17.48 -24.86 -16.72
C ILE K 34 15.99 -24.60 -16.48
N LYS K 35 15.63 -23.33 -16.41
CA LYS K 35 14.23 -22.95 -16.21
C LYS K 35 13.38 -23.42 -17.39
N GLU K 36 13.85 -23.19 -18.61
CA GLU K 36 13.12 -23.61 -19.79
C GLU K 36 12.95 -25.12 -19.84
N LEU K 37 14.03 -25.83 -19.59
CA LEU K 37 14.01 -27.29 -19.63
C LEU K 37 13.02 -27.87 -18.64
N GLY K 38 13.04 -27.37 -17.41
CA GLY K 38 12.15 -27.84 -16.36
C GLY K 38 10.68 -27.49 -16.61
N SER K 39 10.42 -26.35 -17.26
CA SER K 39 9.07 -25.83 -17.36
C SER K 39 8.11 -26.75 -18.13
N MET K 40 8.63 -27.52 -19.07
CA MET K 40 7.78 -28.35 -19.92
C MET K 40 7.45 -29.70 -19.32
N LEU K 41 8.06 -30.01 -18.18
CA LEU K 41 7.91 -31.33 -17.58
C LEU K 41 6.52 -31.56 -17.03
N PRO K 42 6.07 -32.81 -16.99
CA PRO K 42 4.93 -33.31 -16.24
C PRO K 42 5.27 -33.40 -14.77
N GLY K 43 4.28 -33.29 -13.90
CA GLY K 43 4.52 -33.41 -12.47
C GLY K 43 5.35 -32.24 -11.96
N ASN K 44 5.16 -31.07 -12.57
CA ASN K 44 5.92 -29.89 -12.20
C ASN K 44 5.74 -29.53 -10.74
N ALA K 45 6.84 -29.12 -10.12
CA ALA K 45 6.82 -28.71 -8.72
C ALA K 45 7.85 -27.62 -8.49
N ARG K 46 7.63 -26.82 -7.46
CA ARG K 46 8.60 -25.82 -7.07
C ARG K 46 9.61 -26.41 -6.09
N LYS K 47 10.72 -25.70 -5.91
CA LYS K 47 11.76 -26.08 -4.96
C LYS K 47 12.49 -27.36 -5.36
N MET K 48 12.45 -27.70 -6.64
CA MET K 48 13.28 -28.79 -7.15
C MET K 48 14.71 -28.34 -7.34
N ASP K 49 15.66 -29.15 -6.91
CA ASP K 49 17.06 -28.91 -7.21
C ASP K 49 17.34 -29.15 -8.69
N LYS K 50 18.40 -28.54 -9.20
CA LYS K 50 18.72 -28.62 -10.62
C LYS K 50 18.96 -30.05 -11.07
N SER K 51 19.54 -30.86 -10.19
CA SER K 51 19.76 -32.27 -10.49
C SER K 51 18.43 -32.99 -10.70
N THR K 52 17.46 -32.68 -9.85
CA THR K 52 16.11 -33.21 -10.00
C THR K 52 15.45 -32.72 -11.27
N VAL K 53 15.67 -31.46 -11.62
CA VAL K 53 15.10 -30.91 -12.84
C VAL K 53 15.61 -31.66 -14.05
N LEU K 54 16.91 -31.91 -14.10
CA LEU K 54 17.48 -32.65 -15.21
C LEU K 54 17.05 -34.12 -15.19
N GLN K 55 16.97 -34.72 -14.01
CA GLN K 55 16.57 -36.13 -13.93
C GLN K 55 15.14 -36.29 -14.43
N LYS K 56 14.26 -35.37 -14.06
CA LYS K 56 12.89 -35.42 -14.55
C LYS K 56 12.84 -35.08 -16.03
N SER K 57 13.76 -34.23 -16.49
CA SER K 57 13.85 -33.89 -17.91
C SER K 57 14.36 -35.07 -18.72
N ILE K 58 15.26 -35.84 -18.13
CA ILE K 58 15.77 -37.06 -18.75
C ILE K 58 14.65 -38.08 -18.90
N ASP K 59 13.90 -38.27 -17.82
CA ASP K 59 12.78 -39.20 -17.83
C ASP K 59 11.65 -38.67 -18.69
N PHE K 60 11.45 -37.36 -18.70
CA PHE K 60 10.43 -36.76 -19.54
C PHE K 60 10.72 -36.96 -21.01
N LEU K 61 11.96 -36.73 -21.43
CA LEU K 61 12.33 -36.96 -22.82
C LEU K 61 12.13 -38.42 -23.21
N ARG K 62 12.45 -39.34 -22.29
CA ARG K 62 12.22 -40.75 -22.57
C ARG K 62 10.74 -41.03 -22.77
N LYS K 63 9.92 -40.50 -21.88
CA LYS K 63 8.47 -40.66 -21.93
C LYS K 63 7.87 -39.93 -23.12
N HIS K 64 8.39 -38.74 -23.41
CA HIS K 64 7.89 -37.92 -24.50
C HIS K 64 8.13 -38.60 -25.83
N LYS K 65 9.34 -39.12 -26.03
CA LYS K 65 9.65 -39.82 -27.27
C LYS K 65 8.78 -41.06 -27.44
N GLU K 66 8.60 -41.82 -26.37
CA GLU K 66 7.79 -43.03 -26.44
C GLU K 66 6.32 -42.73 -26.70
N THR K 67 5.77 -41.75 -25.98
CA THR K 67 4.36 -41.41 -26.11
C THR K 67 4.03 -40.75 -27.45
N THR K 68 4.95 -39.95 -27.98
CA THR K 68 4.71 -39.32 -29.27
C THR K 68 4.91 -40.33 -30.39
N ALA K 69 5.89 -41.23 -30.23
CA ALA K 69 6.14 -42.25 -31.25
C ALA K 69 4.95 -43.19 -31.37
N GLN K 70 4.26 -43.42 -30.25
CA GLN K 70 3.10 -44.30 -30.22
C GLN K 70 1.76 -43.57 -30.42
N SER K 71 1.79 -42.27 -30.73
CA SER K 71 0.57 -41.50 -30.96
C SER K 71 -0.09 -41.89 -32.28
N ASN K 87 -5.44 -27.65 -31.91
CA ASN K 87 -6.71 -28.35 -31.83
C ASN K 87 -7.51 -27.91 -30.61
N GLU K 88 -6.80 -27.48 -29.56
CA GLU K 88 -7.46 -26.99 -28.35
C GLU K 88 -8.22 -25.70 -28.60
N GLU K 89 -7.57 -24.74 -29.25
CA GLU K 89 -8.21 -23.45 -29.51
C GLU K 89 -9.33 -23.60 -30.53
N PHE K 90 -9.11 -24.44 -31.53
CA PHE K 90 -10.15 -24.73 -32.52
C PHE K 90 -11.35 -25.39 -31.86
N THR K 91 -11.10 -26.39 -31.02
CA THR K 91 -12.18 -27.11 -30.38
C THR K 91 -13.01 -26.21 -29.48
N GLN K 92 -12.34 -25.36 -28.70
CA GLN K 92 -13.07 -24.41 -27.86
C GLN K 92 -13.93 -23.50 -28.70
N LEU K 93 -13.35 -22.97 -29.77
CA LEU K 93 -14.05 -22.05 -30.63
C LEU K 93 -15.27 -22.68 -31.29
N MET K 94 -15.10 -23.89 -31.79
CA MET K 94 -16.18 -24.57 -32.48
C MET K 94 -17.29 -24.96 -31.50
N LEU K 95 -16.91 -25.41 -30.30
CA LEU K 95 -17.91 -25.75 -29.30
C LEU K 95 -18.74 -24.54 -28.91
N GLU K 96 -18.10 -23.39 -28.75
CA GLU K 96 -18.84 -22.18 -28.41
C GLU K 96 -19.76 -21.73 -29.54
N ALA K 97 -19.26 -21.78 -30.78
CA ALA K 97 -20.04 -21.35 -31.93
C ALA K 97 -21.27 -22.24 -32.12
N LEU K 98 -21.10 -23.53 -31.84
CA LEU K 98 -22.16 -24.51 -31.96
C LEU K 98 -23.10 -24.50 -30.76
N ASP K 99 -22.73 -23.76 -29.72
CA ASP K 99 -23.45 -23.83 -28.45
C ASP K 99 -23.55 -25.27 -27.99
N GLY K 100 -22.42 -25.98 -27.97
CA GLY K 100 -22.44 -27.39 -27.61
C GLY K 100 -21.32 -27.79 -26.66
N PHE K 101 -21.34 -29.06 -26.29
CA PHE K 101 -20.39 -29.65 -25.36
C PHE K 101 -20.15 -31.11 -25.72
N PHE K 102 -18.98 -31.64 -25.41
CA PHE K 102 -18.80 -33.08 -25.59
C PHE K 102 -19.48 -33.80 -24.45
N LEU K 103 -20.14 -34.90 -24.77
CA LEU K 103 -20.74 -35.74 -23.74
C LEU K 103 -20.48 -37.20 -24.06
N ALA K 104 -20.03 -37.96 -23.08
CA ALA K 104 -19.80 -39.37 -23.28
C ALA K 104 -20.52 -40.20 -22.23
N ILE K 105 -21.25 -41.21 -22.70
CA ILE K 105 -22.03 -42.06 -21.81
C ILE K 105 -21.86 -43.54 -22.15
N MET K 106 -21.95 -44.39 -21.14
CA MET K 106 -21.91 -45.83 -21.31
C MET K 106 -23.21 -46.34 -21.90
N THR K 107 -23.17 -47.58 -22.41
CA THR K 107 -24.37 -48.23 -22.93
C THR K 107 -25.47 -48.27 -21.87
N ASP K 108 -25.07 -48.39 -20.60
CA ASP K 108 -26.01 -48.39 -19.48
C ASP K 108 -26.58 -47.00 -19.22
N GLY K 109 -26.05 -45.99 -19.89
CA GLY K 109 -26.51 -44.62 -19.73
C GLY K 109 -25.66 -43.79 -18.76
N SER K 110 -24.74 -44.43 -18.05
CA SER K 110 -23.89 -43.70 -17.11
C SER K 110 -22.98 -42.71 -17.84
N ILE K 111 -22.94 -41.49 -17.34
CA ILE K 111 -22.07 -40.46 -17.92
C ILE K 111 -20.64 -40.64 -17.44
N ILE K 112 -19.70 -40.62 -18.38
CA ILE K 112 -18.30 -40.81 -18.02
C ILE K 112 -17.49 -39.53 -18.19
N TYR K 113 -17.88 -38.68 -19.12
CA TYR K 113 -17.24 -37.39 -19.29
C TYR K 113 -18.16 -36.37 -19.93
N VAL K 114 -17.93 -35.10 -19.61
CA VAL K 114 -18.60 -34.01 -20.28
C VAL K 114 -17.68 -32.78 -20.36
N SER K 115 -17.78 -32.04 -21.46
CA SER K 115 -17.03 -30.78 -21.58
C SER K 115 -17.57 -29.76 -20.61
N GLU K 116 -16.70 -28.88 -20.13
CA GLU K 116 -17.07 -27.84 -19.18
C GLU K 116 -18.09 -26.88 -19.76
N SER K 117 -18.14 -26.76 -21.09
CA SER K 117 -19.07 -25.84 -21.74
C SER K 117 -20.53 -26.19 -21.41
N VAL K 118 -20.77 -27.41 -20.98
CA VAL K 118 -22.11 -27.84 -20.58
C VAL K 118 -22.63 -27.00 -19.43
N THR K 119 -21.72 -26.49 -18.61
CA THR K 119 -22.11 -25.70 -17.46
C THR K 119 -22.71 -24.36 -17.93
N SER K 120 -22.18 -23.82 -19.02
CA SER K 120 -22.69 -22.56 -19.55
C SER K 120 -24.00 -22.73 -20.30
N LEU K 121 -24.19 -23.92 -20.89
CA LEU K 121 -25.34 -24.19 -21.73
C LEU K 121 -26.54 -24.77 -20.97
N LEU K 122 -26.26 -25.73 -20.09
CA LEU K 122 -27.32 -26.44 -19.38
C LEU K 122 -27.22 -26.23 -17.86
N GLU K 123 -26.26 -25.43 -17.42
CA GLU K 123 -26.08 -25.15 -16.00
C GLU K 123 -25.77 -26.41 -15.18
N HIS K 124 -25.11 -27.38 -15.81
CA HIS K 124 -24.69 -28.57 -15.08
C HIS K 124 -23.19 -28.57 -14.84
N LEU K 125 -22.78 -28.86 -13.61
CA LEU K 125 -21.37 -29.07 -13.35
C LEU K 125 -21.01 -30.47 -13.84
N PRO K 126 -19.76 -30.71 -14.23
CA PRO K 126 -19.21 -32.02 -14.53
C PRO K 126 -19.48 -32.99 -13.38
N SER K 127 -19.46 -32.48 -12.16
CA SER K 127 -19.75 -33.28 -10.97
C SER K 127 -21.22 -33.65 -10.86
N ASP K 128 -22.08 -32.90 -11.54
CA ASP K 128 -23.52 -33.19 -11.54
C ASP K 128 -23.86 -34.24 -12.57
N LEU K 129 -23.09 -34.28 -13.65
CA LEU K 129 -23.34 -35.21 -14.74
C LEU K 129 -22.55 -36.51 -14.62
N VAL K 130 -21.25 -36.40 -14.37
CA VAL K 130 -20.39 -37.58 -14.36
C VAL K 130 -20.78 -38.59 -13.30
N ASP K 131 -20.78 -39.87 -13.71
CA ASP K 131 -21.18 -41.02 -12.89
C ASP K 131 -22.69 -41.09 -12.66
N GLN K 132 -23.42 -40.12 -13.19
CA GLN K 132 -24.87 -40.13 -13.09
C GLN K 132 -25.47 -40.73 -14.37
N SER K 133 -26.69 -41.24 -14.27
CA SER K 133 -27.37 -41.75 -15.45
C SER K 133 -27.85 -40.60 -16.34
N ILE K 134 -27.65 -40.74 -17.64
CA ILE K 134 -28.13 -39.76 -18.60
C ILE K 134 -29.65 -39.68 -18.57
N PHE K 135 -30.29 -40.77 -18.17
CA PHE K 135 -31.74 -40.86 -18.15
C PHE K 135 -32.34 -40.08 -16.99
N ASN K 136 -31.49 -39.58 -16.10
CA ASN K 136 -31.94 -38.68 -15.04
C ASN K 136 -32.26 -37.30 -15.61
N PHE K 137 -31.71 -37.01 -16.79
CA PHE K 137 -31.86 -35.70 -17.40
C PHE K 137 -32.81 -35.75 -18.61
N ILE K 138 -32.89 -36.90 -19.24
CA ILE K 138 -33.81 -37.12 -20.36
C ILE K 138 -35.23 -37.32 -19.81
N PRO K 139 -36.26 -36.69 -20.42
CA PRO K 139 -37.66 -36.88 -20.12
C PRO K 139 -38.06 -38.34 -20.25
N GLU K 140 -38.94 -38.80 -19.38
CA GLU K 140 -39.31 -40.22 -19.33
C GLU K 140 -39.85 -40.73 -20.65
N GLY K 141 -40.52 -39.86 -21.40
CA GLY K 141 -41.10 -40.26 -22.68
C GLY K 141 -40.05 -40.41 -23.77
N GLU K 142 -38.83 -39.99 -23.47
CA GLU K 142 -37.74 -40.07 -24.44
C GLU K 142 -36.66 -41.06 -24.03
N HIS K 143 -36.89 -41.76 -22.92
CA HIS K 143 -35.90 -42.73 -22.43
C HIS K 143 -35.71 -43.87 -23.41
N SER K 144 -36.81 -44.33 -23.99
CA SER K 144 -36.78 -45.48 -24.88
C SER K 144 -35.93 -45.21 -26.12
N GLU K 145 -35.93 -43.96 -26.58
CA GLU K 145 -35.15 -43.62 -27.77
C GLU K 145 -33.66 -43.74 -27.50
N VAL K 146 -33.21 -43.19 -26.38
CA VAL K 146 -31.79 -43.25 -26.07
C VAL K 146 -31.36 -44.64 -25.61
N TYR K 147 -32.22 -45.34 -24.87
CA TYR K 147 -31.93 -46.73 -24.50
C TYR K 147 -31.79 -47.59 -25.75
N LYS K 148 -32.67 -47.37 -26.72
CA LYS K 148 -32.61 -48.10 -27.98
C LYS K 148 -31.32 -47.82 -28.73
N ILE K 149 -30.94 -46.55 -28.81
CA ILE K 149 -29.73 -46.17 -29.50
C ILE K 149 -28.49 -46.81 -28.87
N LEU K 150 -28.44 -46.82 -27.55
CA LEU K 150 -27.31 -47.40 -26.84
C LEU K 150 -27.32 -48.92 -26.87
N SER K 151 -28.50 -49.52 -26.75
CA SER K 151 -28.60 -50.97 -26.60
C SER K 151 -28.62 -51.71 -27.93
N THR K 152 -29.11 -51.06 -28.98
CA THR K 152 -29.21 -51.70 -30.29
C THR K 152 -27.85 -51.78 -30.98
N HIS K 153 -27.03 -50.76 -30.77
CA HIS K 153 -25.74 -50.70 -31.45
C HIS K 153 -24.69 -51.58 -30.78
N LEU K 154 -24.10 -52.49 -31.56
CA LEU K 154 -23.00 -53.31 -31.10
C LEU K 154 -21.97 -53.49 -32.21
N LEU K 155 -20.70 -53.29 -31.88
CA LEU K 155 -19.63 -53.48 -32.86
C LEU K 155 -18.33 -53.97 -32.22
N GLU K 156 -17.65 -54.87 -32.91
CA GLU K 156 -16.31 -55.30 -32.52
C GLU K 156 -15.30 -54.85 -33.57
N SER K 157 -14.36 -54.00 -33.16
CA SER K 157 -13.39 -53.45 -34.09
C SER K 157 -12.28 -54.42 -34.40
N ASP K 158 -11.64 -54.25 -35.56
CA ASP K 158 -10.44 -54.98 -35.90
C ASP K 158 -9.22 -54.23 -35.38
N SER K 159 -8.03 -54.76 -35.66
CA SER K 159 -6.78 -54.17 -35.19
C SER K 159 -6.25 -53.05 -36.10
N LEU K 160 -6.89 -52.84 -37.25
CA LEU K 160 -6.34 -51.93 -38.25
C LEU K 160 -7.06 -50.58 -38.31
N THR K 161 -8.37 -50.59 -38.11
CA THR K 161 -9.16 -49.37 -38.26
C THR K 161 -9.75 -48.91 -36.92
N PRO K 162 -9.40 -47.68 -36.48
CA PRO K 162 -9.95 -46.99 -35.33
C PRO K 162 -11.46 -46.86 -35.42
N GLU K 163 -12.14 -47.00 -34.29
CA GLU K 163 -13.60 -47.01 -34.25
C GLU K 163 -14.24 -45.72 -34.76
N TYR K 164 -13.62 -44.59 -34.45
CA TYR K 164 -14.20 -43.29 -34.81
C TYR K 164 -14.25 -43.06 -36.32
N LEU K 165 -13.40 -43.77 -37.07
CA LEU K 165 -13.35 -43.61 -38.52
C LEU K 165 -14.38 -44.47 -39.22
N LYS K 166 -14.96 -45.42 -38.50
CA LYS K 166 -15.91 -46.35 -39.10
C LYS K 166 -17.31 -45.74 -39.16
N SER K 167 -17.92 -45.80 -40.34
CA SER K 167 -19.27 -45.26 -40.55
C SER K 167 -20.28 -46.03 -39.71
N LYS K 168 -19.93 -47.26 -39.36
CA LYS K 168 -20.79 -48.10 -38.53
C LYS K 168 -20.91 -47.57 -37.11
N ASN K 169 -19.84 -46.93 -36.61
CA ASN K 169 -19.83 -46.42 -35.25
C ASN K 169 -20.41 -45.02 -35.16
N GLN K 170 -20.35 -44.27 -36.25
CA GLN K 170 -20.90 -42.92 -36.29
C GLN K 170 -22.42 -42.96 -36.17
N LEU K 171 -22.95 -42.11 -35.29
CA LEU K 171 -24.39 -42.00 -35.08
C LEU K 171 -24.85 -40.57 -34.83
N GLU K 172 -25.96 -40.19 -35.44
CA GLU K 172 -26.60 -38.92 -35.15
C GLU K 172 -28.04 -39.12 -34.68
N PHE K 173 -28.37 -38.55 -33.53
CA PHE K 173 -29.72 -38.65 -32.97
C PHE K 173 -30.02 -37.45 -32.09
N CYS K 174 -31.30 -37.23 -31.80
CA CYS K 174 -31.69 -36.10 -30.96
C CYS K 174 -32.53 -36.53 -29.76
N CYS K 175 -32.42 -35.76 -28.67
CA CYS K 175 -33.23 -35.98 -27.49
C CYS K 175 -33.27 -34.70 -26.65
N HIS K 176 -34.14 -34.68 -25.64
CA HIS K 176 -34.16 -33.57 -24.69
C HIS K 176 -33.30 -33.86 -23.46
N MET K 177 -32.74 -32.81 -22.88
CA MET K 177 -32.00 -32.91 -21.62
C MET K 177 -32.47 -31.86 -20.61
N LEU K 178 -32.59 -32.28 -19.35
CA LEU K 178 -32.96 -31.39 -18.26
C LEU K 178 -31.86 -30.37 -17.98
N ARG K 179 -32.27 -29.13 -17.73
CA ARG K 179 -31.34 -28.08 -17.29
C ARG K 179 -31.13 -28.11 -15.79
N GLY K 180 -29.93 -27.72 -15.37
CA GLY K 180 -29.65 -27.48 -13.96
C GLY K 180 -30.15 -26.10 -13.59
N THR K 181 -30.09 -25.76 -12.31
CA THR K 181 -30.52 -24.45 -11.85
C THR K 181 -29.86 -24.06 -10.54
N ILE K 182 -29.78 -22.76 -10.28
CA ILE K 182 -29.27 -22.27 -9.00
C ILE K 182 -30.33 -22.39 -7.92
N ASP K 183 -31.58 -22.11 -8.28
CA ASP K 183 -32.69 -22.20 -7.36
C ASP K 183 -33.63 -23.35 -7.73
N PRO K 184 -33.62 -24.45 -6.97
CA PRO K 184 -34.26 -25.73 -7.25
C PRO K 184 -35.79 -25.64 -7.25
N LYS K 185 -36.31 -24.51 -6.78
CA LYS K 185 -37.74 -24.25 -6.79
C LYS K 185 -38.26 -24.08 -8.22
N GLU K 186 -37.36 -23.67 -9.12
CA GLU K 186 -37.71 -23.47 -10.53
C GLU K 186 -38.21 -24.79 -11.12
N PRO K 187 -39.31 -24.77 -11.87
CA PRO K 187 -39.95 -25.92 -12.49
C PRO K 187 -39.02 -26.57 -13.51
N SER K 188 -39.09 -27.89 -13.60
CA SER K 188 -38.20 -28.62 -14.50
C SER K 188 -38.26 -28.03 -15.88
N THR K 189 -37.09 -27.75 -16.43
CA THR K 189 -36.96 -27.14 -17.74
C THR K 189 -35.94 -27.92 -18.56
N TYR K 190 -36.25 -28.14 -19.84
CA TYR K 190 -35.42 -28.98 -20.69
C TYR K 190 -34.94 -28.24 -21.94
N GLU K 191 -33.90 -28.77 -22.56
CA GLU K 191 -33.39 -28.26 -23.82
C GLU K 191 -33.37 -29.38 -24.86
N TYR K 192 -33.74 -29.06 -26.09
CA TYR K 192 -33.62 -30.03 -27.16
C TYR K 192 -32.21 -29.99 -27.72
N VAL K 193 -31.56 -31.15 -27.82
CA VAL K 193 -30.19 -31.18 -28.30
C VAL K 193 -29.99 -32.27 -29.35
N ARG K 194 -28.98 -32.07 -30.21
CA ARG K 194 -28.58 -33.07 -31.18
C ARG K 194 -27.24 -33.69 -30.81
N PHE K 195 -27.20 -35.02 -30.76
CA PHE K 195 -25.96 -35.75 -30.55
C PHE K 195 -25.30 -36.11 -31.87
N ILE K 196 -24.08 -35.64 -32.07
CA ILE K 196 -23.28 -36.05 -33.22
C ILE K 196 -21.99 -36.70 -32.74
N GLY K 197 -21.87 -38.02 -32.96
CA GLY K 197 -20.77 -38.74 -32.32
C GLY K 197 -20.58 -40.14 -32.85
N ASN K 198 -19.77 -40.92 -32.12
CA ASN K 198 -19.45 -42.28 -32.49
C ASN K 198 -19.31 -43.18 -31.26
N PHE K 199 -19.56 -44.47 -31.44
CA PHE K 199 -19.33 -45.46 -30.40
C PHE K 199 -17.86 -45.84 -30.30
N LYS K 200 -17.36 -45.94 -29.08
CA LYS K 200 -15.98 -46.32 -28.83
C LYS K 200 -15.87 -47.26 -27.64
N SER K 201 -15.02 -48.28 -27.76
CA SER K 201 -14.82 -49.24 -26.70
C SER K 201 -13.81 -48.71 -25.68
N LEU K 202 -14.08 -48.98 -24.40
CA LEU K 202 -13.18 -48.54 -23.33
C LEU K 202 -12.68 -49.72 -22.51
N THR K 203 -11.43 -49.63 -22.04
CA THR K 203 -10.85 -50.61 -21.12
C THR K 203 -11.34 -50.39 -19.69
N ARG K 228 -16.28 -51.96 -21.50
CA ARG K 228 -17.63 -51.60 -21.93
C ARG K 228 -17.59 -50.67 -23.14
N VAL K 229 -18.74 -50.49 -23.79
CA VAL K 229 -18.86 -49.61 -24.96
C VAL K 229 -19.58 -48.32 -24.60
N CYS K 230 -18.91 -47.20 -24.85
CA CYS K 230 -19.49 -45.89 -24.61
C CYS K 230 -19.86 -45.22 -25.93
N PHE K 231 -20.75 -44.25 -25.84
CA PHE K 231 -21.01 -43.36 -26.96
C PHE K 231 -20.51 -41.97 -26.62
N VAL K 232 -19.74 -41.38 -27.53
CA VAL K 232 -19.27 -40.02 -27.34
C VAL K 232 -19.71 -39.13 -28.47
N ALA K 233 -20.28 -37.98 -28.13
CA ALA K 233 -20.83 -37.08 -29.13
C ALA K 233 -20.65 -35.63 -28.74
N THR K 234 -20.55 -34.77 -29.74
CA THR K 234 -20.74 -33.36 -29.50
C THR K 234 -22.23 -33.12 -29.38
N VAL K 235 -22.66 -32.56 -28.27
CA VAL K 235 -24.07 -32.27 -28.07
C VAL K 235 -24.34 -30.82 -28.36
N ARG K 236 -25.21 -30.58 -29.32
CA ARG K 236 -25.55 -29.23 -29.74
C ARG K 236 -26.97 -28.87 -29.38
N LEU K 237 -27.15 -27.71 -28.77
CA LEU K 237 -28.51 -27.27 -28.49
C LEU K 237 -29.19 -26.86 -29.78
N ALA K 238 -30.42 -27.33 -29.96
CA ALA K 238 -31.19 -26.97 -31.15
C ALA K 238 -31.56 -25.50 -31.08
N THR K 239 -31.76 -25.01 -29.86
CA THR K 239 -32.00 -23.60 -29.63
C THR K 239 -30.67 -22.89 -29.39
N PRO K 240 -30.29 -21.94 -30.24
CA PRO K 240 -29.02 -21.25 -30.25
C PRO K 240 -28.87 -20.38 -29.00
N GLN K 241 -27.64 -20.23 -28.54
CA GLN K 241 -27.35 -19.50 -27.32
C GLN K 241 -26.35 -18.38 -27.58
N PHE K 242 -26.83 -17.29 -28.16
CA PHE K 242 -25.95 -16.20 -28.58
C PHE K 242 -25.28 -15.54 -27.38
N ILE K 243 -25.91 -15.63 -26.22
CA ILE K 243 -25.30 -15.19 -24.98
C ILE K 243 -25.37 -16.30 -23.93
N LYS K 244 -24.23 -16.55 -23.28
CA LYS K 244 -24.10 -17.62 -22.31
C LYS K 244 -23.37 -17.12 -21.07
N GLU K 245 -23.52 -17.85 -19.97
CA GLU K 245 -22.80 -17.53 -18.74
C GLU K 245 -21.48 -18.26 -18.64
N MET K 246 -20.43 -17.52 -18.29
CA MET K 246 -19.15 -18.13 -17.98
C MET K 246 -19.24 -18.73 -16.58
N CYS K 247 -19.10 -20.04 -16.50
CA CYS K 247 -19.30 -20.71 -15.23
C CYS K 247 -18.00 -21.10 -14.54
N THR K 248 -16.94 -21.25 -15.30
CA THR K 248 -15.64 -21.53 -14.73
C THR K 248 -14.64 -20.44 -15.07
N VAL K 249 -13.89 -20.02 -14.06
CA VAL K 249 -12.85 -19.02 -14.25
C VAL K 249 -11.61 -19.69 -14.82
N GLU K 250 -11.05 -19.11 -15.88
CA GLU K 250 -9.90 -19.70 -16.57
C GLU K 250 -8.64 -19.68 -15.69
N GLU K 251 -8.65 -18.84 -14.67
CA GLU K 251 -7.57 -18.81 -13.68
C GLU K 251 -8.16 -19.16 -12.31
N PRO K 252 -7.38 -19.76 -11.41
CA PRO K 252 -7.77 -20.11 -10.05
C PRO K 252 -8.35 -18.90 -9.33
N ASN K 253 -7.73 -17.74 -9.52
CA ASN K 253 -8.23 -16.49 -8.98
C ASN K 253 -7.90 -15.32 -9.89
N GLU K 254 -8.86 -14.41 -10.07
CA GLU K 254 -8.60 -13.16 -10.77
C GLU K 254 -9.45 -12.03 -10.18
N GLU K 255 -8.94 -10.81 -10.28
CA GLU K 255 -9.56 -9.66 -9.62
C GLU K 255 -9.36 -8.39 -10.44
N PHE K 256 -10.30 -7.44 -10.30
CA PHE K 256 -10.12 -6.12 -10.87
C PHE K 256 -10.75 -5.04 -9.98
N THR K 257 -10.29 -3.80 -10.14
CA THR K 257 -10.73 -2.68 -9.32
C THR K 257 -11.38 -1.56 -10.12
N SER K 258 -12.37 -0.91 -9.51
CA SER K 258 -13.01 0.27 -10.06
C SER K 258 -13.42 1.22 -8.95
N ARG K 259 -13.70 2.47 -9.32
CA ARG K 259 -14.30 3.41 -8.38
C ARG K 259 -15.58 3.95 -8.99
N HIS K 260 -16.56 4.23 -8.14
CA HIS K 260 -17.87 4.68 -8.61
C HIS K 260 -18.33 5.94 -7.89
N SER K 261 -19.07 6.77 -8.61
CA SER K 261 -19.63 7.99 -8.06
C SER K 261 -20.81 7.69 -7.17
N LEU K 262 -21.33 8.73 -6.52
CA LEU K 262 -22.50 8.59 -5.68
C LEU K 262 -23.76 8.40 -6.53
N GLU K 263 -23.57 8.38 -7.85
CA GLU K 263 -24.63 8.01 -8.79
C GLU K 263 -24.35 6.61 -9.36
N TRP K 264 -23.32 5.97 -8.81
CA TRP K 264 -22.83 4.66 -9.24
C TRP K 264 -22.26 4.65 -10.65
N LYS K 265 -21.85 5.82 -11.15
CA LYS K 265 -21.18 5.92 -12.44
C LYS K 265 -19.70 5.65 -12.29
N PHE K 266 -19.07 5.09 -13.31
CA PHE K 266 -17.64 4.79 -13.22
C PHE K 266 -16.80 6.05 -13.14
N LEU K 267 -15.95 6.11 -12.11
CA LEU K 267 -14.96 7.17 -11.96
C LEU K 267 -13.57 6.67 -12.34
N PHE K 268 -13.36 5.37 -12.14
CA PHE K 268 -12.08 4.75 -12.40
C PHE K 268 -12.22 3.30 -12.80
N LEU K 269 -11.37 2.87 -13.74
CA LEU K 269 -11.22 1.44 -14.04
C LEU K 269 -9.74 1.13 -14.17
N ASP K 270 -9.30 0.06 -13.51
CA ASP K 270 -7.89 -0.31 -13.55
C ASP K 270 -7.53 -1.04 -14.83
N HIS K 271 -6.25 -1.40 -14.95
CA HIS K 271 -5.73 -2.11 -16.11
C HIS K 271 -6.05 -3.61 -16.05
N ARG K 272 -6.56 -4.06 -14.90
CA ARG K 272 -6.80 -5.49 -14.71
C ARG K 272 -8.19 -5.90 -15.19
N ALA K 273 -9.12 -4.95 -15.20
CA ALA K 273 -10.48 -5.24 -15.60
C ALA K 273 -10.62 -5.67 -17.06
N PRO K 274 -10.06 -4.95 -18.05
CA PRO K 274 -10.30 -5.15 -19.47
C PRO K 274 -10.06 -6.59 -19.98
N PRO K 275 -9.01 -7.31 -19.50
CA PRO K 275 -8.78 -8.72 -19.76
C PRO K 275 -9.92 -9.60 -19.27
N ILE K 276 -10.67 -9.11 -18.29
CA ILE K 276 -11.77 -9.86 -17.71
C ILE K 276 -13.10 -9.46 -18.32
N ILE K 277 -13.36 -8.15 -18.38
CA ILE K 277 -14.67 -7.65 -18.82
C ILE K 277 -14.68 -7.24 -20.29
N GLY K 278 -13.50 -7.06 -20.89
CA GLY K 278 -13.39 -6.73 -22.31
C GLY K 278 -13.50 -5.24 -22.61
N TYR K 279 -13.81 -4.44 -21.58
CA TYR K 279 -13.97 -3.01 -21.76
C TYR K 279 -12.74 -2.24 -21.26
N LEU K 280 -12.26 -1.33 -22.09
CA LEU K 280 -11.20 -0.41 -21.69
C LEU K 280 -11.80 0.70 -20.85
N PRO K 281 -11.04 1.35 -19.96
CA PRO K 281 -11.50 2.34 -19.02
C PRO K 281 -12.36 3.42 -19.66
N PHE K 282 -11.95 3.90 -20.82
CA PHE K 282 -12.70 4.97 -21.47
C PHE K 282 -14.07 4.49 -21.97
N GLU K 283 -14.22 3.17 -22.13
CA GLU K 283 -15.47 2.60 -22.58
C GLU K 283 -16.50 2.51 -21.45
N VAL K 284 -16.04 2.58 -20.20
CA VAL K 284 -16.96 2.49 -19.07
C VAL K 284 -17.08 3.81 -18.31
N LEU K 285 -16.03 4.64 -18.36
CA LEU K 285 -16.05 5.86 -17.58
C LEU K 285 -17.22 6.76 -17.94
N GLY K 286 -17.91 7.24 -16.91
CA GLY K 286 -19.07 8.10 -17.07
C GLY K 286 -20.37 7.33 -17.25
N THR K 287 -20.29 6.02 -17.48
CA THR K 287 -21.51 5.24 -17.63
C THR K 287 -21.92 4.64 -16.28
N SER K 288 -23.17 4.25 -16.16
CA SER K 288 -23.66 3.63 -14.94
C SER K 288 -23.13 2.21 -14.80
N GLY K 289 -22.72 1.86 -13.58
CA GLY K 289 -22.28 0.50 -13.30
C GLY K 289 -23.37 -0.52 -13.58
N TYR K 290 -24.62 -0.09 -13.44
CA TYR K 290 -25.77 -0.94 -13.61
C TYR K 290 -25.96 -1.39 -15.06
N ASP K 291 -25.36 -0.66 -15.99
CA ASP K 291 -25.52 -0.96 -17.41
C ASP K 291 -24.90 -2.31 -17.77
N TYR K 292 -24.04 -2.82 -16.91
CA TYR K 292 -23.33 -4.04 -17.20
C TYR K 292 -23.86 -5.24 -16.40
N TYR K 293 -24.85 -4.99 -15.55
CA TYR K 293 -25.38 -6.04 -14.68
C TYR K 293 -26.54 -6.78 -15.34
N HIS K 294 -26.71 -8.05 -14.96
CA HIS K 294 -27.77 -8.90 -15.46
C HIS K 294 -29.14 -8.47 -14.94
N VAL K 295 -30.15 -8.70 -15.77
CA VAL K 295 -31.52 -8.26 -15.52
C VAL K 295 -32.03 -8.66 -14.15
N ASP K 296 -31.77 -9.91 -13.74
CA ASP K 296 -32.25 -10.41 -12.47
C ASP K 296 -31.41 -9.90 -11.31
N ASP K 297 -30.13 -9.66 -11.59
CA ASP K 297 -29.19 -9.28 -10.54
C ASP K 297 -29.28 -7.80 -10.20
N LEU K 298 -29.88 -7.02 -11.09
CA LEU K 298 -30.02 -5.59 -10.85
C LEU K 298 -30.71 -5.31 -9.51
N GLU K 299 -31.78 -6.06 -9.23
CA GLU K 299 -32.54 -5.86 -8.01
C GLU K 299 -31.77 -6.28 -6.76
N ASN K 300 -31.09 -7.42 -6.85
CA ASN K 300 -30.34 -7.92 -5.70
C ASN K 300 -29.14 -7.05 -5.38
N LEU K 301 -28.52 -6.50 -6.42
CA LEU K 301 -27.40 -5.59 -6.24
C LEU K 301 -27.86 -4.26 -5.67
N ALA K 302 -29.03 -3.80 -6.09
CA ALA K 302 -29.57 -2.58 -5.53
C ALA K 302 -29.75 -2.72 -4.03
N LYS K 303 -30.23 -3.88 -3.58
CA LYS K 303 -30.37 -4.14 -2.15
C LYS K 303 -29.01 -4.16 -1.47
N CYS K 304 -28.02 -4.74 -2.14
CA CYS K 304 -26.66 -4.81 -1.60
C CYS K 304 -26.06 -3.42 -1.47
N HIS K 305 -26.33 -2.57 -2.45
CA HIS K 305 -25.80 -1.21 -2.44
C HIS K 305 -26.51 -0.36 -1.39
N GLU K 306 -27.78 -0.64 -1.14
CA GLU K 306 -28.51 0.03 -0.07
C GLU K 306 -27.88 -0.29 1.28
N HIS K 307 -27.47 -1.55 1.45
CA HIS K 307 -26.77 -1.97 2.65
C HIS K 307 -25.44 -1.23 2.77
N LEU K 308 -24.74 -1.08 1.66
CA LEU K 308 -23.50 -0.33 1.62
C LEU K 308 -23.71 1.14 1.96
N MET K 309 -24.79 1.71 1.46
CA MET K 309 -25.12 3.10 1.78
C MET K 309 -25.38 3.28 3.27
N GLN K 310 -25.92 2.24 3.90
CA GLN K 310 -26.22 2.28 5.33
C GLN K 310 -24.98 2.16 6.23
N TYR K 311 -24.02 1.31 5.84
CA TYR K 311 -22.89 1.04 6.73
C TYR K 311 -21.55 1.57 6.22
N GLY K 312 -21.46 1.86 4.91
CA GLY K 312 -20.24 2.37 4.30
C GLY K 312 -19.27 1.26 3.90
N LYS K 313 -19.54 0.04 4.35
CA LYS K 313 -18.71 -1.13 4.06
C LYS K 313 -19.56 -2.37 3.89
N GLY K 314 -19.10 -3.32 3.07
CA GLY K 314 -19.76 -4.62 3.01
C GLY K 314 -19.35 -5.45 1.80
N LYS K 315 -20.04 -6.58 1.61
CA LYS K 315 -19.79 -7.50 0.51
C LYS K 315 -21.09 -7.78 -0.25
N SER K 316 -21.00 -7.85 -1.58
CA SER K 316 -22.17 -8.04 -2.42
C SER K 316 -22.60 -9.50 -2.51
N CYS K 317 -23.82 -9.69 -3.01
CA CYS K 317 -24.30 -10.98 -3.46
C CYS K 317 -23.58 -11.37 -4.72
N TYR K 318 -23.72 -12.61 -5.15
CA TYR K 318 -23.20 -13.02 -6.44
C TYR K 318 -24.04 -12.39 -7.54
N TYR K 319 -23.38 -11.97 -8.62
CA TYR K 319 -24.09 -11.35 -9.74
C TYR K 319 -23.34 -11.56 -11.05
N ARG K 320 -24.02 -11.29 -12.15
CA ARG K 320 -23.44 -11.44 -13.47
C ARG K 320 -23.14 -10.10 -14.13
N PHE K 321 -22.04 -10.06 -14.86
CA PHE K 321 -21.58 -8.87 -15.58
C PHE K 321 -21.43 -9.17 -17.07
N LEU K 322 -21.93 -8.29 -17.93
CA LEU K 322 -21.90 -8.53 -19.37
C LEU K 322 -20.64 -8.01 -20.01
N THR K 323 -19.80 -8.94 -20.45
CA THR K 323 -18.53 -8.62 -21.09
C THR K 323 -18.72 -8.07 -22.50
N LYS K 324 -17.70 -7.41 -23.03
CA LYS K 324 -17.72 -6.92 -24.40
C LYS K 324 -17.82 -8.09 -25.39
N GLY K 325 -17.36 -9.26 -24.95
CA GLY K 325 -17.43 -10.48 -25.75
C GLY K 325 -18.79 -11.15 -25.59
N GLN K 326 -19.72 -10.44 -24.97
CA GLN K 326 -21.10 -10.90 -24.79
C GLN K 326 -21.21 -12.18 -23.96
N GLN K 327 -20.35 -12.32 -22.96
CA GLN K 327 -20.52 -13.39 -21.99
C GLN K 327 -20.90 -12.82 -20.65
N TRP K 328 -21.81 -13.49 -19.93
CA TRP K 328 -22.11 -13.14 -18.56
C TRP K 328 -21.11 -13.79 -17.62
N ILE K 329 -20.38 -12.99 -16.87
CA ILE K 329 -19.41 -13.56 -15.91
C ILE K 329 -19.90 -13.36 -14.49
N TRP K 330 -19.82 -14.40 -13.67
CA TRP K 330 -20.23 -14.30 -12.28
C TRP K 330 -19.17 -13.61 -11.43
N LEU K 331 -19.61 -12.62 -10.67
CA LEU K 331 -18.74 -11.81 -9.83
C LEU K 331 -19.25 -11.70 -8.40
N GLN K 332 -18.34 -11.41 -7.47
CA GLN K 332 -18.72 -10.93 -6.15
C GLN K 332 -17.84 -9.75 -5.80
N THR K 333 -18.40 -8.72 -5.19
CA THR K 333 -17.64 -7.49 -5.00
C THR K 333 -17.60 -7.02 -3.55
N HIS K 334 -16.42 -6.58 -3.12
CA HIS K 334 -16.25 -5.94 -1.82
C HIS K 334 -16.28 -4.43 -1.98
N TYR K 335 -16.97 -3.76 -1.07
CA TYR K 335 -17.10 -2.31 -1.19
C TYR K 335 -16.71 -1.57 0.08
N TYR K 336 -16.17 -0.37 -0.10
CA TYR K 336 -16.05 0.59 0.99
C TYR K 336 -16.19 2.00 0.45
N ILE K 337 -16.55 2.94 1.32
CA ILE K 337 -16.78 4.31 0.91
C ILE K 337 -15.75 5.27 1.48
N THR K 338 -15.34 6.24 0.66
CA THR K 338 -14.38 7.25 1.06
C THR K 338 -15.09 8.58 1.26
N TYR K 339 -14.70 9.31 2.29
CA TYR K 339 -15.44 10.48 2.74
C TYR K 339 -14.66 11.79 2.60
N HIS K 340 -15.40 12.86 2.36
CA HIS K 340 -14.88 14.21 2.21
C HIS K 340 -14.59 14.80 3.60
N GLN K 341 -13.30 14.98 3.89
CA GLN K 341 -12.82 15.33 5.22
C GLN K 341 -13.48 16.56 5.84
N TRP K 342 -13.77 17.56 5.03
CA TRP K 342 -14.35 18.80 5.52
C TRP K 342 -15.66 18.57 6.29
N ASN K 343 -16.43 17.56 5.91
CA ASN K 343 -17.72 17.31 6.54
C ASN K 343 -18.00 15.82 6.79
N SER K 344 -17.04 14.97 6.46
CA SER K 344 -17.15 13.53 6.65
C SER K 344 -18.34 12.90 5.92
N ARG K 345 -18.80 13.54 4.85
CA ARG K 345 -19.85 12.93 4.03
C ARG K 345 -19.20 12.18 2.86
N PRO K 346 -19.86 11.16 2.30
CA PRO K 346 -19.39 10.31 1.21
C PRO K 346 -18.98 11.14 0.00
N GLU K 347 -17.88 10.75 -0.63
CA GLU K 347 -17.46 11.38 -1.87
C GLU K 347 -17.50 10.38 -3.02
N PHE K 348 -16.97 9.17 -2.78
CA PHE K 348 -16.97 8.13 -3.80
C PHE K 348 -16.88 6.73 -3.21
N ILE K 349 -17.22 5.73 -4.01
CA ILE K 349 -17.14 4.33 -3.60
C ILE K 349 -15.99 3.60 -4.28
N VAL K 350 -15.23 2.86 -3.49
CA VAL K 350 -14.15 2.02 -4.02
C VAL K 350 -14.60 0.57 -4.08
N CYS K 351 -14.44 -0.05 -5.24
CA CYS K 351 -14.98 -1.39 -5.47
C CYS K 351 -13.91 -2.40 -5.87
N THR K 352 -13.86 -3.51 -5.14
CA THR K 352 -12.93 -4.59 -5.47
C THR K 352 -13.71 -5.81 -5.97
N HIS K 353 -13.50 -6.15 -7.23
CA HIS K 353 -14.30 -7.19 -7.88
C HIS K 353 -13.56 -8.52 -7.96
N THR K 354 -14.18 -9.55 -7.42
CA THR K 354 -13.63 -10.91 -7.47
C THR K 354 -14.46 -11.77 -8.40
N VAL K 355 -13.80 -12.46 -9.32
CA VAL K 355 -14.51 -13.35 -10.22
C VAL K 355 -14.75 -14.69 -9.54
N VAL K 356 -15.96 -15.22 -9.64
CA VAL K 356 -16.31 -16.47 -8.95
C VAL K 356 -16.89 -17.52 -9.89
N SER K 357 -16.79 -18.78 -9.48
CA SER K 357 -17.33 -19.89 -10.25
C SER K 357 -18.82 -20.08 -10.03
N TYR K 358 -19.48 -20.74 -10.98
CA TYR K 358 -20.90 -21.09 -10.86
C TYR K 358 -21.14 -21.98 -9.65
N ALA K 359 -20.21 -22.89 -9.39
CA ALA K 359 -20.32 -23.79 -8.25
C ALA K 359 -20.30 -23.00 -6.93
N GLU K 360 -19.44 -21.99 -6.86
CA GLU K 360 -19.36 -21.14 -5.68
C GLU K 360 -20.63 -20.32 -5.49
N VAL K 361 -21.21 -19.91 -6.60
CA VAL K 361 -22.46 -19.14 -6.57
C VAL K 361 -23.62 -19.98 -6.05
N ARG K 362 -23.74 -21.19 -6.59
CA ARG K 362 -24.85 -22.08 -6.20
C ARG K 362 -24.65 -22.67 -4.81
N ALA K 363 -23.40 -22.76 -4.36
CA ALA K 363 -23.11 -23.29 -3.03
C ALA K 363 -23.69 -22.42 -1.90
N GLU K 364 -23.79 -21.10 -2.13
CA GLU K 364 -24.32 -20.16 -1.13
C GLU K 364 -25.27 -19.16 -1.81
N ALA L 17 35.81 -31.06 8.52
CA ALA L 17 34.44 -30.65 8.18
C ALA L 17 34.41 -29.93 6.83
N ARG L 18 35.39 -29.05 6.59
CA ARG L 18 35.51 -28.32 5.34
C ARG L 18 35.76 -29.25 4.17
N GLU L 19 36.55 -30.29 4.43
CA GLU L 19 36.85 -31.26 3.38
C GLU L 19 35.58 -31.98 2.93
N ALA L 20 34.75 -32.38 3.90
CA ALA L 20 33.49 -33.04 3.58
C ALA L 20 32.61 -32.13 2.75
N HIS L 21 32.59 -30.85 3.11
CA HIS L 21 31.78 -29.88 2.40
C HIS L 21 32.23 -29.73 0.95
N SER L 22 33.54 -29.64 0.75
CA SER L 22 34.09 -29.44 -0.57
C SER L 22 33.82 -30.64 -1.48
N GLN L 23 33.84 -31.84 -0.91
CA GLN L 23 33.61 -33.04 -1.69
C GLN L 23 32.14 -33.26 -1.97
N ILE L 24 31.27 -32.67 -1.14
CA ILE L 24 29.85 -32.66 -1.45
C ILE L 24 29.60 -31.82 -2.69
N GLU L 25 30.32 -30.71 -2.81
CA GLU L 25 30.24 -29.89 -4.01
C GLU L 25 30.74 -30.65 -5.23
N LYS L 26 31.78 -31.46 -5.04
CA LYS L 26 32.24 -32.31 -6.14
C LYS L 26 31.15 -33.29 -6.54
N ARG L 27 30.50 -33.90 -5.55
CA ARG L 27 29.41 -34.85 -5.84
C ARG L 27 28.32 -34.17 -6.64
N ARG L 28 28.00 -32.94 -6.28
CA ARG L 28 27.01 -32.17 -7.02
C ARG L 28 27.44 -31.96 -8.47
N ARG L 29 28.70 -31.55 -8.66
CA ARG L 29 29.22 -31.35 -10.00
C ARG L 29 29.22 -32.64 -10.80
N ASP L 30 29.57 -33.75 -10.15
CA ASP L 30 29.60 -35.05 -10.81
C ASP L 30 28.20 -35.50 -11.19
N LYS L 31 27.24 -35.29 -10.29
CA LYS L 31 25.86 -35.67 -10.56
C LYS L 31 25.28 -34.86 -11.71
N MET L 32 25.56 -33.56 -11.72
CA MET L 32 25.06 -32.69 -12.77
C MET L 32 25.65 -33.08 -14.12
N ASN L 33 26.95 -33.33 -14.15
CA ASN L 33 27.61 -33.70 -15.38
C ASN L 33 27.08 -35.03 -15.89
N SER L 34 26.81 -35.95 -14.97
CA SER L 34 26.27 -37.25 -15.32
C SER L 34 24.90 -37.10 -15.98
N PHE L 35 24.09 -36.21 -15.43
CA PHE L 35 22.75 -35.97 -15.97
C PHE L 35 22.79 -35.21 -17.28
N ILE L 36 23.73 -34.29 -17.43
CA ILE L 36 23.85 -33.55 -18.68
C ILE L 36 24.22 -34.47 -19.82
N ASP L 37 25.18 -35.36 -19.59
CA ASP L 37 25.54 -36.35 -20.60
C ASP L 37 24.41 -37.33 -20.87
N GLU L 38 23.68 -37.70 -19.82
CA GLU L 38 22.55 -38.60 -19.96
C GLU L 38 21.41 -37.93 -20.74
N LEU L 39 21.20 -36.65 -20.46
CA LEU L 39 20.19 -35.86 -21.16
C LEU L 39 20.54 -35.78 -22.65
N ALA L 40 21.83 -35.58 -22.93
CA ALA L 40 22.31 -35.52 -24.31
C ALA L 40 22.04 -36.82 -25.06
N SER L 41 22.14 -37.95 -24.38
CA SER L 41 21.98 -39.25 -25.04
C SER L 41 20.57 -39.45 -25.58
N LEU L 42 19.61 -38.69 -25.05
CA LEU L 42 18.23 -38.82 -25.49
C LEU L 42 17.91 -37.94 -26.68
N VAL L 43 18.86 -37.09 -27.08
CA VAL L 43 18.69 -36.22 -28.23
C VAL L 43 19.43 -36.80 -29.43
N PRO L 44 18.73 -37.17 -30.50
CA PRO L 44 19.27 -37.80 -31.70
C PRO L 44 20.46 -37.04 -32.27
N THR L 45 20.39 -35.72 -32.24
CA THR L 45 21.46 -34.88 -32.77
C THR L 45 22.68 -34.90 -31.86
N CYS L 46 22.46 -34.91 -30.55
CA CYS L 46 23.56 -34.94 -29.59
C CYS L 46 24.23 -36.30 -29.60
N ASN L 47 23.43 -37.35 -29.83
CA ASN L 47 23.95 -38.70 -29.89
C ASN L 47 24.74 -38.93 -31.17
N ALA L 48 24.28 -38.32 -32.25
CA ALA L 48 24.94 -38.42 -33.55
C ALA L 48 26.24 -37.61 -33.57
N MET L 49 26.30 -36.55 -32.75
CA MET L 49 27.49 -35.72 -32.65
C MET L 49 28.64 -36.47 -31.98
N SER L 50 29.78 -36.49 -32.65
CA SER L 50 30.97 -37.17 -32.15
C SER L 50 31.59 -36.44 -30.97
N ARG L 51 31.60 -35.11 -31.03
CA ARG L 51 32.28 -34.28 -30.05
C ARG L 51 31.50 -34.21 -28.73
N LYS L 52 32.22 -33.93 -27.65
CA LYS L 52 31.60 -33.74 -26.35
C LYS L 52 31.04 -32.33 -26.24
N LEU L 53 29.73 -32.23 -26.41
CA LEU L 53 29.03 -30.95 -26.40
C LEU L 53 29.14 -30.25 -25.05
N ASP L 54 29.26 -28.93 -25.11
CA ASP L 54 29.27 -28.10 -23.92
C ASP L 54 27.91 -28.11 -23.24
N LYS L 55 27.90 -27.82 -21.94
CA LYS L 55 26.68 -27.94 -21.15
C LYS L 55 25.55 -27.08 -21.70
N LEU L 56 25.87 -25.86 -22.11
CA LEU L 56 24.85 -24.95 -22.64
C LEU L 56 24.23 -25.50 -23.93
N THR L 57 25.07 -26.01 -24.82
CA THR L 57 24.59 -26.56 -26.07
C THR L 57 23.73 -27.80 -25.87
N VAL L 58 24.13 -28.67 -24.94
CA VAL L 58 23.32 -29.87 -24.67
C VAL L 58 21.93 -29.48 -24.20
N LEU L 59 21.86 -28.52 -23.30
CA LEU L 59 20.57 -28.06 -22.79
C LEU L 59 19.72 -27.38 -23.86
N ARG L 60 20.35 -26.58 -24.72
CA ARG L 60 19.62 -25.96 -25.82
C ARG L 60 19.03 -27.00 -26.75
N MET L 61 19.82 -28.03 -27.07
CA MET L 61 19.37 -29.09 -27.94
C MET L 61 18.33 -29.98 -27.27
N ALA L 62 18.44 -30.14 -25.95
CA ALA L 62 17.49 -30.92 -25.18
C ALA L 62 16.10 -30.28 -25.18
N VAL L 63 16.04 -28.96 -25.02
CA VAL L 63 14.75 -28.29 -25.01
C VAL L 63 14.11 -28.27 -26.39
N GLN L 64 14.93 -28.21 -27.43
CA GLN L 64 14.43 -28.32 -28.80
C GLN L 64 13.84 -29.70 -29.04
N HIS L 65 14.49 -30.72 -28.49
CA HIS L 65 14.04 -32.11 -28.64
C HIS L 65 12.72 -32.39 -27.91
N MET L 66 12.51 -31.75 -26.74
CA MET L 66 11.25 -31.89 -26.00
C MET L 66 10.06 -31.53 -26.89
N SER L 87 -7.95 -39.56 -28.60
CA SER L 87 -6.77 -38.89 -29.14
C SER L 87 -7.18 -37.56 -29.75
N ASP L 88 -6.21 -36.71 -30.06
CA ASP L 88 -6.51 -35.41 -30.63
C ASP L 88 -7.13 -35.54 -32.02
N ASP L 89 -6.70 -36.55 -32.79
CA ASP L 89 -7.27 -36.77 -34.11
C ASP L 89 -8.70 -37.30 -33.98
N GLU L 90 -8.92 -38.15 -32.97
CA GLU L 90 -10.26 -38.64 -32.69
C GLU L 90 -11.20 -37.51 -32.32
N LEU L 91 -10.69 -36.59 -31.51
CA LEU L 91 -11.49 -35.43 -31.11
C LEU L 91 -11.76 -34.52 -32.30
N LYS L 92 -10.78 -34.42 -33.20
CA LYS L 92 -10.90 -33.57 -34.37
C LYS L 92 -12.09 -33.98 -35.23
N HIS L 93 -12.25 -35.29 -35.42
CA HIS L 93 -13.41 -35.79 -36.15
C HIS L 93 -14.70 -35.60 -35.36
N LEU L 94 -14.62 -35.78 -34.05
CA LEU L 94 -15.79 -35.64 -33.19
C LEU L 94 -16.39 -34.25 -33.27
N ILE L 95 -15.52 -33.24 -33.31
CA ILE L 95 -15.98 -31.85 -33.39
C ILE L 95 -16.31 -31.41 -34.82
N LEU L 96 -15.51 -31.87 -35.79
CA LEU L 96 -15.72 -31.43 -37.17
C LEU L 96 -17.04 -31.91 -37.76
N ARG L 97 -17.46 -33.13 -37.43
CA ARG L 97 -18.73 -33.61 -37.96
C ARG L 97 -19.91 -32.84 -37.39
N ALA L 98 -19.72 -32.27 -36.20
CA ALA L 98 -20.76 -31.49 -35.56
C ALA L 98 -20.72 -30.04 -36.01
N ALA L 99 -19.69 -29.69 -36.79
CA ALA L 99 -19.44 -28.32 -37.20
C ALA L 99 -20.57 -27.78 -38.06
N ASP L 100 -20.79 -26.47 -37.94
CA ASP L 100 -21.80 -25.76 -38.71
C ASP L 100 -21.32 -24.37 -39.05
N GLY L 101 -21.88 -23.81 -40.10
CA GLY L 101 -21.40 -22.53 -40.61
C GLY L 101 -19.99 -22.70 -41.15
N PHE L 102 -19.17 -21.67 -41.00
CA PHE L 102 -17.79 -21.72 -41.48
C PHE L 102 -16.82 -21.03 -40.53
N LEU L 103 -15.61 -21.56 -40.44
CA LEU L 103 -14.55 -20.88 -39.73
C LEU L 103 -13.90 -19.86 -40.66
N PHE L 104 -13.55 -18.70 -40.11
CA PHE L 104 -12.76 -17.75 -40.86
C PHE L 104 -11.76 -17.04 -39.97
N VAL L 105 -10.67 -16.57 -40.59
CA VAL L 105 -9.69 -15.75 -39.90
C VAL L 105 -9.50 -14.44 -40.64
N VAL L 106 -9.65 -13.33 -39.92
CA VAL L 106 -9.50 -12.01 -40.55
C VAL L 106 -8.51 -11.14 -39.80
N GLY L 107 -7.60 -10.52 -40.54
CA GLY L 107 -6.56 -9.66 -39.95
C GLY L 107 -7.14 -8.35 -39.45
N CYS L 108 -6.70 -7.93 -38.27
CA CYS L 108 -7.20 -6.73 -37.63
C CYS L 108 -6.71 -5.44 -38.30
N ASP L 109 -5.52 -5.50 -38.89
CA ASP L 109 -4.89 -4.32 -39.47
C ASP L 109 -5.51 -3.88 -40.80
N ARG L 110 -6.03 -4.83 -41.56
CA ARG L 110 -6.54 -4.52 -42.90
C ARG L 110 -7.90 -5.16 -43.19
N GLY L 111 -8.34 -6.05 -42.31
CA GLY L 111 -9.58 -6.78 -42.55
C GLY L 111 -9.39 -7.89 -43.57
N LYS L 112 -8.14 -8.21 -43.88
CA LYS L 112 -7.84 -9.23 -44.87
C LYS L 112 -8.22 -10.62 -44.38
N ILE L 113 -8.88 -11.39 -45.23
CA ILE L 113 -9.21 -12.76 -44.89
C ILE L 113 -7.98 -13.64 -45.06
N LEU L 114 -7.55 -14.25 -43.97
CA LEU L 114 -6.32 -15.04 -43.98
C LEU L 114 -6.65 -16.50 -44.22
N PHE L 115 -7.83 -16.93 -43.76
CA PHE L 115 -8.29 -18.29 -43.94
C PHE L 115 -9.80 -18.40 -43.86
N VAL L 116 -10.35 -19.43 -44.51
CA VAL L 116 -11.75 -19.78 -44.36
C VAL L 116 -11.93 -21.28 -44.62
N SER L 117 -12.86 -21.91 -43.90
CA SER L 117 -13.16 -23.32 -44.11
C SER L 117 -14.00 -23.52 -45.37
N GLU L 118 -13.95 -24.72 -45.92
CA GLU L 118 -14.64 -25.05 -47.17
C GLU L 118 -16.16 -24.97 -47.04
N SER L 119 -16.65 -25.07 -45.81
CA SER L 119 -18.07 -25.04 -45.53
C SER L 119 -18.70 -23.68 -45.87
N VAL L 120 -17.86 -22.67 -46.06
CA VAL L 120 -18.34 -21.35 -46.41
C VAL L 120 -19.09 -21.37 -47.74
N PHE L 121 -18.77 -22.33 -48.59
CA PHE L 121 -19.44 -22.46 -49.88
C PHE L 121 -20.90 -22.84 -49.69
N LYS L 122 -21.20 -23.52 -48.59
CA LYS L 122 -22.58 -23.83 -48.24
C LYS L 122 -23.33 -22.57 -47.85
N ILE L 123 -22.63 -21.66 -47.17
CA ILE L 123 -23.26 -20.49 -46.58
C ILE L 123 -23.23 -19.26 -47.49
N LEU L 124 -22.04 -18.80 -47.87
CA LEU L 124 -21.91 -17.59 -48.69
C LEU L 124 -21.85 -17.94 -50.18
N ASN L 125 -21.59 -19.21 -50.47
CA ASN L 125 -21.43 -19.69 -51.84
C ASN L 125 -20.19 -19.12 -52.53
N TYR L 126 -19.35 -18.44 -51.76
CA TYR L 126 -18.01 -18.09 -52.23
C TYR L 126 -17.05 -19.22 -51.90
N SER L 127 -16.06 -19.44 -52.77
CA SER L 127 -15.09 -20.49 -52.51
C SER L 127 -13.95 -19.96 -51.66
N GLN L 128 -13.12 -20.87 -51.15
CA GLN L 128 -11.96 -20.47 -50.35
C GLN L 128 -11.07 -19.52 -51.15
N ASN L 129 -10.96 -19.79 -52.44
CA ASN L 129 -10.14 -18.99 -53.35
C ASN L 129 -10.70 -17.58 -53.56
N ASP L 130 -12.01 -17.42 -53.38
CA ASP L 130 -12.65 -16.12 -53.58
C ASP L 130 -12.50 -15.23 -52.35
N LEU L 131 -12.38 -15.85 -51.19
CA LEU L 131 -12.38 -15.10 -49.94
C LEU L 131 -10.97 -14.86 -49.42
N ILE L 132 -10.12 -15.89 -49.46
CA ILE L 132 -8.77 -15.76 -48.92
C ILE L 132 -7.92 -14.83 -49.76
N GLY L 133 -7.24 -13.90 -49.09
CA GLY L 133 -6.40 -12.91 -49.73
C GLY L 133 -7.19 -11.67 -50.14
N GLN L 134 -8.48 -11.66 -49.85
CA GLN L 134 -9.32 -10.49 -50.12
C GLN L 134 -9.81 -9.89 -48.80
N SER L 135 -10.12 -8.60 -48.82
CA SER L 135 -10.62 -7.94 -47.62
C SER L 135 -12.01 -8.44 -47.25
N LEU L 136 -12.21 -8.67 -45.96
CA LEU L 136 -13.52 -9.02 -45.44
C LEU L 136 -14.48 -7.85 -45.65
N PHE L 137 -13.93 -6.65 -45.71
CA PHE L 137 -14.72 -5.44 -45.90
C PHE L 137 -15.34 -5.42 -47.29
N ASP L 138 -14.81 -6.23 -48.20
CA ASP L 138 -15.35 -6.31 -49.55
C ASP L 138 -16.60 -7.18 -49.57
N TYR L 139 -16.80 -7.97 -48.51
CA TYR L 139 -17.94 -8.87 -48.42
C TYR L 139 -18.93 -8.43 -47.36
N LEU L 140 -18.47 -7.66 -46.38
CA LEU L 140 -19.37 -7.11 -45.37
C LEU L 140 -20.23 -5.96 -45.90
N HIS L 141 -21.44 -5.87 -45.36
CA HIS L 141 -22.30 -4.73 -45.62
C HIS L 141 -21.69 -3.46 -44.99
N PRO L 142 -21.73 -2.32 -45.67
CA PRO L 142 -21.18 -1.04 -45.25
C PRO L 142 -21.60 -0.62 -43.84
N LYS L 143 -22.80 -0.98 -43.40
CA LYS L 143 -23.23 -0.61 -42.06
C LYS L 143 -22.60 -1.48 -40.99
N ASP L 144 -22.17 -2.68 -41.36
CA ASP L 144 -21.57 -3.61 -40.41
C ASP L 144 -20.05 -3.49 -40.38
N ILE L 145 -19.46 -2.93 -41.43
CA ILE L 145 -18.01 -2.82 -41.48
C ILE L 145 -17.47 -2.00 -40.32
N ALA L 146 -18.15 -0.90 -40.00
CA ALA L 146 -17.71 -0.05 -38.89
C ALA L 146 -17.75 -0.84 -37.58
N LYS L 147 -18.75 -1.69 -37.43
CA LYS L 147 -18.88 -2.48 -36.21
C LYS L 147 -17.79 -3.54 -36.12
N VAL L 148 -17.45 -4.14 -37.26
CA VAL L 148 -16.40 -5.15 -37.29
C VAL L 148 -15.04 -4.54 -36.97
N LYS L 149 -14.77 -3.35 -37.48
CA LYS L 149 -13.53 -2.66 -37.16
C LYS L 149 -13.38 -2.46 -35.65
N GLU L 150 -14.48 -2.14 -34.98
CA GLU L 150 -14.49 -2.02 -33.54
C GLU L 150 -14.31 -3.37 -32.85
N GLN L 151 -14.98 -4.40 -33.37
CA GLN L 151 -14.86 -5.74 -32.81
C GLN L 151 -13.45 -6.30 -32.94
N LEU L 152 -12.79 -5.99 -34.05
CA LEU L 152 -11.43 -6.45 -34.30
C LEU L 152 -10.41 -5.69 -33.47
N SER L 153 -10.84 -4.61 -32.83
CA SER L 153 -9.96 -3.81 -32.00
C SER L 153 -9.70 -4.49 -30.66
N SER L 154 -8.45 -4.42 -30.21
CA SER L 154 -8.03 -5.07 -28.97
C SER L 154 -8.56 -4.34 -27.74
N SER L 155 -8.73 -5.09 -26.64
CA SER L 155 -9.15 -4.54 -25.35
C SER L 155 -8.63 -5.42 -24.20
N ARG L 182 -8.53 -22.57 -23.94
CA ARG L 182 -7.57 -21.66 -23.31
C ARG L 182 -7.74 -20.19 -23.74
N LEU L 183 -8.71 -19.93 -24.63
CA LEU L 183 -8.96 -18.59 -25.16
C LEU L 183 -9.70 -17.74 -24.12
N CYS L 184 -9.12 -16.57 -23.81
CA CYS L 184 -9.62 -15.71 -22.72
C CYS L 184 -10.82 -14.89 -23.14
N SER L 185 -11.71 -14.64 -22.18
CA SER L 185 -12.96 -13.90 -22.45
C SER L 185 -12.73 -12.45 -22.85
N GLY L 186 -11.63 -11.86 -22.41
CA GLY L 186 -11.33 -10.47 -22.74
C GLY L 186 -11.11 -10.27 -24.24
N ALA L 187 -10.49 -11.27 -24.87
CA ALA L 187 -10.22 -11.26 -26.30
C ALA L 187 -11.43 -11.70 -27.10
N ARG L 188 -12.47 -12.16 -26.40
CA ARG L 188 -13.65 -12.71 -27.07
C ARG L 188 -14.42 -11.64 -27.79
N ARG L 189 -14.90 -11.99 -28.98
CA ARG L 189 -15.73 -11.10 -29.78
C ARG L 189 -16.93 -11.84 -30.35
N SER L 190 -18.09 -11.20 -30.34
CA SER L 190 -19.26 -11.80 -30.94
C SER L 190 -20.19 -10.73 -31.50
N PHE L 191 -20.49 -10.86 -32.78
CA PHE L 191 -21.35 -9.87 -33.45
C PHE L 191 -22.13 -10.48 -34.60
N PHE L 192 -23.28 -9.88 -34.88
CA PHE L 192 -23.99 -10.15 -36.12
C PHE L 192 -23.54 -9.19 -37.21
N CYS L 193 -23.45 -9.69 -38.43
CA CYS L 193 -23.14 -8.85 -39.58
C CYS L 193 -23.75 -9.44 -40.85
N ARG L 194 -23.83 -8.63 -41.90
CA ARG L 194 -24.30 -9.11 -43.19
C ARG L 194 -23.13 -9.33 -44.14
N MET L 195 -23.07 -10.52 -44.73
CA MET L 195 -22.01 -10.87 -45.66
C MET L 195 -22.56 -11.17 -47.05
N LYS L 196 -21.84 -10.72 -48.07
CA LYS L 196 -22.23 -10.93 -49.45
C LYS L 196 -22.25 -12.40 -49.80
N CYS L 197 -23.18 -12.76 -50.68
CA CYS L 197 -23.24 -14.13 -51.19
C CYS L 197 -22.96 -14.14 -52.69
N ASN L 198 -22.35 -15.22 -53.16
CA ASN L 198 -22.04 -15.38 -54.57
C ASN L 198 -23.33 -15.50 -55.38
N ARG L 199 -24.38 -16.00 -54.76
CA ARG L 199 -25.68 -16.11 -55.38
C ARG L 199 -26.69 -15.19 -54.67
N PRO L 200 -27.07 -14.02 -55.26
CA PRO L 200 -28.05 -13.08 -54.73
C PRO L 200 -29.48 -13.59 -54.93
N ARG L 219 -31.64 -7.21 -52.06
CA ARG L 219 -31.41 -7.43 -50.63
C ARG L 219 -30.82 -8.81 -50.35
N LYS L 220 -31.07 -9.78 -51.25
CA LYS L 220 -30.63 -11.17 -51.08
C LYS L 220 -29.16 -11.34 -51.48
N SER L 221 -28.53 -10.23 -51.84
CA SER L 221 -27.10 -10.22 -52.10
C SER L 221 -26.32 -10.42 -50.80
N PHE L 222 -27.00 -10.19 -49.67
CA PHE L 222 -26.39 -10.41 -48.36
C PHE L 222 -27.18 -11.41 -47.52
N CYS L 223 -26.47 -12.13 -46.67
CA CYS L 223 -27.09 -12.99 -45.66
C CYS L 223 -26.60 -12.59 -44.28
N THR L 224 -27.43 -12.81 -43.26
CA THR L 224 -27.06 -12.42 -41.91
C THR L 224 -26.26 -13.52 -41.22
N ILE L 225 -25.03 -13.20 -40.87
CA ILE L 225 -24.11 -14.14 -40.24
C ILE L 225 -23.82 -13.81 -38.80
N HIS L 226 -23.94 -14.81 -37.93
CA HIS L 226 -23.48 -14.66 -36.56
C HIS L 226 -22.01 -15.04 -36.47
N SER L 227 -21.17 -14.09 -36.08
CA SER L 227 -19.74 -14.36 -35.97
C SER L 227 -19.26 -14.33 -34.53
N THR L 228 -18.73 -15.45 -34.07
CA THR L 228 -18.21 -15.55 -32.71
C THR L 228 -16.80 -16.11 -32.70
N GLY L 229 -15.90 -15.46 -31.96
CA GLY L 229 -14.51 -15.88 -31.94
C GLY L 229 -13.67 -15.12 -30.94
N TYR L 230 -12.36 -15.26 -31.08
CA TYR L 230 -11.39 -14.63 -30.19
C TYR L 230 -10.27 -13.96 -30.98
N LEU L 231 -9.74 -12.87 -30.44
CA LEU L 231 -8.60 -12.22 -31.05
C LEU L 231 -7.32 -13.02 -30.81
N LYS L 232 -6.50 -13.12 -31.84
CA LYS L 232 -5.28 -13.91 -31.82
C LYS L 232 -4.09 -13.11 -32.36
N SER L 233 -2.91 -13.31 -31.77
CA SER L 233 -1.67 -12.67 -32.22
C SER L 233 -1.27 -13.16 -33.61
N ASN L 253 2.56 -12.66 -36.54
CA ASN L 253 2.88 -11.25 -36.38
C ASN L 253 1.64 -10.37 -36.54
N LEU L 254 0.78 -10.72 -37.49
CA LEU L 254 -0.48 -10.01 -37.74
C LEU L 254 -1.59 -10.45 -36.81
N SER L 255 -2.13 -9.51 -36.05
CA SER L 255 -3.27 -9.80 -35.19
C SER L 255 -4.49 -10.10 -36.04
N CYS L 256 -5.30 -11.04 -35.61
CA CYS L 256 -6.48 -11.44 -36.36
C CYS L 256 -7.60 -11.94 -35.45
N LEU L 257 -8.81 -11.93 -35.98
CA LEU L 257 -9.94 -12.57 -35.32
C LEU L 257 -10.19 -13.96 -35.88
N VAL L 258 -10.17 -14.96 -35.02
CA VAL L 258 -10.52 -16.30 -35.44
C VAL L 258 -11.93 -16.60 -34.95
N ALA L 259 -12.84 -16.84 -35.88
CA ALA L 259 -14.26 -16.91 -35.52
C ALA L 259 -15.03 -17.85 -36.44
N ILE L 260 -16.18 -18.30 -35.96
CA ILE L 260 -17.09 -19.08 -36.78
C ILE L 260 -18.28 -18.24 -37.21
N GLY L 261 -18.53 -18.19 -38.51
CA GLY L 261 -19.71 -17.52 -39.04
C GLY L 261 -20.85 -18.53 -39.21
N ARG L 262 -21.99 -18.27 -38.57
CA ARG L 262 -23.11 -19.17 -38.68
C ARG L 262 -24.36 -18.46 -39.22
N LEU L 263 -24.98 -19.07 -40.23
CA LEU L 263 -26.21 -18.55 -40.81
C LEU L 263 -27.43 -19.20 -40.18
N HIS L 264 -27.95 -18.58 -39.13
CA HIS L 264 -29.11 -19.11 -38.43
C HIS L 264 -30.40 -18.90 -39.20
N SER L 265 -31.27 -19.88 -39.14
CA SER L 265 -32.61 -19.77 -39.70
C SER L 265 -33.45 -18.75 -38.95
N HIS L 266 -34.18 -17.93 -39.69
CA HIS L 266 -35.11 -16.98 -39.09
C HIS L 266 -36.36 -17.72 -38.63
N MET L 267 -36.58 -18.90 -39.19
CA MET L 267 -37.63 -19.79 -38.73
C MET L 267 -37.12 -20.60 -37.55
N VAL L 268 -38.01 -20.96 -36.63
CA VAL L 268 -37.62 -21.73 -35.46
C VAL L 268 -38.06 -23.20 -35.58
N PRO L 269 -37.14 -24.10 -35.92
CA PRO L 269 -37.35 -25.51 -36.19
C PRO L 269 -37.66 -26.29 -34.91
N GLN L 270 -38.34 -27.42 -35.06
CA GLN L 270 -38.74 -28.25 -33.93
C GLN L 270 -39.28 -27.46 -32.75
N PRO L 271 -40.55 -27.08 -32.79
CA PRO L 271 -41.32 -26.50 -31.71
C PRO L 271 -41.32 -27.45 -30.51
N ALA L 272 -41.38 -26.90 -29.32
CA ALA L 272 -41.40 -27.70 -28.11
C ALA L 272 -42.65 -28.56 -28.03
N ASN L 273 -42.49 -29.79 -27.54
CA ASN L 273 -43.62 -30.67 -27.31
C ASN L 273 -44.36 -30.25 -26.06
N GLY L 274 -45.69 -30.32 -26.08
CA GLY L 274 -46.51 -29.93 -24.94
C GLY L 274 -46.21 -30.78 -23.70
N GLU L 275 -45.73 -32.00 -23.94
CA GLU L 275 -45.38 -32.94 -22.88
C GLU L 275 -44.15 -32.49 -22.08
N ILE L 276 -43.23 -31.79 -22.76
CA ILE L 276 -41.96 -31.45 -22.14
C ILE L 276 -41.82 -29.95 -21.98
N ARG L 277 -41.49 -29.50 -20.77
CA ARG L 277 -41.25 -28.09 -20.55
C ARG L 277 -39.88 -27.71 -21.09
N VAL L 278 -39.88 -27.04 -22.24
CA VAL L 278 -38.64 -26.69 -22.92
C VAL L 278 -38.46 -25.18 -22.95
N LYS L 279 -37.25 -24.71 -22.67
CA LYS L 279 -37.00 -23.28 -22.67
C LYS L 279 -37.13 -22.70 -24.08
N SER L 280 -38.00 -21.72 -24.22
CA SER L 280 -38.20 -21.00 -25.46
C SER L 280 -37.07 -20.01 -25.72
N MET L 281 -36.95 -19.54 -26.96
CA MET L 281 -35.97 -18.52 -27.27
C MET L 281 -36.30 -17.21 -26.56
N GLU L 282 -35.27 -16.53 -26.06
CA GLU L 282 -35.43 -15.27 -25.34
C GLU L 282 -34.40 -14.24 -25.75
N TYR L 283 -34.74 -12.97 -25.61
CA TYR L 283 -33.75 -11.90 -25.79
C TYR L 283 -33.96 -10.77 -24.80
N VAL L 284 -32.88 -10.09 -24.44
CA VAL L 284 -32.95 -8.97 -23.52
C VAL L 284 -32.75 -7.63 -24.24
N SER L 285 -33.58 -6.68 -23.87
CA SER L 285 -33.47 -5.32 -24.37
C SER L 285 -33.85 -4.34 -23.27
N ARG L 286 -33.34 -3.13 -23.36
CA ARG L 286 -33.68 -2.10 -22.39
C ARG L 286 -34.07 -0.83 -23.10
N HIS L 287 -35.00 -0.10 -22.52
CA HIS L 287 -35.61 1.01 -23.23
C HIS L 287 -35.62 2.29 -22.42
N ALA L 288 -35.51 3.40 -23.14
CA ALA L 288 -35.68 4.72 -22.58
C ALA L 288 -37.12 4.90 -22.16
N ILE L 289 -37.38 5.95 -21.41
CA ILE L 289 -38.72 6.18 -20.89
C ILE L 289 -39.75 6.23 -22.02
N ASP L 290 -39.36 6.78 -23.17
CA ASP L 290 -40.27 6.89 -24.31
C ASP L 290 -40.31 5.62 -25.17
N GLY L 291 -39.61 4.58 -24.74
CA GLY L 291 -39.61 3.31 -25.44
C GLY L 291 -38.45 3.11 -26.43
N LYS L 292 -37.55 4.09 -26.55
CA LYS L 292 -36.39 3.91 -27.43
C LYS L 292 -35.43 2.87 -26.91
N PHE L 293 -34.93 2.01 -27.80
CA PHE L 293 -33.91 1.04 -27.40
C PHE L 293 -32.65 1.76 -26.94
N VAL L 294 -32.15 1.42 -25.76
CA VAL L 294 -30.87 1.94 -25.30
C VAL L 294 -29.87 0.80 -25.19
N PHE L 295 -30.39 -0.42 -25.12
CA PHE L 295 -29.57 -1.62 -25.16
C PHE L 295 -30.32 -2.75 -25.83
N VAL L 296 -29.61 -3.54 -26.63
CA VAL L 296 -30.18 -4.75 -27.19
C VAL L 296 -29.09 -5.78 -27.43
N ASP L 297 -29.43 -7.06 -27.26
CA ASP L 297 -28.45 -8.12 -27.46
C ASP L 297 -28.55 -8.81 -28.83
N GLN L 298 -27.65 -9.76 -29.06
CA GLN L 298 -27.61 -10.51 -30.31
C GLN L 298 -28.75 -11.51 -30.42
N ARG L 299 -29.27 -11.94 -29.28
CA ARG L 299 -30.40 -12.86 -29.30
C ARG L 299 -31.59 -12.18 -29.93
N ALA L 300 -31.70 -10.87 -29.69
CA ALA L 300 -32.73 -10.06 -30.32
C ALA L 300 -32.56 -10.07 -31.84
N THR L 301 -31.33 -9.97 -32.31
CA THR L 301 -31.09 -9.97 -33.75
C THR L 301 -31.44 -11.29 -34.40
N ALA L 302 -31.10 -12.39 -33.74
CA ALA L 302 -31.46 -13.69 -34.26
C ALA L 302 -32.97 -13.84 -34.35
N ILE L 303 -33.67 -13.28 -33.37
CA ILE L 303 -35.11 -13.36 -33.28
C ILE L 303 -35.81 -12.27 -34.10
N LEU L 304 -35.28 -11.05 -34.06
CA LEU L 304 -35.92 -9.90 -34.69
C LEU L 304 -35.36 -9.60 -36.08
N ALA L 305 -34.34 -10.35 -36.48
CA ALA L 305 -33.63 -10.15 -37.75
C ALA L 305 -32.87 -8.82 -37.80
N TYR L 306 -33.36 -7.81 -37.08
CA TYR L 306 -32.68 -6.52 -37.01
C TYR L 306 -31.37 -6.61 -36.26
N LEU L 307 -30.31 -6.09 -36.86
CA LEU L 307 -29.01 -6.05 -36.20
C LEU L 307 -29.04 -4.96 -35.13
N PRO L 308 -28.19 -5.02 -34.11
CA PRO L 308 -28.24 -4.19 -32.92
C PRO L 308 -28.30 -2.71 -33.25
N GLN L 309 -27.55 -2.29 -34.27
CA GLN L 309 -27.54 -0.89 -34.68
C GLN L 309 -28.85 -0.46 -35.35
N GLU L 310 -29.63 -1.44 -35.80
CA GLU L 310 -30.89 -1.15 -36.47
C GLU L 310 -32.02 -0.98 -35.46
N LEU L 311 -31.78 -1.38 -34.21
CA LEU L 311 -32.77 -1.23 -33.15
C LEU L 311 -32.44 -0.08 -32.23
N LEU L 312 -31.16 0.05 -31.88
CA LEU L 312 -30.75 1.10 -30.95
C LEU L 312 -31.10 2.48 -31.49
N GLY L 313 -31.63 3.32 -30.61
CA GLY L 313 -32.01 4.68 -30.97
C GLY L 313 -33.36 4.76 -31.71
N THR L 314 -34.13 3.68 -31.66
CA THR L 314 -35.46 3.68 -32.27
C THR L 314 -36.47 3.17 -31.25
N SER L 315 -37.74 3.54 -31.43
CA SER L 315 -38.78 3.12 -30.48
C SER L 315 -39.29 1.72 -30.75
N CYS L 316 -39.57 1.00 -29.67
CA CYS L 316 -40.17 -0.32 -29.76
C CYS L 316 -41.54 -0.25 -30.45
N TYR L 317 -42.18 0.91 -30.36
CA TYR L 317 -43.50 1.10 -30.95
C TYR L 317 -43.44 1.17 -32.47
N GLU L 318 -42.22 1.32 -33.01
CA GLU L 318 -42.03 1.34 -34.45
C GLU L 318 -42.08 -0.08 -35.00
N TYR L 319 -42.01 -1.06 -34.10
CA TYR L 319 -42.03 -2.46 -34.50
C TYR L 319 -43.25 -3.18 -33.95
N PHE L 320 -43.79 -2.69 -32.84
CA PHE L 320 -45.01 -3.27 -32.29
C PHE L 320 -46.15 -3.13 -33.29
N HIS L 321 -46.94 -4.19 -33.42
CA HIS L 321 -48.13 -4.16 -34.27
C HIS L 321 -49.20 -3.31 -33.61
N GLN L 322 -49.90 -2.50 -34.39
CA GLN L 322 -50.88 -1.57 -33.85
C GLN L 322 -52.01 -2.24 -33.08
N ASP L 323 -52.28 -3.51 -33.37
CA ASP L 323 -53.32 -4.23 -32.65
C ASP L 323 -52.91 -4.50 -31.21
N ASP L 324 -51.60 -4.56 -30.96
CA ASP L 324 -51.09 -4.87 -29.63
C ASP L 324 -50.55 -3.64 -28.91
N ILE L 325 -50.32 -2.55 -29.64
CA ILE L 325 -49.77 -1.35 -29.03
C ILE L 325 -50.65 -0.82 -27.92
N GLY L 326 -51.96 -0.89 -28.08
CA GLY L 326 -52.86 -0.39 -27.04
C GLY L 326 -52.60 -1.11 -25.72
N HIS L 327 -52.46 -2.43 -25.79
CA HIS L 327 -52.16 -3.26 -24.62
C HIS L 327 -50.76 -2.99 -24.07
N LEU L 328 -49.79 -2.97 -24.98
CA LEU L 328 -48.39 -2.79 -24.59
C LEU L 328 -48.15 -1.40 -24.02
N ALA L 329 -48.83 -0.41 -24.58
CA ALA L 329 -48.74 0.96 -24.09
C ALA L 329 -49.25 1.05 -22.67
N GLU L 330 -50.29 0.29 -22.35
CA GLU L 330 -50.80 0.25 -21.00
C GLU L 330 -49.77 -0.34 -20.05
N CYS L 331 -49.12 -1.42 -20.50
CA CYS L 331 -48.06 -2.05 -19.69
C CYS L 331 -46.90 -1.09 -19.49
N HIS L 332 -46.57 -0.33 -20.52
CA HIS L 332 -45.49 0.65 -20.48
C HIS L 332 -45.81 1.78 -19.48
N ARG L 333 -47.01 2.32 -19.57
CA ARG L 333 -47.40 3.39 -18.67
C ARG L 333 -47.42 2.91 -17.22
N GLN L 334 -47.85 1.66 -17.02
CA GLN L 334 -47.88 1.06 -15.69
C GLN L 334 -46.49 0.71 -15.16
N VAL L 335 -45.64 0.16 -16.02
CA VAL L 335 -44.34 -0.34 -15.56
C VAL L 335 -43.43 0.79 -15.11
N LEU L 336 -43.61 1.97 -15.69
CA LEU L 336 -42.84 3.13 -15.28
C LEU L 336 -43.14 3.55 -13.84
N GLN L 337 -44.30 3.14 -13.33
CA GLN L 337 -44.73 3.57 -12.01
C GLN L 337 -44.24 2.61 -10.92
N THR L 338 -43.75 1.44 -11.32
CA THR L 338 -43.43 0.41 -10.35
C THR L 338 -42.13 -0.34 -10.65
N ARG L 339 -41.53 -0.85 -9.58
CA ARG L 339 -40.37 -1.72 -9.71
C ARG L 339 -40.79 -3.14 -10.05
N GLU L 340 -42.08 -3.42 -9.84
CA GLU L 340 -42.64 -4.76 -10.02
C GLU L 340 -42.60 -5.18 -11.48
N LYS L 341 -42.35 -6.47 -11.70
CA LYS L 341 -42.33 -7.01 -13.05
C LYS L 341 -43.74 -7.21 -13.59
N ILE L 342 -44.02 -6.59 -14.73
CA ILE L 342 -45.28 -6.74 -15.43
C ILE L 342 -45.10 -7.61 -16.66
N THR L 343 -45.91 -8.65 -16.76
CA THR L 343 -45.81 -9.54 -17.92
C THR L 343 -46.91 -9.23 -18.91
N THR L 344 -46.52 -8.97 -20.16
CA THR L 344 -47.47 -8.65 -21.22
C THR L 344 -48.14 -9.91 -21.73
N ASN L 345 -49.20 -9.73 -22.50
CA ASN L 345 -49.77 -10.82 -23.26
C ASN L 345 -48.92 -11.05 -24.49
N CYS L 346 -49.29 -12.04 -25.30
CA CYS L 346 -48.59 -12.29 -26.55
C CYS L 346 -48.88 -11.16 -27.54
N TYR L 347 -47.84 -10.67 -28.20
CA TYR L 347 -47.96 -9.54 -29.11
C TYR L 347 -47.10 -9.71 -30.36
N LYS L 348 -47.47 -9.01 -31.43
CA LYS L 348 -46.70 -9.07 -32.66
C LYS L 348 -45.63 -7.99 -32.73
N PHE L 349 -44.45 -8.37 -33.20
CA PHE L 349 -43.32 -7.46 -33.34
C PHE L 349 -42.75 -7.57 -34.77
N LYS L 350 -42.52 -6.42 -35.40
CA LYS L 350 -42.03 -6.37 -36.78
C LYS L 350 -40.55 -6.73 -36.86
N ILE L 351 -40.18 -7.47 -37.89
CA ILE L 351 -38.79 -7.85 -38.07
C ILE L 351 -38.26 -7.35 -39.41
N LYS L 352 -36.94 -7.42 -39.58
CA LYS L 352 -36.27 -6.81 -40.72
C LYS L 352 -36.83 -7.21 -42.08
N ASP L 353 -37.29 -8.46 -42.22
CA ASP L 353 -37.77 -8.92 -43.51
C ASP L 353 -39.19 -8.41 -43.82
N GLY L 354 -39.76 -7.66 -42.88
CA GLY L 354 -41.06 -7.02 -43.07
C GLY L 354 -42.22 -7.81 -42.45
N SER L 355 -41.95 -9.03 -42.02
CA SER L 355 -42.97 -9.85 -41.37
C SER L 355 -43.06 -9.56 -39.88
N PHE L 356 -44.06 -10.15 -39.23
CA PHE L 356 -44.22 -10.04 -37.78
C PHE L 356 -44.06 -11.39 -37.10
N ILE L 357 -43.53 -11.36 -35.89
CA ILE L 357 -43.43 -12.57 -35.06
C ILE L 357 -44.13 -12.34 -33.74
N THR L 358 -44.54 -13.42 -33.08
CA THR L 358 -45.23 -13.28 -31.80
C THR L 358 -44.30 -13.42 -30.60
N LEU L 359 -44.31 -12.41 -29.75
CA LEU L 359 -43.48 -12.34 -28.54
C LEU L 359 -44.33 -12.15 -27.29
N ARG L 360 -43.76 -12.50 -26.14
CA ARG L 360 -44.34 -12.14 -24.85
C ARG L 360 -43.21 -11.63 -23.96
N SER L 361 -43.44 -10.52 -23.25
CA SER L 361 -42.32 -9.90 -22.55
C SER L 361 -42.61 -9.53 -21.10
N ARG L 362 -41.55 -9.59 -20.28
CA ARG L 362 -41.62 -9.21 -18.87
C ARG L 362 -40.85 -7.90 -18.62
N TRP L 363 -41.55 -6.88 -18.14
CA TRP L 363 -40.98 -5.54 -18.01
C TRP L 363 -40.94 -5.06 -16.55
N PHE L 364 -39.90 -4.30 -16.22
CA PHE L 364 -39.86 -3.57 -14.96
C PHE L 364 -39.06 -2.28 -15.09
N SER L 365 -39.34 -1.31 -14.24
CA SER L 365 -38.55 -0.08 -14.23
C SER L 365 -37.47 -0.18 -13.16
N PHE L 366 -36.22 -0.22 -13.58
CA PHE L 366 -35.14 -0.36 -12.61
C PHE L 366 -34.74 0.98 -12.02
N MET L 367 -34.71 1.05 -10.68
CA MET L 367 -34.31 2.26 -10.00
C MET L 367 -32.91 2.13 -9.40
N ASN L 368 -32.07 3.10 -9.68
CA ASN L 368 -30.76 3.18 -9.06
C ASN L 368 -30.89 3.76 -7.66
N PRO L 369 -30.61 2.97 -6.61
CA PRO L 369 -30.85 3.28 -5.21
C PRO L 369 -30.00 4.45 -4.74
N TRP L 370 -28.90 4.69 -5.46
CA TRP L 370 -27.99 5.78 -5.12
C TRP L 370 -28.61 7.13 -5.43
N THR L 371 -29.43 7.17 -6.48
CA THR L 371 -30.09 8.40 -6.91
C THR L 371 -31.59 8.33 -6.67
N LYS L 372 -32.09 7.11 -6.44
CA LYS L 372 -33.52 6.85 -6.33
C LYS L 372 -34.24 7.28 -7.59
N GLU L 373 -33.63 7.00 -8.74
CA GLU L 373 -34.16 7.38 -10.04
C GLU L 373 -34.17 6.20 -11.01
N VAL L 374 -35.19 6.14 -11.86
CA VAL L 374 -35.26 5.07 -12.85
C VAL L 374 -34.22 5.28 -13.94
N GLU L 375 -33.38 4.28 -14.15
CA GLU L 375 -32.32 4.34 -15.14
C GLU L 375 -32.88 4.06 -16.53
N TYR L 376 -33.68 2.99 -16.61
CA TYR L 376 -34.34 2.58 -17.85
C TYR L 376 -35.39 1.50 -17.59
N ILE L 377 -36.20 1.24 -18.61
CA ILE L 377 -37.09 0.09 -18.59
C ILE L 377 -36.30 -1.15 -18.99
N VAL L 378 -36.37 -2.18 -18.18
CA VAL L 378 -35.65 -3.41 -18.49
C VAL L 378 -36.63 -4.48 -18.95
N SER L 379 -36.36 -5.07 -20.11
CA SER L 379 -37.27 -6.05 -20.68
C SER L 379 -36.61 -7.36 -21.03
N THR L 380 -37.26 -8.46 -20.67
CA THR L 380 -36.90 -9.78 -21.20
C THR L 380 -38.02 -10.28 -22.09
N ASN L 381 -37.70 -10.45 -23.37
CA ASN L 381 -38.69 -10.88 -24.36
C ASN L 381 -38.62 -12.38 -24.59
N THR L 382 -39.77 -13.00 -24.87
CA THR L 382 -39.84 -14.44 -25.08
C THR L 382 -40.54 -14.76 -26.39
N VAL L 383 -39.98 -15.71 -27.14
CA VAL L 383 -40.59 -16.14 -28.39
C VAL L 383 -41.74 -17.11 -28.14
N VAL L 384 -42.91 -16.81 -28.71
CA VAL L 384 -44.12 -17.61 -28.52
C VAL L 384 -44.21 -18.69 -29.60
#